data_5ECA
# 
_entry.id   5ECA 
# 
_audit_conform.dict_name       mmcif_pdbx.dic 
_audit_conform.dict_version    5.383 
_audit_conform.dict_location   http://mmcif.pdb.org/dictionaries/ascii/mmcif_pdbx.dic 
# 
loop_
_database_2.database_id 
_database_2.database_code 
_database_2.pdbx_database_accession 
_database_2.pdbx_DOI 
PDB   5ECA         pdb_00005eca 10.2210/pdb5eca/pdb 
WWPDB D_1000214702 ?            ?                   
# 
loop_
_pdbx_audit_revision_history.ordinal 
_pdbx_audit_revision_history.data_content_type 
_pdbx_audit_revision_history.major_revision 
_pdbx_audit_revision_history.minor_revision 
_pdbx_audit_revision_history.revision_date 
1 'Structure model' 1 0 2016-11-09 
2 'Structure model' 1 1 2017-09-13 
3 'Structure model' 2 0 2024-01-10 
# 
_pdbx_audit_revision_details.ordinal             1 
_pdbx_audit_revision_details.revision_ordinal    1 
_pdbx_audit_revision_details.data_content_type   'Structure model' 
_pdbx_audit_revision_details.provider            repository 
_pdbx_audit_revision_details.type                'Initial release' 
_pdbx_audit_revision_details.description         ? 
_pdbx_audit_revision_details.details             ? 
# 
loop_
_pdbx_audit_revision_group.ordinal 
_pdbx_audit_revision_group.revision_ordinal 
_pdbx_audit_revision_group.data_content_type 
_pdbx_audit_revision_group.group 
1 2 'Structure model' 'Author supporting evidence' 
2 2 'Structure model' 'Data collection'            
3 3 'Structure model' 'Atomic model'               
4 3 'Structure model' 'Data collection'            
5 3 'Structure model' 'Database references'        
6 3 'Structure model' 'Refinement description'     
# 
loop_
_pdbx_audit_revision_category.ordinal 
_pdbx_audit_revision_category.revision_ordinal 
_pdbx_audit_revision_category.data_content_type 
_pdbx_audit_revision_category.category 
1 2 'Structure model' diffrn_radiation_wavelength   
2 2 'Structure model' pdbx_audit_support            
3 3 'Structure model' atom_site                     
4 3 'Structure model' chem_comp_atom                
5 3 'Structure model' chem_comp_bond                
6 3 'Structure model' database_2                    
7 3 'Structure model' pdbx_initial_refinement_model 
8 3 'Structure model' software                      
# 
loop_
_pdbx_audit_revision_item.ordinal 
_pdbx_audit_revision_item.revision_ordinal 
_pdbx_audit_revision_item.data_content_type 
_pdbx_audit_revision_item.item 
1 2 'Structure model' '_pdbx_audit_support.funding_organization' 
2 3 'Structure model' '_atom_site.occupancy'                     
3 3 'Structure model' '_database_2.pdbx_DOI'                     
4 3 'Structure model' '_database_2.pdbx_database_accession'      
5 3 'Structure model' '_software.name'                           
# 
_pdbx_database_status.status_code                     REL 
_pdbx_database_status.status_code_sf                  REL 
_pdbx_database_status.status_code_mr                  ? 
_pdbx_database_status.entry_id                        5ECA 
_pdbx_database_status.recvd_initial_deposition_date   2015-10-20 
_pdbx_database_status.SG_entry                        N 
_pdbx_database_status.deposit_site                    RCSB 
_pdbx_database_status.process_site                    PDBE 
_pdbx_database_status.status_code_cs                  ? 
_pdbx_database_status.methods_development_category    ? 
_pdbx_database_status.pdb_format_compatible           Y 
_pdbx_database_status.status_code_nmr_data            ? 
# 
_audit_author.name           'Camara-Artigas, A.' 
_audit_author.pdbx_ordinal   1 
# 
_citation.abstract                  ? 
_citation.abstract_id_CAS           ? 
_citation.book_id_ISBN              ? 
_citation.book_publisher            ? 
_citation.book_publisher_city       ? 
_citation.book_title                ? 
_citation.coordinate_linkage        ? 
_citation.country                   ? 
_citation.database_id_Medline       ? 
_citation.details                   ? 
_citation.id                        primary 
_citation.journal_abbrev            'to be published' 
_citation.journal_id_ASTM           ? 
_citation.journal_id_CSD            0353 
_citation.journal_id_ISSN           ? 
_citation.journal_full              ? 
_citation.journal_issue             ? 
_citation.journal_volume            ? 
_citation.language                  ? 
_citation.page_first                ? 
_citation.page_last                 ? 
_citation.title                     
'Crystal structure of a chimeric c-Src-SH3 domain with the sequence of the RT-loop from the Abl-SH3 domain at pH 6.5' 
_citation.year                      ? 
_citation.database_id_CSD           ? 
_citation.pdbx_database_id_DOI      ? 
_citation.pdbx_database_id_PubMed   ? 
_citation.unpublished_flag          ? 
# 
_citation_author.citation_id        primary 
_citation_author.name               'Camara-Artigas, A.' 
_citation_author.ordinal            1 
_citation_author.identifier_ORCID   ? 
# 
loop_
_entity.id 
_entity.type 
_entity.src_method 
_entity.pdbx_description 
_entity.formula_weight 
_entity.pdbx_number_of_molecules 
_entity.pdbx_ec 
_entity.pdbx_mutation 
_entity.pdbx_fragment 
_entity.details 
1 polymer man 'Proto-oncogene tyrosine-protein kinase Src' 6717.360 1  2.7.10.2 'E93V; S94A; R95S; Q128R' 'SH3 DOMAIN' ? 
2 water   nat water                                        18.015   68 ?        ?                         ?            ? 
# 
_entity_name_com.entity_id   1 
_entity_name_com.name        'Proto-oncogene c-Src,pp60c-src,p60-Src' 
# 
_entity_poly.entity_id                      1 
_entity_poly.type                           'polypeptide(L)' 
_entity_poly.nstd_linkage                   no 
_entity_poly.nstd_monomer                   no 
_entity_poly.pdbx_seq_one_letter_code       SHMTFVALYDYVASGETDLSFKKGERLQIVNNTEGDWWLAHSLTTGRTGYIPSNYVAPSD 
_entity_poly.pdbx_seq_one_letter_code_can   SHMTFVALYDYVASGETDLSFKKGERLQIVNNTEGDWWLAHSLTTGRTGYIPSNYVAPSD 
_entity_poly.pdbx_strand_id                 A 
_entity_poly.pdbx_target_identifier         ? 
# 
_pdbx_entity_nonpoly.entity_id   2 
_pdbx_entity_nonpoly.name        water 
_pdbx_entity_nonpoly.comp_id     HOH 
# 
loop_
_entity_poly_seq.entity_id 
_entity_poly_seq.num 
_entity_poly_seq.mon_id 
_entity_poly_seq.hetero 
1 1  SER n 
1 2  HIS n 
1 3  MET n 
1 4  THR n 
1 5  PHE n 
1 6  VAL n 
1 7  ALA n 
1 8  LEU n 
1 9  TYR n 
1 10 ASP n 
1 11 TYR n 
1 12 VAL n 
1 13 ALA n 
1 14 SER n 
1 15 GLY n 
1 16 GLU n 
1 17 THR n 
1 18 ASP n 
1 19 LEU n 
1 20 SER n 
1 21 PHE n 
1 22 LYS n 
1 23 LYS n 
1 24 GLY n 
1 25 GLU n 
1 26 ARG n 
1 27 LEU n 
1 28 GLN n 
1 29 ILE n 
1 30 VAL n 
1 31 ASN n 
1 32 ASN n 
1 33 THR n 
1 34 GLU n 
1 35 GLY n 
1 36 ASP n 
1 37 TRP n 
1 38 TRP n 
1 39 LEU n 
1 40 ALA n 
1 41 HIS n 
1 42 SER n 
1 43 LEU n 
1 44 THR n 
1 45 THR n 
1 46 GLY n 
1 47 ARG n 
1 48 THR n 
1 49 GLY n 
1 50 TYR n 
1 51 ILE n 
1 52 PRO n 
1 53 SER n 
1 54 ASN n 
1 55 TYR n 
1 56 VAL n 
1 57 ALA n 
1 58 PRO n 
1 59 SER n 
1 60 ASP n 
# 
_entity_src_gen.entity_id                          1 
_entity_src_gen.pdbx_src_id                        1 
_entity_src_gen.pdbx_alt_source_flag               sample 
_entity_src_gen.pdbx_seq_type                      'Biological sequence' 
_entity_src_gen.pdbx_beg_seq_num                   1 
_entity_src_gen.pdbx_end_seq_num                   60 
_entity_src_gen.gene_src_common_name               Chicken 
_entity_src_gen.gene_src_genus                     ? 
_entity_src_gen.pdbx_gene_src_gene                 SRC 
_entity_src_gen.gene_src_species                   ? 
_entity_src_gen.gene_src_strain                    ? 
_entity_src_gen.gene_src_tissue                    ? 
_entity_src_gen.gene_src_tissue_fraction           ? 
_entity_src_gen.gene_src_details                   ? 
_entity_src_gen.pdbx_gene_src_fragment             ? 
_entity_src_gen.pdbx_gene_src_scientific_name      'Gallus gallus' 
_entity_src_gen.pdbx_gene_src_ncbi_taxonomy_id     9031 
_entity_src_gen.pdbx_gene_src_variant              ? 
_entity_src_gen.pdbx_gene_src_cell_line            ? 
_entity_src_gen.pdbx_gene_src_atcc                 ? 
_entity_src_gen.pdbx_gene_src_organ                ? 
_entity_src_gen.pdbx_gene_src_organelle            ? 
_entity_src_gen.pdbx_gene_src_cell                 ? 
_entity_src_gen.pdbx_gene_src_cellular_location    ? 
_entity_src_gen.host_org_common_name               ? 
_entity_src_gen.pdbx_host_org_scientific_name      'Escherichia coli BL21(DE3)' 
_entity_src_gen.pdbx_host_org_ncbi_taxonomy_id     469008 
_entity_src_gen.host_org_genus                     ? 
_entity_src_gen.pdbx_host_org_gene                 ? 
_entity_src_gen.pdbx_host_org_organ                ? 
_entity_src_gen.host_org_species                   ? 
_entity_src_gen.pdbx_host_org_tissue               ? 
_entity_src_gen.pdbx_host_org_tissue_fraction      ? 
_entity_src_gen.pdbx_host_org_strain               ? 
_entity_src_gen.pdbx_host_org_variant              ? 
_entity_src_gen.pdbx_host_org_cell_line            ? 
_entity_src_gen.pdbx_host_org_atcc                 ? 
_entity_src_gen.pdbx_host_org_culture_collection   ? 
_entity_src_gen.pdbx_host_org_cell                 ? 
_entity_src_gen.pdbx_host_org_organelle            ? 
_entity_src_gen.pdbx_host_org_cellular_location    ? 
_entity_src_gen.pdbx_host_org_vector_type          plasmid 
_entity_src_gen.pdbx_host_org_vector               ? 
_entity_src_gen.host_org_details                   ? 
_entity_src_gen.expression_system_id               ? 
_entity_src_gen.plasmid_name                       pET15b 
_entity_src_gen.plasmid_details                    ? 
_entity_src_gen.pdbx_description                   ? 
# 
loop_
_chem_comp.id 
_chem_comp.type 
_chem_comp.mon_nstd_flag 
_chem_comp.name 
_chem_comp.pdbx_synonyms 
_chem_comp.formula 
_chem_comp.formula_weight 
ALA 'L-peptide linking' y ALANINE         ? 'C3 H7 N O2'     89.093  
ARG 'L-peptide linking' y ARGININE        ? 'C6 H15 N4 O2 1' 175.209 
ASN 'L-peptide linking' y ASPARAGINE      ? 'C4 H8 N2 O3'    132.118 
ASP 'L-peptide linking' y 'ASPARTIC ACID' ? 'C4 H7 N O4'     133.103 
GLN 'L-peptide linking' y GLUTAMINE       ? 'C5 H10 N2 O3'   146.144 
GLU 'L-peptide linking' y 'GLUTAMIC ACID' ? 'C5 H9 N O4'     147.129 
GLY 'peptide linking'   y GLYCINE         ? 'C2 H5 N O2'     75.067  
HIS 'L-peptide linking' y HISTIDINE       ? 'C6 H10 N3 O2 1' 156.162 
HOH non-polymer         . WATER           ? 'H2 O'           18.015  
ILE 'L-peptide linking' y ISOLEUCINE      ? 'C6 H13 N O2'    131.173 
LEU 'L-peptide linking' y LEUCINE         ? 'C6 H13 N O2'    131.173 
LYS 'L-peptide linking' y LYSINE          ? 'C6 H15 N2 O2 1' 147.195 
MET 'L-peptide linking' y METHIONINE      ? 'C5 H11 N O2 S'  149.211 
PHE 'L-peptide linking' y PHENYLALANINE   ? 'C9 H11 N O2'    165.189 
PRO 'L-peptide linking' y PROLINE         ? 'C5 H9 N O2'     115.130 
SER 'L-peptide linking' y SERINE          ? 'C3 H7 N O3'     105.093 
THR 'L-peptide linking' y THREONINE       ? 'C4 H9 N O3'     119.119 
TRP 'L-peptide linking' y TRYPTOPHAN      ? 'C11 H12 N2 O2'  204.225 
TYR 'L-peptide linking' y TYROSINE        ? 'C9 H11 N O3'    181.189 
VAL 'L-peptide linking' y VALINE          ? 'C5 H11 N O2'    117.146 
# 
loop_
_pdbx_poly_seq_scheme.asym_id 
_pdbx_poly_seq_scheme.entity_id 
_pdbx_poly_seq_scheme.seq_id 
_pdbx_poly_seq_scheme.mon_id 
_pdbx_poly_seq_scheme.ndb_seq_num 
_pdbx_poly_seq_scheme.pdb_seq_num 
_pdbx_poly_seq_scheme.auth_seq_num 
_pdbx_poly_seq_scheme.pdb_mon_id 
_pdbx_poly_seq_scheme.auth_mon_id 
_pdbx_poly_seq_scheme.pdb_strand_id 
_pdbx_poly_seq_scheme.pdb_ins_code 
_pdbx_poly_seq_scheme.hetero 
A 1 1  SER 1  82  82  SER SER A . n 
A 1 2  HIS 2  83  83  HIS HIS A . n 
A 1 3  MET 3  84  84  MET MET A . n 
A 1 4  THR 4  85  85  THR THR A . n 
A 1 5  PHE 5  86  86  PHE PHE A . n 
A 1 6  VAL 6  87  87  VAL VAL A . n 
A 1 7  ALA 7  88  88  ALA ALA A . n 
A 1 8  LEU 8  89  89  LEU LEU A . n 
A 1 9  TYR 9  90  90  TYR TYR A . n 
A 1 10 ASP 10 91  91  ASP ASP A . n 
A 1 11 TYR 11 92  92  TYR TYR A . n 
A 1 12 VAL 12 93  93  VAL VAL A . n 
A 1 13 ALA 13 94  94  ALA ALA A . n 
A 1 14 SER 14 95  95  SER SER A . n 
A 1 15 GLY 15 96  96  GLY GLY A . n 
A 1 16 GLU 16 97  97  GLU GLU A . n 
A 1 17 THR 17 98  98  THR THR A . n 
A 1 18 ASP 18 99  99  ASP ASP A . n 
A 1 19 LEU 19 100 100 LEU LEU A . n 
A 1 20 SER 20 101 101 SER SER A . n 
A 1 21 PHE 21 102 102 PHE PHE A . n 
A 1 22 LYS 22 103 103 LYS LYS A . n 
A 1 23 LYS 23 104 104 LYS LYS A . n 
A 1 24 GLY 24 105 105 GLY GLY A . n 
A 1 25 GLU 25 106 106 GLU GLU A . n 
A 1 26 ARG 26 107 107 ARG ARG A . n 
A 1 27 LEU 27 108 108 LEU LEU A . n 
A 1 28 GLN 28 109 109 GLN GLN A . n 
A 1 29 ILE 29 110 110 ILE ILE A . n 
A 1 30 VAL 30 111 111 VAL VAL A . n 
A 1 31 ASN 31 112 112 ASN ASN A . n 
A 1 32 ASN 32 113 113 ASN ASN A . n 
A 1 33 THR 33 114 114 THR THR A . n 
A 1 34 GLU 34 115 115 GLU GLU A . n 
A 1 35 GLY 35 116 116 GLY GLY A . n 
A 1 36 ASP 36 117 117 ASP ASP A . n 
A 1 37 TRP 37 118 118 TRP TRP A . n 
A 1 38 TRP 38 119 119 TRP TRP A . n 
A 1 39 LEU 39 120 120 LEU LEU A . n 
A 1 40 ALA 40 121 121 ALA ALA A . n 
A 1 41 HIS 41 122 122 HIS HIS A . n 
A 1 42 SER 42 123 123 SER SER A . n 
A 1 43 LEU 43 124 124 LEU LEU A . n 
A 1 44 THR 44 125 125 THR THR A . n 
A 1 45 THR 45 126 126 THR THR A . n 
A 1 46 GLY 46 127 127 GLY GLY A . n 
A 1 47 ARG 47 128 128 ARG ARG A . n 
A 1 48 THR 48 129 129 THR THR A . n 
A 1 49 GLY 49 130 130 GLY GLY A . n 
A 1 50 TYR 50 131 131 TYR TYR A . n 
A 1 51 ILE 51 132 132 ILE ILE A . n 
A 1 52 PRO 52 133 133 PRO PRO A . n 
A 1 53 SER 53 134 134 SER SER A . n 
A 1 54 ASN 54 135 135 ASN ASN A . n 
A 1 55 TYR 55 136 136 TYR TYR A . n 
A 1 56 VAL 56 137 137 VAL VAL A . n 
A 1 57 ALA 57 138 138 ALA ALA A . n 
A 1 58 PRO 58 139 139 PRO PRO A . n 
A 1 59 SER 59 140 140 SER SER A . n 
A 1 60 ASP 60 141 141 ASP ASP A . n 
# 
loop_
_pdbx_nonpoly_scheme.asym_id 
_pdbx_nonpoly_scheme.entity_id 
_pdbx_nonpoly_scheme.mon_id 
_pdbx_nonpoly_scheme.ndb_seq_num 
_pdbx_nonpoly_scheme.pdb_seq_num 
_pdbx_nonpoly_scheme.auth_seq_num 
_pdbx_nonpoly_scheme.pdb_mon_id 
_pdbx_nonpoly_scheme.auth_mon_id 
_pdbx_nonpoly_scheme.pdb_strand_id 
_pdbx_nonpoly_scheme.pdb_ins_code 
B 2 HOH 1  201 3  HOH HOH A . 
B 2 HOH 2  202 19 HOH HOH A . 
B 2 HOH 3  203 17 HOH HOH A . 
B 2 HOH 4  204 38 HOH HOH A . 
B 2 HOH 5  205 26 HOH HOH A . 
B 2 HOH 6  206 22 HOH HOH A . 
B 2 HOH 7  207 24 HOH HOH A . 
B 2 HOH 8  208 8  HOH HOH A . 
B 2 HOH 9  209 37 HOH HOH A . 
B 2 HOH 10 210 2  HOH HOH A . 
B 2 HOH 11 211 21 HOH HOH A . 
B 2 HOH 12 212 43 HOH HOH A . 
B 2 HOH 13 213 29 HOH HOH A . 
B 2 HOH 14 214 5  HOH HOH A . 
B 2 HOH 15 215 47 HOH HOH A . 
B 2 HOH 16 216 30 HOH HOH A . 
B 2 HOH 17 217 13 HOH HOH A . 
B 2 HOH 18 218 18 HOH HOH A . 
B 2 HOH 19 219 14 HOH HOH A . 
B 2 HOH 20 220 40 HOH HOH A . 
B 2 HOH 21 221 9  HOH HOH A . 
B 2 HOH 22 222 27 HOH HOH A . 
B 2 HOH 23 223 44 HOH HOH A . 
B 2 HOH 24 224 53 HOH HOH A . 
B 2 HOH 25 225 16 HOH HOH A . 
B 2 HOH 26 226 68 HOH HOH A . 
B 2 HOH 27 227 25 HOH HOH A . 
B 2 HOH 28 228 49 HOH HOH A . 
B 2 HOH 29 229 10 HOH HOH A . 
B 2 HOH 30 230 1  HOH HOH A . 
B 2 HOH 31 231 61 HOH HOH A . 
B 2 HOH 32 232 4  HOH HOH A . 
B 2 HOH 33 233 31 HOH HOH A . 
B 2 HOH 34 234 23 HOH HOH A . 
B 2 HOH 35 235 42 HOH HOH A . 
B 2 HOH 36 236 7  HOH HOH A . 
B 2 HOH 37 237 35 HOH HOH A . 
B 2 HOH 38 238 39 HOH HOH A . 
B 2 HOH 39 239 15 HOH HOH A . 
B 2 HOH 40 240 11 HOH HOH A . 
B 2 HOH 41 241 33 HOH HOH A . 
B 2 HOH 42 242 54 HOH HOH A . 
B 2 HOH 43 243 67 HOH HOH A . 
B 2 HOH 44 244 32 HOH HOH A . 
B 2 HOH 45 245 41 HOH HOH A . 
B 2 HOH 46 246 12 HOH HOH A . 
B 2 HOH 47 247 65 HOH HOH A . 
B 2 HOH 48 248 20 HOH HOH A . 
B 2 HOH 49 249 57 HOH HOH A . 
B 2 HOH 50 250 46 HOH HOH A . 
B 2 HOH 51 251 55 HOH HOH A . 
B 2 HOH 52 252 45 HOH HOH A . 
B 2 HOH 53 253 36 HOH HOH A . 
B 2 HOH 54 254 28 HOH HOH A . 
B 2 HOH 55 255 6  HOH HOH A . 
B 2 HOH 56 256 60 HOH HOH A . 
B 2 HOH 57 257 50 HOH HOH A . 
B 2 HOH 58 258 51 HOH HOH A . 
B 2 HOH 59 259 66 HOH HOH A . 
B 2 HOH 60 260 63 HOH HOH A . 
B 2 HOH 61 261 64 HOH HOH A . 
B 2 HOH 62 262 62 HOH HOH A . 
B 2 HOH 63 263 56 HOH HOH A . 
B 2 HOH 64 264 48 HOH HOH A . 
B 2 HOH 65 265 52 HOH HOH A . 
B 2 HOH 66 266 58 HOH HOH A . 
B 2 HOH 67 267 34 HOH HOH A . 
B 2 HOH 68 268 59 HOH HOH A . 
# 
loop_
_pdbx_unobs_or_zero_occ_atoms.id 
_pdbx_unobs_or_zero_occ_atoms.PDB_model_num 
_pdbx_unobs_or_zero_occ_atoms.polymer_flag 
_pdbx_unobs_or_zero_occ_atoms.occupancy_flag 
_pdbx_unobs_or_zero_occ_atoms.auth_asym_id 
_pdbx_unobs_or_zero_occ_atoms.auth_comp_id 
_pdbx_unobs_or_zero_occ_atoms.auth_seq_id 
_pdbx_unobs_or_zero_occ_atoms.PDB_ins_code 
_pdbx_unobs_or_zero_occ_atoms.auth_atom_id 
_pdbx_unobs_or_zero_occ_atoms.label_alt_id 
_pdbx_unobs_or_zero_occ_atoms.label_asym_id 
_pdbx_unobs_or_zero_occ_atoms.label_comp_id 
_pdbx_unobs_or_zero_occ_atoms.label_seq_id 
_pdbx_unobs_or_zero_occ_atoms.label_atom_id 
1 1 Y 1 A GLU 97 ? CG  ? A GLU 16 CG  
2 1 Y 1 A GLU 97 ? CD  ? A GLU 16 CD  
3 1 Y 1 A GLU 97 ? OE1 ? A GLU 16 OE1 
4 1 Y 1 A GLU 97 ? OE2 ? A GLU 16 OE2 
# 
loop_
_software.citation_id 
_software.classification 
_software.compiler_name 
_software.compiler_version 
_software.contact_author 
_software.contact_author_email 
_software.date 
_software.description 
_software.dependencies 
_software.hardware 
_software.language 
_software.location 
_software.mods 
_software.name 
_software.os 
_software.os_version 
_software.type 
_software.version 
_software.pdbx_ordinal 
? 'data reduction'  ? ? ? ? ? ? ? ? ? ? ? autoPROC    ? ? ? .      1 
? 'data scaling'    ? ? ? ? ? ? ? ? ? ? ? Aimless     ? ? ? 0.5.12 2 
? phasing           ? ? ? ? ? ? ? ? ? ? ? PHASER      ? ? ? .      3 
? refinement        ? ? ? ? ? ? ? ? ? ? ? PHENIX      ? ? ? .      4 
? 'data extraction' ? ? ? ? ? ? ? ? ? ? ? PDB_EXTRACT ? ? ? 3.15   5 
# 
_cell.angle_alpha                  90.000 
_cell.angle_alpha_esd              ? 
_cell.angle_beta                   90.000 
_cell.angle_beta_esd               ? 
_cell.angle_gamma                  90.000 
_cell.angle_gamma_esd              ? 
_cell.entry_id                     5ECA 
_cell.details                      ? 
_cell.formula_units_Z              ? 
_cell.length_a                     40.850 
_cell.length_a_esd                 ? 
_cell.length_b                     56.003 
_cell.length_b_esd                 ? 
_cell.length_c                     52.113 
_cell.length_c_esd                 ? 
_cell.volume                       ? 
_cell.volume_esd                   ? 
_cell.Z_PDB                        8 
_cell.reciprocal_angle_alpha       ? 
_cell.reciprocal_angle_beta        ? 
_cell.reciprocal_angle_gamma       ? 
_cell.reciprocal_angle_alpha_esd   ? 
_cell.reciprocal_angle_beta_esd    ? 
_cell.reciprocal_angle_gamma_esd   ? 
_cell.reciprocal_length_a          ? 
_cell.reciprocal_length_b          ? 
_cell.reciprocal_length_c          ? 
_cell.reciprocal_length_a_esd      ? 
_cell.reciprocal_length_b_esd      ? 
_cell.reciprocal_length_c_esd      ? 
_cell.pdbx_unique_axis             ? 
# 
_symmetry.entry_id                         5ECA 
_symmetry.cell_setting                     ? 
_symmetry.Int_Tables_number                20 
_symmetry.space_group_name_Hall            ? 
_symmetry.space_group_name_H-M             'C 2 2 21' 
_symmetry.pdbx_full_space_group_name_H-M   ? 
# 
_exptl.absorpt_coefficient_mu     ? 
_exptl.absorpt_correction_T_max   ? 
_exptl.absorpt_correction_T_min   ? 
_exptl.absorpt_correction_type    ? 
_exptl.absorpt_process_details    ? 
_exptl.entry_id                   5ECA 
_exptl.crystals_number            1 
_exptl.details                    ? 
_exptl.method                     'X-RAY DIFFRACTION' 
_exptl.method_details             ? 
# 
_exptl_crystal.colour                      ? 
_exptl_crystal.density_diffrn              ? 
_exptl_crystal.density_Matthews            2.22 
_exptl_crystal.density_method              ? 
_exptl_crystal.density_percent_sol         44.56 
_exptl_crystal.description                 ? 
_exptl_crystal.F_000                       ? 
_exptl_crystal.id                          1 
_exptl_crystal.preparation                 ? 
_exptl_crystal.size_max                    ? 
_exptl_crystal.size_mid                    ? 
_exptl_crystal.size_min                    ? 
_exptl_crystal.size_rad                    ? 
_exptl_crystal.colour_lustre               ? 
_exptl_crystal.colour_modifier             ? 
_exptl_crystal.colour_primary              ? 
_exptl_crystal.density_meas                ? 
_exptl_crystal.density_meas_esd            ? 
_exptl_crystal.density_meas_gt             ? 
_exptl_crystal.density_meas_lt             ? 
_exptl_crystal.density_meas_temp           ? 
_exptl_crystal.density_meas_temp_esd       ? 
_exptl_crystal.density_meas_temp_gt        ? 
_exptl_crystal.density_meas_temp_lt        ? 
_exptl_crystal.pdbx_crystal_image_url      ? 
_exptl_crystal.pdbx_crystal_image_format   ? 
_exptl_crystal.pdbx_mosaicity              ? 
_exptl_crystal.pdbx_mosaicity_esd          ? 
# 
_exptl_crystal_grow.apparatus       ? 
_exptl_crystal_grow.atmosphere      ? 
_exptl_crystal_grow.crystal_id      1 
_exptl_crystal_grow.details         ? 
_exptl_crystal_grow.method          'VAPOR DIFFUSION, HANGING DROP' 
_exptl_crystal_grow.method_ref      ? 
_exptl_crystal_grow.pH              6.5 
_exptl_crystal_grow.pressure        ? 
_exptl_crystal_grow.pressure_esd    ? 
_exptl_crystal_grow.seeding         ? 
_exptl_crystal_grow.seeding_ref     ? 
_exptl_crystal_grow.temp            298 
_exptl_crystal_grow.temp_details    ? 
_exptl_crystal_grow.temp_esd        ? 
_exptl_crystal_grow.time            ? 
_exptl_crystal_grow.pdbx_details    '1.8 M ammonium sulphate, 0.1 M MES' 
_exptl_crystal_grow.pdbx_pH_range   ? 
# 
_diffrn.ambient_environment    ? 
_diffrn.ambient_temp           100 
_diffrn.ambient_temp_details   ? 
_diffrn.ambient_temp_esd       ? 
_diffrn.crystal_id             1 
_diffrn.crystal_support        ? 
_diffrn.crystal_treatment      ? 
_diffrn.details                ? 
_diffrn.id                     1 
_diffrn.ambient_pressure       ? 
_diffrn.ambient_pressure_esd   ? 
_diffrn.ambient_pressure_gt    ? 
_diffrn.ambient_pressure_lt    ? 
_diffrn.ambient_temp_gt        ? 
_diffrn.ambient_temp_lt        ? 
# 
_diffrn_detector.details                      ? 
_diffrn_detector.detector                     PIXEL 
_diffrn_detector.diffrn_id                    1 
_diffrn_detector.type                         'DECTRIS PILATUS 2M' 
_diffrn_detector.area_resol_mean              ? 
_diffrn_detector.dtime                        ? 
_diffrn_detector.pdbx_frames_total            ? 
_diffrn_detector.pdbx_collection_time_total   ? 
_diffrn_detector.pdbx_collection_date         2015-02-25 
# 
_diffrn_radiation.collimation                      ? 
_diffrn_radiation.diffrn_id                        1 
_diffrn_radiation.filter_edge                      ? 
_diffrn_radiation.inhomogeneity                    ? 
_diffrn_radiation.monochromator                    Diamond 
_diffrn_radiation.polarisn_norm                    ? 
_diffrn_radiation.polarisn_ratio                   ? 
_diffrn_radiation.probe                            ? 
_diffrn_radiation.type                             ? 
_diffrn_radiation.xray_symbol                      ? 
_diffrn_radiation.wavelength_id                    1 
_diffrn_radiation.pdbx_monochromatic_or_laue_m_l   M 
_diffrn_radiation.pdbx_wavelength_list             ? 
_diffrn_radiation.pdbx_wavelength                  ? 
_diffrn_radiation.pdbx_diffrn_protocol             'SINGLE WAVELENGTH' 
_diffrn_radiation.pdbx_analyzer                    ? 
_diffrn_radiation.pdbx_scattering_type             x-ray 
# 
_diffrn_radiation_wavelength.id           1 
_diffrn_radiation_wavelength.wavelength   0.965 
_diffrn_radiation_wavelength.wt           1.0 
# 
_diffrn_source.current                     ? 
_diffrn_source.details                     ? 
_diffrn_source.diffrn_id                   1 
_diffrn_source.power                       ? 
_diffrn_source.size                        ? 
_diffrn_source.source                      SYNCHROTRON 
_diffrn_source.target                      ? 
_diffrn_source.type                        'ESRF BEAMLINE MASSIF-1' 
_diffrn_source.voltage                     ? 
_diffrn_source.take-off_angle              ? 
_diffrn_source.pdbx_wavelength_list        0.965 
_diffrn_source.pdbx_wavelength             ? 
_diffrn_source.pdbx_synchrotron_beamline   MASSIF-1 
_diffrn_source.pdbx_synchrotron_site       ESRF 
# 
_reflns.B_iso_Wilson_estimate            11.810 
_reflns.entry_id                         5ECA 
_reflns.data_reduction_details           ? 
_reflns.data_reduction_method            ? 
_reflns.d_resolution_high                1.160 
_reflns.d_resolution_low                 19.080 
_reflns.details                          ? 
_reflns.limit_h_max                      ? 
_reflns.limit_h_min                      ? 
_reflns.limit_k_max                      ? 
_reflns.limit_k_min                      ? 
_reflns.limit_l_max                      ? 
_reflns.limit_l_min                      ? 
_reflns.number_all                       ? 
_reflns.number_obs                       20716 
_reflns.observed_criterion               ? 
_reflns.observed_criterion_F_max         ? 
_reflns.observed_criterion_F_min         ? 
_reflns.observed_criterion_I_max         ? 
_reflns.observed_criterion_I_min         ? 
_reflns.observed_criterion_sigma_F       0 
_reflns.observed_criterion_sigma_I       0 
_reflns.percent_possible_obs             98.600 
_reflns.R_free_details                   ? 
_reflns.Rmerge_F_all                     ? 
_reflns.Rmerge_F_obs                     ? 
_reflns.Friedel_coverage                 ? 
_reflns.number_gt                        ? 
_reflns.threshold_expression             ? 
_reflns.pdbx_redundancy                  4.200 
_reflns.pdbx_Rmerge_I_obs                0.052 
_reflns.pdbx_Rmerge_I_all                ? 
_reflns.pdbx_Rsym_value                  ? 
_reflns.pdbx_netI_over_av_sigmaI         ? 
_reflns.pdbx_netI_over_sigmaI            12.200 
_reflns.pdbx_res_netI_over_av_sigmaI_2   ? 
_reflns.pdbx_res_netI_over_sigmaI_2      ? 
_reflns.pdbx_chi_squared                 ? 
_reflns.pdbx_scaling_rejects             1 
_reflns.pdbx_d_res_high_opt              ? 
_reflns.pdbx_d_res_low_opt               ? 
_reflns.pdbx_d_res_opt_method            ? 
_reflns.phase_calculation_details        ? 
_reflns.pdbx_Rrim_I_all                  ? 
_reflns.pdbx_Rpim_I_all                  0.028 
_reflns.pdbx_d_opt                       ? 
_reflns.pdbx_number_measured_all         87407 
_reflns.pdbx_diffrn_id                   1 
_reflns.pdbx_ordinal                     1 
_reflns.pdbx_CC_half                     0.998 
_reflns.pdbx_R_split                     ? 
# 
loop_
_reflns_shell.d_res_high 
_reflns_shell.d_res_low 
_reflns_shell.meanI_over_sigI_all 
_reflns_shell.meanI_over_sigI_obs 
_reflns_shell.number_measured_all 
_reflns_shell.number_measured_obs 
_reflns_shell.number_possible 
_reflns_shell.number_unique_all 
_reflns_shell.number_unique_obs 
_reflns_shell.percent_possible_all 
_reflns_shell.percent_possible_obs 
_reflns_shell.Rmerge_F_all 
_reflns_shell.Rmerge_F_obs 
_reflns_shell.Rmerge_I_all 
_reflns_shell.Rmerge_I_obs 
_reflns_shell.meanI_over_sigI_gt 
_reflns_shell.meanI_over_uI_all 
_reflns_shell.meanI_over_uI_gt 
_reflns_shell.number_measured_gt 
_reflns_shell.number_unique_gt 
_reflns_shell.percent_possible_gt 
_reflns_shell.Rmerge_F_gt 
_reflns_shell.Rmerge_I_gt 
_reflns_shell.pdbx_redundancy 
_reflns_shell.pdbx_Rsym_value 
_reflns_shell.pdbx_chi_squared 
_reflns_shell.pdbx_netI_over_sigmaI_all 
_reflns_shell.pdbx_netI_over_sigmaI_obs 
_reflns_shell.pdbx_Rrim_I_all 
_reflns_shell.pdbx_Rpim_I_all 
_reflns_shell.pdbx_rejects 
_reflns_shell.pdbx_ordinal 
_reflns_shell.pdbx_diffrn_id 
_reflns_shell.pdbx_CC_half 
_reflns_shell.pdbx_R_split 
1.160 1.180  ? 2.500  3890 ? ? 979 ? 97.400 ? ? ? ? 0.537 ? ? ? ? ? ? ? ? 4.000 ? ? ? ? ? 0.302 0 1 1 0.789 ? 
6.350 19.080 ? 30.900 593  ? ? 153 ? 95.400 ? ? ? ? 0.043 ? ? ? ? ? ? ? ? 3.900 ? ? ? ? ? 0.023 0 2 1 0.996 ? 
# 
_refine.aniso_B[1][1]                            ? 
_refine.aniso_B[1][2]                            ? 
_refine.aniso_B[1][3]                            ? 
_refine.aniso_B[2][2]                            ? 
_refine.aniso_B[2][3]                            ? 
_refine.aniso_B[3][3]                            ? 
_refine.B_iso_max                                47.370 
_refine.B_iso_mean                               15.8882 
_refine.B_iso_min                                7.610 
_refine.correlation_coeff_Fo_to_Fc               ? 
_refine.correlation_coeff_Fo_to_Fc_free          ? 
_refine.details                                  ? 
_refine.diff_density_max                         ? 
_refine.diff_density_max_esd                     ? 
_refine.diff_density_min                         ? 
_refine.diff_density_min_esd                     ? 
_refine.diff_density_rms                         ? 
_refine.diff_density_rms_esd                     ? 
_refine.entry_id                                 5ECA 
_refine.pdbx_refine_id                           'X-RAY DIFFRACTION' 
_refine.ls_abs_structure_details                 ? 
_refine.ls_abs_structure_Flack                   ? 
_refine.ls_abs_structure_Flack_esd               ? 
_refine.ls_abs_structure_Rogers                  ? 
_refine.ls_abs_structure_Rogers_esd              ? 
_refine.ls_d_res_high                            1.1600 
_refine.ls_d_res_low                             19.0750 
_refine.ls_extinction_coef                       ? 
_refine.ls_extinction_coef_esd                   ? 
_refine.ls_extinction_expression                 ? 
_refine.ls_extinction_method                     ? 
_refine.ls_goodness_of_fit_all                   ? 
_refine.ls_goodness_of_fit_all_esd               ? 
_refine.ls_goodness_of_fit_obs                   ? 
_refine.ls_goodness_of_fit_obs_esd               ? 
_refine.ls_hydrogen_treatment                    ? 
_refine.ls_matrix_type                           ? 
_refine.ls_number_constraints                    ? 
_refine.ls_number_parameters                     ? 
_refine.ls_number_reflns_all                     ? 
_refine.ls_number_reflns_obs                     39402 
_refine.ls_number_reflns_R_free                  1924 
_refine.ls_number_reflns_R_work                  37478 
_refine.ls_number_restraints                     ? 
_refine.ls_percent_reflns_obs                    98.5700 
_refine.ls_percent_reflns_R_free                 4.8800 
_refine.ls_R_factor_all                          ? 
_refine.ls_R_factor_obs                          0.1592 
_refine.ls_R_factor_R_free                       0.1817 
_refine.ls_R_factor_R_free_error                 ? 
_refine.ls_R_factor_R_free_error_details         ? 
_refine.ls_R_factor_R_work                       0.1580 
_refine.ls_R_Fsqd_factor_obs                     ? 
_refine.ls_R_I_factor_obs                        ? 
_refine.ls_redundancy_reflns_all                 ? 
_refine.ls_redundancy_reflns_obs                 ? 
_refine.ls_restrained_S_all                      ? 
_refine.ls_restrained_S_obs                      ? 
_refine.ls_shift_over_esd_max                    ? 
_refine.ls_shift_over_esd_mean                   ? 
_refine.ls_structure_factor_coef                 ? 
_refine.ls_weighting_details                     ? 
_refine.ls_weighting_scheme                      ? 
_refine.ls_wR_factor_all                         ? 
_refine.ls_wR_factor_obs                         ? 
_refine.ls_wR_factor_R_free                      ? 
_refine.ls_wR_factor_R_work                      ? 
_refine.occupancy_max                            ? 
_refine.occupancy_min                            ? 
_refine.solvent_model_details                    'FLAT BULK SOLVENT MODEL' 
_refine.solvent_model_param_bsol                 ? 
_refine.solvent_model_param_ksol                 ? 
_refine.ls_R_factor_gt                           ? 
_refine.ls_goodness_of_fit_gt                    ? 
_refine.ls_goodness_of_fit_ref                   ? 
_refine.ls_shift_over_su_max                     ? 
_refine.ls_shift_over_su_max_lt                  ? 
_refine.ls_shift_over_su_mean                    ? 
_refine.ls_shift_over_su_mean_lt                 ? 
_refine.pdbx_ls_sigma_I                          ? 
_refine.pdbx_ls_sigma_F                          0.160 
_refine.pdbx_ls_sigma_Fsqd                       ? 
_refine.pdbx_data_cutoff_high_absF               ? 
_refine.pdbx_data_cutoff_high_rms_absF           ? 
_refine.pdbx_data_cutoff_low_absF                ? 
_refine.pdbx_isotropic_thermal_model             ? 
_refine.pdbx_ls_cross_valid_method               THROUGHOUT 
_refine.pdbx_method_to_determine_struct          'MOLECULAR REPLACEMENT' 
_refine.pdbx_starting_model                      4jz4 
_refine.pdbx_stereochemistry_target_values       ML 
_refine.pdbx_R_Free_selection_details            ? 
_refine.pdbx_stereochem_target_val_spec_case     ? 
_refine.pdbx_overall_ESU_R                       ? 
_refine.pdbx_overall_ESU_R_Free                  ? 
_refine.pdbx_solvent_vdw_probe_radii             1.1100 
_refine.pdbx_solvent_ion_probe_radii             ? 
_refine.pdbx_solvent_shrinkage_radii             0.9000 
_refine.pdbx_real_space_R                        ? 
_refine.pdbx_density_correlation                 ? 
_refine.pdbx_pd_number_of_powder_patterns        ? 
_refine.pdbx_pd_number_of_points                 ? 
_refine.pdbx_pd_meas_number_of_points            ? 
_refine.pdbx_pd_proc_ls_prof_R_factor            ? 
_refine.pdbx_pd_proc_ls_prof_wR_factor           ? 
_refine.pdbx_pd_Marquardt_correlation_coeff      ? 
_refine.pdbx_pd_Fsqrd_R_factor                   ? 
_refine.pdbx_pd_ls_matrix_band_width             ? 
_refine.pdbx_overall_phase_error                 18.0400 
_refine.pdbx_overall_SU_R_free_Cruickshank_DPI   ? 
_refine.pdbx_overall_SU_R_free_Blow_DPI          ? 
_refine.pdbx_overall_SU_R_Blow_DPI               ? 
_refine.pdbx_TLS_residual_ADP_flag               ? 
_refine.pdbx_diffrn_id                           1 
_refine.overall_SU_B                             ? 
_refine.overall_SU_ML                            0.1200 
_refine.overall_SU_R_Cruickshank_DPI             ? 
_refine.overall_SU_R_free                        ? 
_refine.overall_FOM_free_R_set                   ? 
_refine.overall_FOM_work_R_set                   ? 
_refine.pdbx_average_fsc_overall                 ? 
_refine.pdbx_average_fsc_work                    ? 
_refine.pdbx_average_fsc_free                    ? 
# 
_refine_hist.cycle_id                         final 
_refine_hist.pdbx_refine_id                   'X-RAY DIFFRACTION' 
_refine_hist.d_res_high                       1.1600 
_refine_hist.d_res_low                        19.0750 
_refine_hist.pdbx_number_atoms_ligand         0 
_refine_hist.number_atoms_solvent             68 
_refine_hist.number_atoms_total               539 
_refine_hist.pdbx_number_residues_total       60 
_refine_hist.pdbx_B_iso_mean_solvent          31.48 
_refine_hist.pdbx_number_atoms_protein        471 
_refine_hist.pdbx_number_atoms_nucleic_acid   0 
# 
loop_
_refine_ls_restr.pdbx_refine_id 
_refine_ls_restr.criterion 
_refine_ls_restr.dev_ideal 
_refine_ls_restr.dev_ideal_target 
_refine_ls_restr.number 
_refine_ls_restr.rejects 
_refine_ls_restr.type 
_refine_ls_restr.weight 
_refine_ls_restr.pdbx_restraint_function 
'X-RAY DIFFRACTION' ? 0.007  ? 484 ? f_bond_d           ? ? 
'X-RAY DIFFRACTION' ? 0.930  ? 661 ? f_angle_d          ? ? 
'X-RAY DIFFRACTION' ? 0.075  ? 72  ? f_chiral_restr     ? ? 
'X-RAY DIFFRACTION' ? 0.005  ? 84  ? f_plane_restr      ? ? 
'X-RAY DIFFRACTION' ? 15.176 ? 164 ? f_dihedral_angle_d ? ? 
# 
loop_
_refine_ls_shell.pdbx_refine_id 
_refine_ls_shell.d_res_high 
_refine_ls_shell.d_res_low 
_refine_ls_shell.number_reflns_all 
_refine_ls_shell.number_reflns_obs 
_refine_ls_shell.number_reflns_R_free 
_refine_ls_shell.number_reflns_R_work 
_refine_ls_shell.percent_reflns_obs 
_refine_ls_shell.percent_reflns_R_free 
_refine_ls_shell.R_factor_all 
_refine_ls_shell.R_factor_obs 
_refine_ls_shell.R_factor_R_free 
_refine_ls_shell.R_factor_R_free_error 
_refine_ls_shell.R_factor_R_work 
_refine_ls_shell.redundancy_reflns_all 
_refine_ls_shell.redundancy_reflns_obs 
_refine_ls_shell.wR_factor_all 
_refine_ls_shell.wR_factor_obs 
_refine_ls_shell.wR_factor_R_free 
_refine_ls_shell.wR_factor_R_work 
_refine_ls_shell.pdbx_total_number_of_bins_used 
_refine_ls_shell.pdbx_phase_error 
_refine_ls_shell.pdbx_fsc_work 
_refine_ls_shell.pdbx_fsc_free 
'X-RAY DIFFRACTION' 1.1601 1.1891  2759 . 147 2612 97.0000 . . . 0.2833 . 0.2346 . . . . . . 14 . . . 
'X-RAY DIFFRACTION' 1.1891 1.2212  2781 . 105 2676 98.0000 . . . 0.2801 . 0.2303 . . . . . . 14 . . . 
'X-RAY DIFFRACTION' 1.2212 1.2572  2812 . 141 2671 98.0000 . . . 0.2058 . 0.2134 . . . . . . 14 . . . 
'X-RAY DIFFRACTION' 1.2572 1.2977  2804 . 141 2663 98.0000 . . . 0.2313 . 0.1902 . . . . . . 14 . . . 
'X-RAY DIFFRACTION' 1.2977 1.3441  2786 . 119 2667 99.0000 . . . 0.2255 . 0.1740 . . . . . . 14 . . . 
'X-RAY DIFFRACTION' 1.3441 1.3979  2868 . 139 2729 99.0000 . . . 0.1811 . 0.1665 . . . . . . 14 . . . 
'X-RAY DIFFRACTION' 1.3979 1.4615  2826 . 154 2672 99.0000 . . . 0.1692 . 0.1545 . . . . . . 14 . . . 
'X-RAY DIFFRACTION' 1.4615 1.5385  2823 . 144 2679 99.0000 . . . 0.1894 . 0.1440 . . . . . . 14 . . . 
'X-RAY DIFFRACTION' 1.5385 1.6349  2842 . 129 2713 99.0000 . . . 0.1675 . 0.1360 . . . . . . 14 . . . 
'X-RAY DIFFRACTION' 1.6349 1.7610  2811 . 152 2659 99.0000 . . . 0.1762 . 0.1441 . . . . . . 14 . . . 
'X-RAY DIFFRACTION' 1.7610 1.9381  2835 . 146 2689 98.0000 . . . 0.1894 . 0.1316 . . . . . . 14 . . . 
'X-RAY DIFFRACTION' 1.9381 2.2182  2788 . 163 2625 98.0000 . . . 0.1499 . 0.1292 . . . . . . 14 . . . 
'X-RAY DIFFRACTION' 2.2182 2.7932  2819 . 127 2692 99.0000 . . . 0.1690 . 0.1574 . . . . . . 14 . . . 
'X-RAY DIFFRACTION' 2.7932 19.0779 2848 . 117 2731 99.0000 . . . 0.1832 . 0.1678 . . . . . . 14 . . . 
# 
_struct.entry_id                     5ECA 
_struct.title                        
'Crystal structure of a chimeric c-Src-SH3 domain with the sequence of the RT-loop from the Abl-SH3 domain at pH 6.5' 
_struct.pdbx_model_details           ? 
_struct.pdbx_formula_weight          ? 
_struct.pdbx_formula_weight_method   ? 
_struct.pdbx_model_type_details      ? 
_struct.pdbx_CASP_flag               ? 
# 
_struct_keywords.entry_id        5ECA 
_struct_keywords.text            'beta shandwich, transferase' 
_struct_keywords.pdbx_keywords   TRANSFERASE 
# 
loop_
_struct_asym.id 
_struct_asym.pdbx_blank_PDB_chainid_flag 
_struct_asym.pdbx_modified 
_struct_asym.entity_id 
_struct_asym.details 
A N N 1 ? 
B N N 2 ? 
# 
_struct_ref.id                         1 
_struct_ref.db_name                    UNP 
_struct_ref.db_code                    SRC_CHICK 
_struct_ref.pdbx_db_accession          P00523 
_struct_ref.pdbx_db_isoform            ? 
_struct_ref.entity_id                  1 
_struct_ref.pdbx_seq_one_letter_code   TFVALYDYESRTETDLSFKKGERLQIVNNTEGDWWLAHSLTTGQTGYIPSNYVAPSD 
_struct_ref.pdbx_align_begin           85 
# 
_struct_ref_seq.align_id                      1 
_struct_ref_seq.ref_id                        1 
_struct_ref_seq.pdbx_PDB_id_code              5ECA 
_struct_ref_seq.pdbx_strand_id                A 
_struct_ref_seq.seq_align_beg                 4 
_struct_ref_seq.pdbx_seq_align_beg_ins_code   ? 
_struct_ref_seq.seq_align_end                 60 
_struct_ref_seq.pdbx_seq_align_end_ins_code   ? 
_struct_ref_seq.pdbx_db_accession             P00523 
_struct_ref_seq.db_align_beg                  85 
_struct_ref_seq.pdbx_db_align_beg_ins_code    ? 
_struct_ref_seq.db_align_end                  141 
_struct_ref_seq.pdbx_db_align_end_ins_code    ? 
_struct_ref_seq.pdbx_auth_seq_align_beg       85 
_struct_ref_seq.pdbx_auth_seq_align_end       141 
# 
loop_
_struct_ref_seq_dif.align_id 
_struct_ref_seq_dif.pdbx_pdb_id_code 
_struct_ref_seq_dif.mon_id 
_struct_ref_seq_dif.pdbx_pdb_strand_id 
_struct_ref_seq_dif.seq_num 
_struct_ref_seq_dif.pdbx_pdb_ins_code 
_struct_ref_seq_dif.pdbx_seq_db_name 
_struct_ref_seq_dif.pdbx_seq_db_accession_code 
_struct_ref_seq_dif.db_mon_id 
_struct_ref_seq_dif.pdbx_seq_db_seq_num 
_struct_ref_seq_dif.details 
_struct_ref_seq_dif.pdbx_auth_seq_num 
_struct_ref_seq_dif.pdbx_ordinal 
1 5ECA SER A 1  ? UNP P00523 ?   ?   'expression tag'      82  1 
1 5ECA HIS A 2  ? UNP P00523 ?   ?   'expression tag'      83  2 
1 5ECA MET A 3  ? UNP P00523 ?   ?   'expression tag'      84  3 
1 5ECA VAL A 12 ? UNP P00523 GLU 93  'engineered mutation' 93  4 
1 5ECA ALA A 13 ? UNP P00523 SER 94  'engineered mutation' 94  5 
1 5ECA SER A 14 ? UNP P00523 ARG 95  'engineered mutation' 95  6 
1 5ECA GLY A 15 ? UNP P00523 THR 96  conflict              96  7 
1 5ECA ARG A 47 ? UNP P00523 GLN 128 'engineered mutation' 128 8 
# 
_pdbx_struct_assembly.id                   1 
_pdbx_struct_assembly.details              software_defined_assembly 
_pdbx_struct_assembly.method_details       PISA 
_pdbx_struct_assembly.oligomeric_details   monomeric 
_pdbx_struct_assembly.oligomeric_count     1 
# 
loop_
_pdbx_struct_assembly_prop.biol_id 
_pdbx_struct_assembly_prop.type 
_pdbx_struct_assembly_prop.value 
_pdbx_struct_assembly_prop.details 
1 'ABSA (A^2)' 0    ? 
1 MORE         0    ? 
1 'SSA (A^2)'  3850 ? 
# 
_pdbx_struct_assembly_gen.assembly_id       1 
_pdbx_struct_assembly_gen.oper_expression   1 
_pdbx_struct_assembly_gen.asym_id_list      A,B 
# 
_pdbx_struct_oper_list.id                   1 
_pdbx_struct_oper_list.type                 'identity operation' 
_pdbx_struct_oper_list.name                 1_555 
_pdbx_struct_oper_list.symmetry_operation   x,y,z 
_pdbx_struct_oper_list.matrix[1][1]         1.0000000000 
_pdbx_struct_oper_list.matrix[1][2]         0.0000000000 
_pdbx_struct_oper_list.matrix[1][3]         0.0000000000 
_pdbx_struct_oper_list.vector[1]            0.0000000000 
_pdbx_struct_oper_list.matrix[2][1]         0.0000000000 
_pdbx_struct_oper_list.matrix[2][2]         1.0000000000 
_pdbx_struct_oper_list.matrix[2][3]         0.0000000000 
_pdbx_struct_oper_list.vector[2]            0.0000000000 
_pdbx_struct_oper_list.matrix[3][1]         0.0000000000 
_pdbx_struct_oper_list.matrix[3][2]         0.0000000000 
_pdbx_struct_oper_list.matrix[3][3]         1.0000000000 
_pdbx_struct_oper_list.vector[3]            0.0000000000 
# 
_struct_sheet.id               AA1 
_struct_sheet.type             ? 
_struct_sheet.number_strands   5 
_struct_sheet.details          ? 
# 
loop_
_struct_sheet_order.sheet_id 
_struct_sheet_order.range_id_1 
_struct_sheet_order.range_id_2 
_struct_sheet_order.offset 
_struct_sheet_order.sense 
AA1 1 2 ? anti-parallel 
AA1 2 3 ? anti-parallel 
AA1 3 4 ? anti-parallel 
AA1 4 5 ? anti-parallel 
# 
loop_
_struct_sheet_range.sheet_id 
_struct_sheet_range.id 
_struct_sheet_range.beg_label_comp_id 
_struct_sheet_range.beg_label_asym_id 
_struct_sheet_range.beg_label_seq_id 
_struct_sheet_range.pdbx_beg_PDB_ins_code 
_struct_sheet_range.end_label_comp_id 
_struct_sheet_range.end_label_asym_id 
_struct_sheet_range.end_label_seq_id 
_struct_sheet_range.pdbx_end_PDB_ins_code 
_struct_sheet_range.beg_auth_comp_id 
_struct_sheet_range.beg_auth_asym_id 
_struct_sheet_range.beg_auth_seq_id 
_struct_sheet_range.end_auth_comp_id 
_struct_sheet_range.end_auth_asym_id 
_struct_sheet_range.end_auth_seq_id 
AA1 1 THR A 48 ? PRO A 52 ? THR A 129 PRO A 133 
AA1 2 TRP A 37 ? SER A 42 ? TRP A 118 SER A 123 
AA1 3 ARG A 26 ? ASN A 31 ? ARG A 107 ASN A 112 
AA1 4 THR A 4  ? ALA A 7  ? THR A 85  ALA A 88  
AA1 5 VAL A 56 ? PRO A 58 ? VAL A 137 PRO A 139 
# 
loop_
_pdbx_struct_sheet_hbond.sheet_id 
_pdbx_struct_sheet_hbond.range_id_1 
_pdbx_struct_sheet_hbond.range_id_2 
_pdbx_struct_sheet_hbond.range_1_label_atom_id 
_pdbx_struct_sheet_hbond.range_1_label_comp_id 
_pdbx_struct_sheet_hbond.range_1_label_asym_id 
_pdbx_struct_sheet_hbond.range_1_label_seq_id 
_pdbx_struct_sheet_hbond.range_1_PDB_ins_code 
_pdbx_struct_sheet_hbond.range_1_auth_atom_id 
_pdbx_struct_sheet_hbond.range_1_auth_comp_id 
_pdbx_struct_sheet_hbond.range_1_auth_asym_id 
_pdbx_struct_sheet_hbond.range_1_auth_seq_id 
_pdbx_struct_sheet_hbond.range_2_label_atom_id 
_pdbx_struct_sheet_hbond.range_2_label_comp_id 
_pdbx_struct_sheet_hbond.range_2_label_asym_id 
_pdbx_struct_sheet_hbond.range_2_label_seq_id 
_pdbx_struct_sheet_hbond.range_2_PDB_ins_code 
_pdbx_struct_sheet_hbond.range_2_auth_atom_id 
_pdbx_struct_sheet_hbond.range_2_auth_comp_id 
_pdbx_struct_sheet_hbond.range_2_auth_asym_id 
_pdbx_struct_sheet_hbond.range_2_auth_seq_id 
AA1 1 2 O GLY A 49 ? O GLY A 130 N ALA A 40 ? N ALA A 121 
AA1 2 3 O HIS A 41 ? O HIS A 122 N GLN A 28 ? N GLN A 109 
AA1 3 4 O LEU A 27 ? O LEU A 108 N PHE A 5  ? N PHE A 86  
AA1 4 5 N VAL A 6  ? N VAL A 87  O ALA A 57 ? O ALA A 138 
# 
loop_
_pdbx_struct_special_symmetry.id 
_pdbx_struct_special_symmetry.PDB_model_num 
_pdbx_struct_special_symmetry.auth_asym_id 
_pdbx_struct_special_symmetry.auth_comp_id 
_pdbx_struct_special_symmetry.auth_seq_id 
_pdbx_struct_special_symmetry.PDB_ins_code 
_pdbx_struct_special_symmetry.label_asym_id 
_pdbx_struct_special_symmetry.label_comp_id 
_pdbx_struct_special_symmetry.label_seq_id 
1 1 A HOH 202 ? B HOH . 
2 1 A HOH 215 ? B HOH . 
3 1 A HOH 257 ? B HOH . 
# 
_diffrn_reflns.diffrn_id                   1 
_diffrn_reflns.pdbx_d_res_high             1.160 
_diffrn_reflns.pdbx_d_res_low              19.080 
_diffrn_reflns.pdbx_number_obs             20716 
_diffrn_reflns.pdbx_Rmerge_I_obs           0.052 
_diffrn_reflns.pdbx_Rsym_value             ? 
_diffrn_reflns.pdbx_chi_squared            ? 
_diffrn_reflns.pdbx_redundancy             4.20 
_diffrn_reflns.pdbx_rejects                1 
_diffrn_reflns.pdbx_percent_possible_obs   98.60 
_diffrn_reflns.pdbx_observed_criterion     ? 
_diffrn_reflns.number                      87407 
_diffrn_reflns.limit_h_max                 ? 
_diffrn_reflns.limit_h_min                 ? 
_diffrn_reflns.limit_k_max                 ? 
_diffrn_reflns.limit_k_min                 ? 
_diffrn_reflns.limit_l_max                 ? 
_diffrn_reflns.limit_l_min                 ? 
# 
loop_
_pdbx_diffrn_reflns_shell.diffrn_id 
_pdbx_diffrn_reflns_shell.d_res_high 
_pdbx_diffrn_reflns_shell.d_res_low 
_pdbx_diffrn_reflns_shell.number_obs 
_pdbx_diffrn_reflns_shell.rejects 
_pdbx_diffrn_reflns_shell.Rmerge_I_obs 
_pdbx_diffrn_reflns_shell.Rsym_value 
_pdbx_diffrn_reflns_shell.chi_squared 
_pdbx_diffrn_reflns_shell.redundancy 
_pdbx_diffrn_reflns_shell.percent_possible_obs 
1 1.16 1.18  ? ? 0.537 ? ? 4.00 ? 
1 6.35 19.08 ? ? 0.043 ? ? 3.90 ? 
# 
_phasing.method   MR 
# 
loop_
_chem_comp_atom.comp_id 
_chem_comp_atom.atom_id 
_chem_comp_atom.type_symbol 
_chem_comp_atom.pdbx_aromatic_flag 
_chem_comp_atom.pdbx_stereo_config 
_chem_comp_atom.pdbx_ordinal 
ALA N    N N N 1   
ALA CA   C N S 2   
ALA C    C N N 3   
ALA O    O N N 4   
ALA CB   C N N 5   
ALA OXT  O N N 6   
ALA H    H N N 7   
ALA H2   H N N 8   
ALA HA   H N N 9   
ALA HB1  H N N 10  
ALA HB2  H N N 11  
ALA HB3  H N N 12  
ALA HXT  H N N 13  
ARG N    N N N 14  
ARG CA   C N S 15  
ARG C    C N N 16  
ARG O    O N N 17  
ARG CB   C N N 18  
ARG CG   C N N 19  
ARG CD   C N N 20  
ARG NE   N N N 21  
ARG CZ   C N N 22  
ARG NH1  N N N 23  
ARG NH2  N N N 24  
ARG OXT  O N N 25  
ARG H    H N N 26  
ARG H2   H N N 27  
ARG HA   H N N 28  
ARG HB2  H N N 29  
ARG HB3  H N N 30  
ARG HG2  H N N 31  
ARG HG3  H N N 32  
ARG HD2  H N N 33  
ARG HD3  H N N 34  
ARG HE   H N N 35  
ARG HH11 H N N 36  
ARG HH12 H N N 37  
ARG HH21 H N N 38  
ARG HH22 H N N 39  
ARG HXT  H N N 40  
ASN N    N N N 41  
ASN CA   C N S 42  
ASN C    C N N 43  
ASN O    O N N 44  
ASN CB   C N N 45  
ASN CG   C N N 46  
ASN OD1  O N N 47  
ASN ND2  N N N 48  
ASN OXT  O N N 49  
ASN H    H N N 50  
ASN H2   H N N 51  
ASN HA   H N N 52  
ASN HB2  H N N 53  
ASN HB3  H N N 54  
ASN HD21 H N N 55  
ASN HD22 H N N 56  
ASN HXT  H N N 57  
ASP N    N N N 58  
ASP CA   C N S 59  
ASP C    C N N 60  
ASP O    O N N 61  
ASP CB   C N N 62  
ASP CG   C N N 63  
ASP OD1  O N N 64  
ASP OD2  O N N 65  
ASP OXT  O N N 66  
ASP H    H N N 67  
ASP H2   H N N 68  
ASP HA   H N N 69  
ASP HB2  H N N 70  
ASP HB3  H N N 71  
ASP HD2  H N N 72  
ASP HXT  H N N 73  
GLN N    N N N 74  
GLN CA   C N S 75  
GLN C    C N N 76  
GLN O    O N N 77  
GLN CB   C N N 78  
GLN CG   C N N 79  
GLN CD   C N N 80  
GLN OE1  O N N 81  
GLN NE2  N N N 82  
GLN OXT  O N N 83  
GLN H    H N N 84  
GLN H2   H N N 85  
GLN HA   H N N 86  
GLN HB2  H N N 87  
GLN HB3  H N N 88  
GLN HG2  H N N 89  
GLN HG3  H N N 90  
GLN HE21 H N N 91  
GLN HE22 H N N 92  
GLN HXT  H N N 93  
GLU N    N N N 94  
GLU CA   C N S 95  
GLU C    C N N 96  
GLU O    O N N 97  
GLU CB   C N N 98  
GLU CG   C N N 99  
GLU CD   C N N 100 
GLU OE1  O N N 101 
GLU OE2  O N N 102 
GLU OXT  O N N 103 
GLU H    H N N 104 
GLU H2   H N N 105 
GLU HA   H N N 106 
GLU HB2  H N N 107 
GLU HB3  H N N 108 
GLU HG2  H N N 109 
GLU HG3  H N N 110 
GLU HE2  H N N 111 
GLU HXT  H N N 112 
GLY N    N N N 113 
GLY CA   C N N 114 
GLY C    C N N 115 
GLY O    O N N 116 
GLY OXT  O N N 117 
GLY H    H N N 118 
GLY H2   H N N 119 
GLY HA2  H N N 120 
GLY HA3  H N N 121 
GLY HXT  H N N 122 
HIS N    N N N 123 
HIS CA   C N S 124 
HIS C    C N N 125 
HIS O    O N N 126 
HIS CB   C N N 127 
HIS CG   C Y N 128 
HIS ND1  N Y N 129 
HIS CD2  C Y N 130 
HIS CE1  C Y N 131 
HIS NE2  N Y N 132 
HIS OXT  O N N 133 
HIS H    H N N 134 
HIS H2   H N N 135 
HIS HA   H N N 136 
HIS HB2  H N N 137 
HIS HB3  H N N 138 
HIS HD1  H N N 139 
HIS HD2  H N N 140 
HIS HE1  H N N 141 
HIS HE2  H N N 142 
HIS HXT  H N N 143 
HOH O    O N N 144 
HOH H1   H N N 145 
HOH H2   H N N 146 
ILE N    N N N 147 
ILE CA   C N S 148 
ILE C    C N N 149 
ILE O    O N N 150 
ILE CB   C N S 151 
ILE CG1  C N N 152 
ILE CG2  C N N 153 
ILE CD1  C N N 154 
ILE OXT  O N N 155 
ILE H    H N N 156 
ILE H2   H N N 157 
ILE HA   H N N 158 
ILE HB   H N N 159 
ILE HG12 H N N 160 
ILE HG13 H N N 161 
ILE HG21 H N N 162 
ILE HG22 H N N 163 
ILE HG23 H N N 164 
ILE HD11 H N N 165 
ILE HD12 H N N 166 
ILE HD13 H N N 167 
ILE HXT  H N N 168 
LEU N    N N N 169 
LEU CA   C N S 170 
LEU C    C N N 171 
LEU O    O N N 172 
LEU CB   C N N 173 
LEU CG   C N N 174 
LEU CD1  C N N 175 
LEU CD2  C N N 176 
LEU OXT  O N N 177 
LEU H    H N N 178 
LEU H2   H N N 179 
LEU HA   H N N 180 
LEU HB2  H N N 181 
LEU HB3  H N N 182 
LEU HG   H N N 183 
LEU HD11 H N N 184 
LEU HD12 H N N 185 
LEU HD13 H N N 186 
LEU HD21 H N N 187 
LEU HD22 H N N 188 
LEU HD23 H N N 189 
LEU HXT  H N N 190 
LYS N    N N N 191 
LYS CA   C N S 192 
LYS C    C N N 193 
LYS O    O N N 194 
LYS CB   C N N 195 
LYS CG   C N N 196 
LYS CD   C N N 197 
LYS CE   C N N 198 
LYS NZ   N N N 199 
LYS OXT  O N N 200 
LYS H    H N N 201 
LYS H2   H N N 202 
LYS HA   H N N 203 
LYS HB2  H N N 204 
LYS HB3  H N N 205 
LYS HG2  H N N 206 
LYS HG3  H N N 207 
LYS HD2  H N N 208 
LYS HD3  H N N 209 
LYS HE2  H N N 210 
LYS HE3  H N N 211 
LYS HZ1  H N N 212 
LYS HZ2  H N N 213 
LYS HZ3  H N N 214 
LYS HXT  H N N 215 
MET N    N N N 216 
MET CA   C N S 217 
MET C    C N N 218 
MET O    O N N 219 
MET CB   C N N 220 
MET CG   C N N 221 
MET SD   S N N 222 
MET CE   C N N 223 
MET OXT  O N N 224 
MET H    H N N 225 
MET H2   H N N 226 
MET HA   H N N 227 
MET HB2  H N N 228 
MET HB3  H N N 229 
MET HG2  H N N 230 
MET HG3  H N N 231 
MET HE1  H N N 232 
MET HE2  H N N 233 
MET HE3  H N N 234 
MET HXT  H N N 235 
PHE N    N N N 236 
PHE CA   C N S 237 
PHE C    C N N 238 
PHE O    O N N 239 
PHE CB   C N N 240 
PHE CG   C Y N 241 
PHE CD1  C Y N 242 
PHE CD2  C Y N 243 
PHE CE1  C Y N 244 
PHE CE2  C Y N 245 
PHE CZ   C Y N 246 
PHE OXT  O N N 247 
PHE H    H N N 248 
PHE H2   H N N 249 
PHE HA   H N N 250 
PHE HB2  H N N 251 
PHE HB3  H N N 252 
PHE HD1  H N N 253 
PHE HD2  H N N 254 
PHE HE1  H N N 255 
PHE HE2  H N N 256 
PHE HZ   H N N 257 
PHE HXT  H N N 258 
PRO N    N N N 259 
PRO CA   C N S 260 
PRO C    C N N 261 
PRO O    O N N 262 
PRO CB   C N N 263 
PRO CG   C N N 264 
PRO CD   C N N 265 
PRO OXT  O N N 266 
PRO H    H N N 267 
PRO HA   H N N 268 
PRO HB2  H N N 269 
PRO HB3  H N N 270 
PRO HG2  H N N 271 
PRO HG3  H N N 272 
PRO HD2  H N N 273 
PRO HD3  H N N 274 
PRO HXT  H N N 275 
SER N    N N N 276 
SER CA   C N S 277 
SER C    C N N 278 
SER O    O N N 279 
SER CB   C N N 280 
SER OG   O N N 281 
SER OXT  O N N 282 
SER H    H N N 283 
SER H2   H N N 284 
SER HA   H N N 285 
SER HB2  H N N 286 
SER HB3  H N N 287 
SER HG   H N N 288 
SER HXT  H N N 289 
THR N    N N N 290 
THR CA   C N S 291 
THR C    C N N 292 
THR O    O N N 293 
THR CB   C N R 294 
THR OG1  O N N 295 
THR CG2  C N N 296 
THR OXT  O N N 297 
THR H    H N N 298 
THR H2   H N N 299 
THR HA   H N N 300 
THR HB   H N N 301 
THR HG1  H N N 302 
THR HG21 H N N 303 
THR HG22 H N N 304 
THR HG23 H N N 305 
THR HXT  H N N 306 
TRP N    N N N 307 
TRP CA   C N S 308 
TRP C    C N N 309 
TRP O    O N N 310 
TRP CB   C N N 311 
TRP CG   C Y N 312 
TRP CD1  C Y N 313 
TRP CD2  C Y N 314 
TRP NE1  N Y N 315 
TRP CE2  C Y N 316 
TRP CE3  C Y N 317 
TRP CZ2  C Y N 318 
TRP CZ3  C Y N 319 
TRP CH2  C Y N 320 
TRP OXT  O N N 321 
TRP H    H N N 322 
TRP H2   H N N 323 
TRP HA   H N N 324 
TRP HB2  H N N 325 
TRP HB3  H N N 326 
TRP HD1  H N N 327 
TRP HE1  H N N 328 
TRP HE3  H N N 329 
TRP HZ2  H N N 330 
TRP HZ3  H N N 331 
TRP HH2  H N N 332 
TRP HXT  H N N 333 
TYR N    N N N 334 
TYR CA   C N S 335 
TYR C    C N N 336 
TYR O    O N N 337 
TYR CB   C N N 338 
TYR CG   C Y N 339 
TYR CD1  C Y N 340 
TYR CD2  C Y N 341 
TYR CE1  C Y N 342 
TYR CE2  C Y N 343 
TYR CZ   C Y N 344 
TYR OH   O N N 345 
TYR OXT  O N N 346 
TYR H    H N N 347 
TYR H2   H N N 348 
TYR HA   H N N 349 
TYR HB2  H N N 350 
TYR HB3  H N N 351 
TYR HD1  H N N 352 
TYR HD2  H N N 353 
TYR HE1  H N N 354 
TYR HE2  H N N 355 
TYR HH   H N N 356 
TYR HXT  H N N 357 
VAL N    N N N 358 
VAL CA   C N S 359 
VAL C    C N N 360 
VAL O    O N N 361 
VAL CB   C N N 362 
VAL CG1  C N N 363 
VAL CG2  C N N 364 
VAL OXT  O N N 365 
VAL H    H N N 366 
VAL H2   H N N 367 
VAL HA   H N N 368 
VAL HB   H N N 369 
VAL HG11 H N N 370 
VAL HG12 H N N 371 
VAL HG13 H N N 372 
VAL HG21 H N N 373 
VAL HG22 H N N 374 
VAL HG23 H N N 375 
VAL HXT  H N N 376 
# 
loop_
_chem_comp_bond.comp_id 
_chem_comp_bond.atom_id_1 
_chem_comp_bond.atom_id_2 
_chem_comp_bond.value_order 
_chem_comp_bond.pdbx_aromatic_flag 
_chem_comp_bond.pdbx_stereo_config 
_chem_comp_bond.pdbx_ordinal 
ALA N   CA   sing N N 1   
ALA N   H    sing N N 2   
ALA N   H2   sing N N 3   
ALA CA  C    sing N N 4   
ALA CA  CB   sing N N 5   
ALA CA  HA   sing N N 6   
ALA C   O    doub N N 7   
ALA C   OXT  sing N N 8   
ALA CB  HB1  sing N N 9   
ALA CB  HB2  sing N N 10  
ALA CB  HB3  sing N N 11  
ALA OXT HXT  sing N N 12  
ARG N   CA   sing N N 13  
ARG N   H    sing N N 14  
ARG N   H2   sing N N 15  
ARG CA  C    sing N N 16  
ARG CA  CB   sing N N 17  
ARG CA  HA   sing N N 18  
ARG C   O    doub N N 19  
ARG C   OXT  sing N N 20  
ARG CB  CG   sing N N 21  
ARG CB  HB2  sing N N 22  
ARG CB  HB3  sing N N 23  
ARG CG  CD   sing N N 24  
ARG CG  HG2  sing N N 25  
ARG CG  HG3  sing N N 26  
ARG CD  NE   sing N N 27  
ARG CD  HD2  sing N N 28  
ARG CD  HD3  sing N N 29  
ARG NE  CZ   sing N N 30  
ARG NE  HE   sing N N 31  
ARG CZ  NH1  sing N N 32  
ARG CZ  NH2  doub N N 33  
ARG NH1 HH11 sing N N 34  
ARG NH1 HH12 sing N N 35  
ARG NH2 HH21 sing N N 36  
ARG NH2 HH22 sing N N 37  
ARG OXT HXT  sing N N 38  
ASN N   CA   sing N N 39  
ASN N   H    sing N N 40  
ASN N   H2   sing N N 41  
ASN CA  C    sing N N 42  
ASN CA  CB   sing N N 43  
ASN CA  HA   sing N N 44  
ASN C   O    doub N N 45  
ASN C   OXT  sing N N 46  
ASN CB  CG   sing N N 47  
ASN CB  HB2  sing N N 48  
ASN CB  HB3  sing N N 49  
ASN CG  OD1  doub N N 50  
ASN CG  ND2  sing N N 51  
ASN ND2 HD21 sing N N 52  
ASN ND2 HD22 sing N N 53  
ASN OXT HXT  sing N N 54  
ASP N   CA   sing N N 55  
ASP N   H    sing N N 56  
ASP N   H2   sing N N 57  
ASP CA  C    sing N N 58  
ASP CA  CB   sing N N 59  
ASP CA  HA   sing N N 60  
ASP C   O    doub N N 61  
ASP C   OXT  sing N N 62  
ASP CB  CG   sing N N 63  
ASP CB  HB2  sing N N 64  
ASP CB  HB3  sing N N 65  
ASP CG  OD1  doub N N 66  
ASP CG  OD2  sing N N 67  
ASP OD2 HD2  sing N N 68  
ASP OXT HXT  sing N N 69  
GLN N   CA   sing N N 70  
GLN N   H    sing N N 71  
GLN N   H2   sing N N 72  
GLN CA  C    sing N N 73  
GLN CA  CB   sing N N 74  
GLN CA  HA   sing N N 75  
GLN C   O    doub N N 76  
GLN C   OXT  sing N N 77  
GLN CB  CG   sing N N 78  
GLN CB  HB2  sing N N 79  
GLN CB  HB3  sing N N 80  
GLN CG  CD   sing N N 81  
GLN CG  HG2  sing N N 82  
GLN CG  HG3  sing N N 83  
GLN CD  OE1  doub N N 84  
GLN CD  NE2  sing N N 85  
GLN NE2 HE21 sing N N 86  
GLN NE2 HE22 sing N N 87  
GLN OXT HXT  sing N N 88  
GLU N   CA   sing N N 89  
GLU N   H    sing N N 90  
GLU N   H2   sing N N 91  
GLU CA  C    sing N N 92  
GLU CA  CB   sing N N 93  
GLU CA  HA   sing N N 94  
GLU C   O    doub N N 95  
GLU C   OXT  sing N N 96  
GLU CB  CG   sing N N 97  
GLU CB  HB2  sing N N 98  
GLU CB  HB3  sing N N 99  
GLU CG  CD   sing N N 100 
GLU CG  HG2  sing N N 101 
GLU CG  HG3  sing N N 102 
GLU CD  OE1  doub N N 103 
GLU CD  OE2  sing N N 104 
GLU OE2 HE2  sing N N 105 
GLU OXT HXT  sing N N 106 
GLY N   CA   sing N N 107 
GLY N   H    sing N N 108 
GLY N   H2   sing N N 109 
GLY CA  C    sing N N 110 
GLY CA  HA2  sing N N 111 
GLY CA  HA3  sing N N 112 
GLY C   O    doub N N 113 
GLY C   OXT  sing N N 114 
GLY OXT HXT  sing N N 115 
HIS N   CA   sing N N 116 
HIS N   H    sing N N 117 
HIS N   H2   sing N N 118 
HIS CA  C    sing N N 119 
HIS CA  CB   sing N N 120 
HIS CA  HA   sing N N 121 
HIS C   O    doub N N 122 
HIS C   OXT  sing N N 123 
HIS CB  CG   sing N N 124 
HIS CB  HB2  sing N N 125 
HIS CB  HB3  sing N N 126 
HIS CG  ND1  sing Y N 127 
HIS CG  CD2  doub Y N 128 
HIS ND1 CE1  doub Y N 129 
HIS ND1 HD1  sing N N 130 
HIS CD2 NE2  sing Y N 131 
HIS CD2 HD2  sing N N 132 
HIS CE1 NE2  sing Y N 133 
HIS CE1 HE1  sing N N 134 
HIS NE2 HE2  sing N N 135 
HIS OXT HXT  sing N N 136 
HOH O   H1   sing N N 137 
HOH O   H2   sing N N 138 
ILE N   CA   sing N N 139 
ILE N   H    sing N N 140 
ILE N   H2   sing N N 141 
ILE CA  C    sing N N 142 
ILE CA  CB   sing N N 143 
ILE CA  HA   sing N N 144 
ILE C   O    doub N N 145 
ILE C   OXT  sing N N 146 
ILE CB  CG1  sing N N 147 
ILE CB  CG2  sing N N 148 
ILE CB  HB   sing N N 149 
ILE CG1 CD1  sing N N 150 
ILE CG1 HG12 sing N N 151 
ILE CG1 HG13 sing N N 152 
ILE CG2 HG21 sing N N 153 
ILE CG2 HG22 sing N N 154 
ILE CG2 HG23 sing N N 155 
ILE CD1 HD11 sing N N 156 
ILE CD1 HD12 sing N N 157 
ILE CD1 HD13 sing N N 158 
ILE OXT HXT  sing N N 159 
LEU N   CA   sing N N 160 
LEU N   H    sing N N 161 
LEU N   H2   sing N N 162 
LEU CA  C    sing N N 163 
LEU CA  CB   sing N N 164 
LEU CA  HA   sing N N 165 
LEU C   O    doub N N 166 
LEU C   OXT  sing N N 167 
LEU CB  CG   sing N N 168 
LEU CB  HB2  sing N N 169 
LEU CB  HB3  sing N N 170 
LEU CG  CD1  sing N N 171 
LEU CG  CD2  sing N N 172 
LEU CG  HG   sing N N 173 
LEU CD1 HD11 sing N N 174 
LEU CD1 HD12 sing N N 175 
LEU CD1 HD13 sing N N 176 
LEU CD2 HD21 sing N N 177 
LEU CD2 HD22 sing N N 178 
LEU CD2 HD23 sing N N 179 
LEU OXT HXT  sing N N 180 
LYS N   CA   sing N N 181 
LYS N   H    sing N N 182 
LYS N   H2   sing N N 183 
LYS CA  C    sing N N 184 
LYS CA  CB   sing N N 185 
LYS CA  HA   sing N N 186 
LYS C   O    doub N N 187 
LYS C   OXT  sing N N 188 
LYS CB  CG   sing N N 189 
LYS CB  HB2  sing N N 190 
LYS CB  HB3  sing N N 191 
LYS CG  CD   sing N N 192 
LYS CG  HG2  sing N N 193 
LYS CG  HG3  sing N N 194 
LYS CD  CE   sing N N 195 
LYS CD  HD2  sing N N 196 
LYS CD  HD3  sing N N 197 
LYS CE  NZ   sing N N 198 
LYS CE  HE2  sing N N 199 
LYS CE  HE3  sing N N 200 
LYS NZ  HZ1  sing N N 201 
LYS NZ  HZ2  sing N N 202 
LYS NZ  HZ3  sing N N 203 
LYS OXT HXT  sing N N 204 
MET N   CA   sing N N 205 
MET N   H    sing N N 206 
MET N   H2   sing N N 207 
MET CA  C    sing N N 208 
MET CA  CB   sing N N 209 
MET CA  HA   sing N N 210 
MET C   O    doub N N 211 
MET C   OXT  sing N N 212 
MET CB  CG   sing N N 213 
MET CB  HB2  sing N N 214 
MET CB  HB3  sing N N 215 
MET CG  SD   sing N N 216 
MET CG  HG2  sing N N 217 
MET CG  HG3  sing N N 218 
MET SD  CE   sing N N 219 
MET CE  HE1  sing N N 220 
MET CE  HE2  sing N N 221 
MET CE  HE3  sing N N 222 
MET OXT HXT  sing N N 223 
PHE N   CA   sing N N 224 
PHE N   H    sing N N 225 
PHE N   H2   sing N N 226 
PHE CA  C    sing N N 227 
PHE CA  CB   sing N N 228 
PHE CA  HA   sing N N 229 
PHE C   O    doub N N 230 
PHE C   OXT  sing N N 231 
PHE CB  CG   sing N N 232 
PHE CB  HB2  sing N N 233 
PHE CB  HB3  sing N N 234 
PHE CG  CD1  doub Y N 235 
PHE CG  CD2  sing Y N 236 
PHE CD1 CE1  sing Y N 237 
PHE CD1 HD1  sing N N 238 
PHE CD2 CE2  doub Y N 239 
PHE CD2 HD2  sing N N 240 
PHE CE1 CZ   doub Y N 241 
PHE CE1 HE1  sing N N 242 
PHE CE2 CZ   sing Y N 243 
PHE CE2 HE2  sing N N 244 
PHE CZ  HZ   sing N N 245 
PHE OXT HXT  sing N N 246 
PRO N   CA   sing N N 247 
PRO N   CD   sing N N 248 
PRO N   H    sing N N 249 
PRO CA  C    sing N N 250 
PRO CA  CB   sing N N 251 
PRO CA  HA   sing N N 252 
PRO C   O    doub N N 253 
PRO C   OXT  sing N N 254 
PRO CB  CG   sing N N 255 
PRO CB  HB2  sing N N 256 
PRO CB  HB3  sing N N 257 
PRO CG  CD   sing N N 258 
PRO CG  HG2  sing N N 259 
PRO CG  HG3  sing N N 260 
PRO CD  HD2  sing N N 261 
PRO CD  HD3  sing N N 262 
PRO OXT HXT  sing N N 263 
SER N   CA   sing N N 264 
SER N   H    sing N N 265 
SER N   H2   sing N N 266 
SER CA  C    sing N N 267 
SER CA  CB   sing N N 268 
SER CA  HA   sing N N 269 
SER C   O    doub N N 270 
SER C   OXT  sing N N 271 
SER CB  OG   sing N N 272 
SER CB  HB2  sing N N 273 
SER CB  HB3  sing N N 274 
SER OG  HG   sing N N 275 
SER OXT HXT  sing N N 276 
THR N   CA   sing N N 277 
THR N   H    sing N N 278 
THR N   H2   sing N N 279 
THR CA  C    sing N N 280 
THR CA  CB   sing N N 281 
THR CA  HA   sing N N 282 
THR C   O    doub N N 283 
THR C   OXT  sing N N 284 
THR CB  OG1  sing N N 285 
THR CB  CG2  sing N N 286 
THR CB  HB   sing N N 287 
THR OG1 HG1  sing N N 288 
THR CG2 HG21 sing N N 289 
THR CG2 HG22 sing N N 290 
THR CG2 HG23 sing N N 291 
THR OXT HXT  sing N N 292 
TRP N   CA   sing N N 293 
TRP N   H    sing N N 294 
TRP N   H2   sing N N 295 
TRP CA  C    sing N N 296 
TRP CA  CB   sing N N 297 
TRP CA  HA   sing N N 298 
TRP C   O    doub N N 299 
TRP C   OXT  sing N N 300 
TRP CB  CG   sing N N 301 
TRP CB  HB2  sing N N 302 
TRP CB  HB3  sing N N 303 
TRP CG  CD1  doub Y N 304 
TRP CG  CD2  sing Y N 305 
TRP CD1 NE1  sing Y N 306 
TRP CD1 HD1  sing N N 307 
TRP CD2 CE2  doub Y N 308 
TRP CD2 CE3  sing Y N 309 
TRP NE1 CE2  sing Y N 310 
TRP NE1 HE1  sing N N 311 
TRP CE2 CZ2  sing Y N 312 
TRP CE3 CZ3  doub Y N 313 
TRP CE3 HE3  sing N N 314 
TRP CZ2 CH2  doub Y N 315 
TRP CZ2 HZ2  sing N N 316 
TRP CZ3 CH2  sing Y N 317 
TRP CZ3 HZ3  sing N N 318 
TRP CH2 HH2  sing N N 319 
TRP OXT HXT  sing N N 320 
TYR N   CA   sing N N 321 
TYR N   H    sing N N 322 
TYR N   H2   sing N N 323 
TYR CA  C    sing N N 324 
TYR CA  CB   sing N N 325 
TYR CA  HA   sing N N 326 
TYR C   O    doub N N 327 
TYR C   OXT  sing N N 328 
TYR CB  CG   sing N N 329 
TYR CB  HB2  sing N N 330 
TYR CB  HB3  sing N N 331 
TYR CG  CD1  doub Y N 332 
TYR CG  CD2  sing Y N 333 
TYR CD1 CE1  sing Y N 334 
TYR CD1 HD1  sing N N 335 
TYR CD2 CE2  doub Y N 336 
TYR CD2 HD2  sing N N 337 
TYR CE1 CZ   doub Y N 338 
TYR CE1 HE1  sing N N 339 
TYR CE2 CZ   sing Y N 340 
TYR CE2 HE2  sing N N 341 
TYR CZ  OH   sing N N 342 
TYR OH  HH   sing N N 343 
TYR OXT HXT  sing N N 344 
VAL N   CA   sing N N 345 
VAL N   H    sing N N 346 
VAL N   H2   sing N N 347 
VAL CA  C    sing N N 348 
VAL CA  CB   sing N N 349 
VAL CA  HA   sing N N 350 
VAL C   O    doub N N 351 
VAL C   OXT  sing N N 352 
VAL CB  CG1  sing N N 353 
VAL CB  CG2  sing N N 354 
VAL CB  HB   sing N N 355 
VAL CG1 HG11 sing N N 356 
VAL CG1 HG12 sing N N 357 
VAL CG1 HG13 sing N N 358 
VAL CG2 HG21 sing N N 359 
VAL CG2 HG22 sing N N 360 
VAL CG2 HG23 sing N N 361 
VAL OXT HXT  sing N N 362 
# 
loop_
_pdbx_audit_support.funding_organization 
_pdbx_audit_support.country 
_pdbx_audit_support.grant_number 
_pdbx_audit_support.ordinal 
'Agencia de Innovacion y Desarrollo de Andalucia' Spain P09-CVI-5063         1 
'Spanish Ministry of Economy and Competitiveness' Spain BIO2012-39922-C02-02 2 
# 
_pdbx_initial_refinement_model.id               1 
_pdbx_initial_refinement_model.entity_id_list   ? 
_pdbx_initial_refinement_model.type             'experimental model' 
_pdbx_initial_refinement_model.source_name      PDB 
_pdbx_initial_refinement_model.accession_code   4JZ4 
_pdbx_initial_refinement_model.details          ? 
# 
_atom_sites.entry_id                    5ECA 
_atom_sites.fract_transf_matrix[1][1]   0.01169412 
_atom_sites.fract_transf_matrix[1][2]   0.01551506 
_atom_sites.fract_transf_matrix[1][3]   0.01489298 
_atom_sites.fract_transf_matrix[2][1]   -0.01552968 
_atom_sites.fract_transf_matrix[2][2]   0.00783819 
_atom_sites.fract_transf_matrix[2][3]   0.00402847 
_atom_sites.fract_transf_matrix[3][1]   -0.00238075 
_atom_sites.fract_transf_matrix[3][2]   -0.01222122 
_atom_sites.fract_transf_matrix[3][3]   0.01460108 
_atom_sites.fract_transf_vector[1]      0.227873 
_atom_sites.fract_transf_vector[2]      0.200065 
_atom_sites.fract_transf_vector[3]      -0.044016 
# 
loop_
_atom_type.symbol 
C 
H 
N 
O 
S 
# 
loop_
_atom_site.group_PDB 
_atom_site.id 
_atom_site.type_symbol 
_atom_site.label_atom_id 
_atom_site.label_alt_id 
_atom_site.label_comp_id 
_atom_site.label_asym_id 
_atom_site.label_entity_id 
_atom_site.label_seq_id 
_atom_site.pdbx_PDB_ins_code 
_atom_site.Cartn_x 
_atom_site.Cartn_y 
_atom_site.Cartn_z 
_atom_site.occupancy 
_atom_site.B_iso_or_equiv 
_atom_site.pdbx_formal_charge 
_atom_site.auth_seq_id 
_atom_site.auth_comp_id 
_atom_site.auth_asym_id 
_atom_site.auth_atom_id 
_atom_site.pdbx_PDB_model_num 
ATOM   1   N N    . SER A 1 1  ? -9.690  8.860   8.593   1.00 26.36 ? 82  SER A N    1 
ATOM   2   C CA   . SER A 1 1  ? -8.392  8.520   9.157   1.00 24.18 ? 82  SER A CA   1 
ATOM   3   C C    . SER A 1 1  ? -8.054  7.052   8.895   1.00 22.95 ? 82  SER A C    1 
ATOM   4   O O    . SER A 1 1  ? -7.068  6.787   8.241   1.00 22.68 ? 82  SER A O    1 
ATOM   5   C CB   . SER A 1 1  ? -8.342  8.845   10.649  1.00 23.32 ? 82  SER A CB   1 
ATOM   6   O OG   . SER A 1 1  ? -7.079  8.522   11.172  1.00 21.51 ? 82  SER A OG   1 
ATOM   7   H HA   . SER A 1 1  ? -7.715  9.059   8.718   1.00 29.02 ? 82  SER A HA   1 
ATOM   8   H HB2  . SER A 1 1  ? -8.504  9.793   10.774  1.00 27.99 ? 82  SER A HB2  1 
ATOM   9   H HB3  . SER A 1 1  ? -9.020  8.327   11.111  1.00 27.99 ? 82  SER A HB3  1 
ATOM   10  H HG   . SER A 1 1  ? -7.053  8.701   11.993  1.00 25.81 ? 82  SER A HG   1 
ATOM   11  N N    . HIS A 1 2  ? -8.866  6.113   9.390   1.00 22.59 ? 83  HIS A N    1 
ATOM   12  C CA   . HIS A 1 2  ? -8.735  4.717   8.976   1.00 21.85 ? 83  HIS A CA   1 
ATOM   13  C C    . HIS A 1 2  ? -9.123  4.596   7.512   1.00 17.82 ? 83  HIS A C    1 
ATOM   14  O O    . HIS A 1 2  ? -10.238 4.956   7.119   1.00 18.70 ? 83  HIS A O    1 
ATOM   15  C CB   . HIS A 1 2  ? -9.632  3.811   9.814   1.00 26.31 ? 83  HIS A CB   1 
ATOM   16  C CG   . HIS A 1 2  ? -9.002  3.334   11.083  1.00 29.05 ? 83  HIS A CG   1 
ATOM   17  N ND1  . HIS A 1 2  ? -8.865  4.138   12.193  1.00 30.33 ? 83  HIS A ND1  1 
ATOM   18  C CD2  . HIS A 1 2  ? -8.475  2.133   11.421  1.00 29.84 ? 83  HIS A CD2  1 
ATOM   19  C CE1  . HIS A 1 2  ? -8.283  3.453   13.161  1.00 30.58 ? 83  HIS A CE1  1 
ATOM   20  N NE2  . HIS A 1 2  ? -8.036  2.234   12.718  1.00 30.54 ? 83  HIS A NE2  1 
ATOM   21  H H    . HIS A 1 2  ? -9.492  6.257   9.961   1.00 27.10 ? 83  HIS A H    1 
ATOM   22  H HA   . HIS A 1 2  ? -7.815  4.428   9.081   1.00 26.22 ? 83  HIS A HA   1 
ATOM   23  H HB2  . HIS A 1 2  ? -10.437 4.300   10.049  1.00 31.58 ? 83  HIS A HB2  1 
ATOM   24  H HB3  . HIS A 1 2  ? -9.865  3.031   9.288   1.00 31.58 ? 83  HIS A HB3  1 
ATOM   25  H HD2  . HIS A 1 2  ? -8.422  1.380   10.877  1.00 35.80 ? 83  HIS A HD2  1 
ATOM   26  H HE1  . HIS A 1 2  ? -8.080  3.775   14.008  1.00 36.70 ? 83  HIS A HE1  1 
ATOM   27  H HE2  . HIS A 1 2  ? -7.658  1.605   13.168  1.00 36.65 ? 83  HIS A HE2  1 
ATOM   28  N N    . MET A 1 3  ? -8.204  4.095   6.708   1.00 14.36 ? 84  MET A N    1 
ATOM   29  C CA   . MET A 1 3  ? -8.397  4.025   5.271   1.00 13.18 ? 84  MET A CA   1 
ATOM   30  C C    . MET A 1 3  ? -7.761  2.718   4.827   1.00 11.70 ? 84  MET A C    1 
ATOM   31  O O    . MET A 1 3  ? -6.637  2.689   4.324   1.00 11.36 ? 84  MET A O    1 
ATOM   32  C CB   . MET A 1 3  ? -7.765  5.238   4.601   1.00 14.46 ? 84  MET A CB   1 
ATOM   33  C CG   . MET A 1 3  ? -7.998  5.293   3.111   1.00 15.98 ? 84  MET A CG   1 
ATOM   34  S SD   . MET A 1 3  ? -7.403  6.815   2.366   1.00 19.21 ? 84  MET A SD   1 
ATOM   35  C CE   . MET A 1 3  ? -8.696  7.976   2.794   1.00 20.96 ? 84  MET A CE   1 
ATOM   36  H H    . MET A 1 3  ? -7.448  3.786   6.974   1.00 17.23 ? 84  MET A H    1 
ATOM   37  H HA   . MET A 1 3  ? -9.345  4.015   5.067   1.00 15.82 ? 84  MET A HA   1 
ATOM   38  H HB2  . MET A 1 3  ? -8.141  6.043   4.991   1.00 17.36 ? 84  MET A HB2  1 
ATOM   39  H HB3  . MET A 1 3  ? -6.807  5.215   4.752   1.00 17.36 ? 84  MET A HB3  1 
ATOM   40  H HG2  . MET A 1 3  ? -7.533  4.552   2.692   1.00 19.18 ? 84  MET A HG2  1 
ATOM   41  H HG3  . MET A 1 3  ? -8.950  5.227   2.939   1.00 19.18 ? 84  MET A HG3  1 
ATOM   42  H HE1  . MET A 1 3  ? -8.469  8.848   2.433   1.00 25.15 ? 84  MET A HE1  1 
ATOM   43  H HE2  . MET A 1 3  ? -9.534  7.668   2.415   1.00 25.15 ? 84  MET A HE2  1 
ATOM   44  H HE3  . MET A 1 3  ? -8.767  8.026   3.760   1.00 25.15 ? 84  MET A HE3  1 
ATOM   45  N N    . THR A 1 4  ? -8.488  1.622   5.027   1.00 11.78 ? 85  THR A N    1 
ATOM   46  C CA   . THR A 1 4  ? -7.935  0.295   4.788   1.00 11.62 ? 85  THR A CA   1 
ATOM   47  C C    . THR A 1 4  ? -8.143  -0.104  3.336   1.00 11.57 ? 85  THR A C    1 
ATOM   48  O O    . THR A 1 4  ? -9.246  0.016   2.794   1.00 12.14 ? 85  THR A O    1 
ATOM   49  C CB   . THR A 1 4  ? -8.559  -0.751  5.709   1.00 13.10 ? 85  THR A CB   1 
ATOM   50  O OG1  . THR A 1 4  ? -8.546  -0.253  7.052   1.00 14.05 ? 85  THR A OG1  1 
ATOM   51  C CG2  . THR A 1 4  ? -7.768  -2.059  5.644   1.00 14.30 ? 85  THR A CG2  1 
ATOM   52  H H    . THR A 1 4  ? -9.304  1.622   5.300   1.00 14.14 ? 85  THR A H    1 
ATOM   53  H HA   . THR A 1 4  ? -6.981  0.315   4.960   1.00 13.94 ? 85  THR A HA   1 
ATOM   54  H HB   . THR A 1 4  ? -9.474  -0.927  5.435   1.00 15.72 ? 85  THR A HB   1 
ATOM   55  H HG1  . THR A 1 4  ? -7.756  -0.101  7.294   1.00 16.86 ? 85  THR A HG1  1 
ATOM   56  H HG21 . THR A 1 4  ? -8.169  -2.719  6.232   1.00 17.16 ? 85  THR A HG21 1 
ATOM   57  H HG22 . THR A 1 4  ? -7.768  -2.401  4.737   1.00 17.16 ? 85  THR A HG22 1 
ATOM   58  H HG23 . THR A 1 4  ? -6.851  -1.905  5.923   1.00 17.16 ? 85  THR A HG23 1 
ATOM   59  N N    . PHE A 1 5  ? -7.067  -0.564  2.715   1.00 10.88 ? 86  PHE A N    1 
ATOM   60  C CA   . PHE A 1 5  ? -7.095  -1.081  1.366   1.00 10.49 ? 86  PHE A CA   1 
ATOM   61  C C    . PHE A 1 5  ? -6.479  -2.468  1.374   1.00 10.46 ? 86  PHE A C    1 
ATOM   62  O O    . PHE A 1 5  ? -5.698  -2.817  2.259   1.00 11.80 ? 86  PHE A O    1 
ATOM   63  C CB   . PHE A 1 5  ? -6.322  -0.147  0.419   1.00 10.71 ? 86  PHE A CB   1 
ATOM   64  C CG   . PHE A 1 5  ? -7.139  1.000   -0.105  1.00 10.75 ? 86  PHE A CG   1 
ATOM   65  C CD1  . PHE A 1 5  ? -7.655  1.958   0.744   1.00 11.63 ? 86  PHE A CD1  1 
ATOM   66  C CD2  . PHE A 1 5  ? -7.377  1.122   -1.467  1.00 11.23 ? 86  PHE A CD2  1 
ATOM   67  C CE1  . PHE A 1 5  ? -8.396  3.008   0.247   1.00 12.61 ? 86  PHE A CE1  1 
ATOM   68  C CE2  . PHE A 1 5  ? -8.117  2.174   -1.968  1.00 12.48 ? 86  PHE A CE2  1 
ATOM   69  C CZ   . PHE A 1 5  ? -8.627  3.112   -1.110  1.00 12.84 ? 86  PHE A CZ   1 
ATOM   70  H H    . PHE A 1 5  ? -6.285  -0.585  3.072   1.00 13.06 ? 86  PHE A H    1 
ATOM   71  H HA   . PHE A 1 5  ? -8.013  -1.148  1.058   1.00 12.58 ? 86  PHE A HA   1 
ATOM   72  H HB2  . PHE A 1 5  ? -5.563  0.224   0.896   1.00 12.85 ? 86  PHE A HB2  1 
ATOM   73  H HB3  . PHE A 1 5  ? -6.012  -0.662  -0.342  1.00 12.85 ? 86  PHE A HB3  1 
ATOM   74  H HD1  . PHE A 1 5  ? -7.503  1.892   1.660   1.00 13.96 ? 86  PHE A HD1  1 
ATOM   75  H HD2  . PHE A 1 5  ? -7.032  0.486   -2.050  1.00 13.48 ? 86  PHE A HD2  1 
ATOM   76  H HE1  . PHE A 1 5  ? -8.743  3.647   0.826   1.00 15.14 ? 86  PHE A HE1  1 
ATOM   77  H HE2  . PHE A 1 5  ? -8.272  2.243   -2.882  1.00 14.98 ? 86  PHE A HE2  1 
ATOM   78  H HZ   . PHE A 1 5  ? -9.128  3.822   -1.442  1.00 15.41 ? 86  PHE A HZ   1 
ATOM   79  N N    . VAL A 1 6  ? -6.839  -3.264  0.377   1.00 9.77  ? 87  VAL A N    1 
ATOM   80  C CA   . VAL A 1 6  ? -6.281  -4.596  0.218   1.00 9.16  ? 87  VAL A CA   1 
ATOM   81  C C    . VAL A 1 6  ? -5.495  -4.652  -1.079  1.00 8.14  ? 87  VAL A C    1 
ATOM   82  O O    . VAL A 1 6  ? -5.918  -4.100  -2.102  1.00 8.52  ? 87  VAL A O    1 
ATOM   83  C CB   . VAL A 1 6  ? -7.371  -5.684  0.267   1.00 9.81  ? 87  VAL A CB   1 
ATOM   84  C CG1  . VAL A 1 6  ? -8.350  -5.559  -0.889  1.00 10.70 ? 87  VAL A CG1  1 
ATOM   85  C CG2  . VAL A 1 6  ? -6.752  -7.077  0.283   1.00 9.43  ? 87  VAL A CG2  1 
ATOM   86  H H    . VAL A 1 6  ? -7.413  -3.052  -0.229  1.00 11.73 ? 87  VAL A H    1 
ATOM   87  H HA   . VAL A 1 6  ? -5.663  -4.764  0.947   1.00 10.99 ? 87  VAL A HA   1 
ATOM   88  H HB   . VAL A 1 6  ? -7.875  -5.579  1.088   1.00 11.77 ? 87  VAL A HB   1 
ATOM   89  H HG11 . VAL A 1 6  ? -9.015  -6.261  -0.817  1.00 12.84 ? 87  VAL A HG11 1 
ATOM   90  H HG12 . VAL A 1 6  ? -8.780  -4.690  -0.845  1.00 12.84 ? 87  VAL A HG12 1 
ATOM   91  H HG13 . VAL A 1 6  ? -7.864  -5.646  -1.724  1.00 12.84 ? 87  VAL A HG13 1 
ATOM   92  H HG21 . VAL A 1 6  ? -7.462  -7.737  0.314   1.00 11.31 ? 87  VAL A HG21 1 
ATOM   93  H HG22 . VAL A 1 6  ? -6.223  -7.197  -0.520  1.00 11.31 ? 87  VAL A HG22 1 
ATOM   94  H HG23 . VAL A 1 6  ? -6.188  -7.162  1.067   1.00 11.31 ? 87  VAL A HG23 1 
ATOM   95  N N    . ALA A 1 7  ? -4.351  -5.320  -1.024  1.00 8.51  ? 88  ALA A N    1 
ATOM   96  C CA   . ALA A 1 7  ? -3.519  -5.500  -2.201  1.00 8.23  ? 88  ALA A CA   1 
ATOM   97  C C    . ALA A 1 7  ? -4.148  -6.515  -3.151  1.00 7.70  ? 88  ALA A C    1 
ATOM   98  O O    . ALA A 1 7  ? -4.473  -7.645  -2.767  1.00 8.41  ? 88  ALA A O    1 
ATOM   99  C CB   . ALA A 1 7  ? -2.145  -5.981  -1.784  1.00 8.67  ? 88  ALA A CB   1 
ATOM   100 H H    . ALA A 1 7  ? -4.033  -5.680  -0.312  1.00 10.21 ? 88  ALA A H    1 
ATOM   101 H HA   . ALA A 1 7  ? -3.425  -4.654  -2.667  1.00 9.88  ? 88  ALA A HA   1 
ATOM   102 H HB1  . ALA A 1 7  ? -1.598  -6.098  -2.576  1.00 10.41 ? 88  ALA A HB1  1 
ATOM   103 H HB2  . ALA A 1 7  ? -1.743  -5.319  -1.199  1.00 10.41 ? 88  ALA A HB2  1 
ATOM   104 H HB3  . ALA A 1 7  ? -2.236  -6.826  -1.317  1.00 10.41 ? 88  ALA A HB3  1 
ATOM   105 N N    . LEU A 1 8  ? -4.288  -6.113  -4.411  1.00 7.61  ? 89  LEU A N    1 
ATOM   106 C CA   . LEU A 1 8  ? -4.871  -6.948  -5.451  1.00 8.26  ? 89  LEU A CA   1 
ATOM   107 C C    . LEU A 1 8  ? -3.849  -7.845  -6.119  1.00 8.07  ? 89  LEU A C    1 
ATOM   108 O O    . LEU A 1 8  ? -4.231  -8.850  -6.726  1.00 9.14  ? 89  LEU A O    1 
ATOM   109 C CB   . LEU A 1 8  ? -5.486  -6.044  -6.511  1.00 9.33  ? 89  LEU A CB   1 
ATOM   110 C CG   . LEU A 1 8  ? -6.555  -5.084  -6.004  1.00 9.94  ? 89  LEU A CG   1 
ATOM   111 C CD1  . LEU A 1 8  ? -7.003  -4.206  -7.153  1.00 11.31 ? 89  LEU A CD1  1 
ATOM   112 C CD2  . LEU A 1 8  ? -7.731  -5.808  -5.357  1.00 10.68 ? 89  LEU A CD2  1 
ATOM   113 H H    . LEU A 1 8  ? -4.046  -5.338  -4.693  1.00 9.13  ? 89  LEU A H    1 
ATOM   114 H HA   . LEU A 1 8  ? -5.570  -7.503  -5.072  1.00 9.91  ? 89  LEU A HA   1 
ATOM   115 H HB2  . LEU A 1 8  ? -4.780  -5.510  -6.908  1.00 11.19 ? 89  LEU A HB2  1 
ATOM   116 H HB3  . LEU A 1 8  ? -5.893  -6.601  -7.192  1.00 11.19 ? 89  LEU A HB3  1 
ATOM   117 H HG   . LEU A 1 8  ? -6.160  -4.508  -5.331  1.00 11.92 ? 89  LEU A HG   1 
ATOM   118 H HD11 . LEU A 1 8  ? -7.685  -3.594  -6.836  1.00 13.57 ? 89  LEU A HD11 1 
ATOM   119 H HD12 . LEU A 1 8  ? -6.240  -3.710  -7.487  1.00 13.57 ? 89  LEU A HD12 1 
ATOM   120 H HD13 . LEU A 1 8  ? -7.366  -4.768  -7.856  1.00 13.57 ? 89  LEU A HD13 1 
ATOM   121 H HD21 . LEU A 1 8  ? -8.378  -5.152  -5.054  1.00 12.81 ? 89  LEU A HD21 1 
ATOM   122 H HD22 . LEU A 1 8  ? -8.138  -6.397  -6.012  1.00 12.81 ? 89  LEU A HD22 1 
ATOM   123 H HD23 . LEU A 1 8  ? -7.407  -6.325  -4.603  1.00 12.81 ? 89  LEU A HD23 1 
ATOM   124 N N    . TYR A 1 9  ? -2.571  -7.482  -6.025  1.00 8.33  ? 90  TYR A N    1 
ATOM   125 C CA   . TYR A 1 9  ? -1.466  -8.181  -6.661  1.00 9.08  ? 90  TYR A CA   1 
ATOM   126 C C    . TYR A 1 9  ? -0.266  -8.062  -5.739  1.00 8.96  ? 90  TYR A C    1 
ATOM   127 O O    . TYR A 1 9  ? -0.188  -7.144  -4.924  1.00 9.73  ? 90  TYR A O    1 
ATOM   128 C CB   . TYR A 1 9  ? -1.085  -7.539  -8.005  1.00 9.85  ? 90  TYR A CB   1 
ATOM   129 C CG   . TYR A 1 9  ? -2.253  -7.394  -8.952  1.00 10.24 ? 90  TYR A CG   1 
ATOM   130 C CD1  . TYR A 1 9  ? -2.641  -8.449  -9.766  1.00 10.50 ? 90  TYR A CD1  1 
ATOM   131 C CD2  . TYR A 1 9  ? -3.008  -6.230  -8.988  1.00 11.40 ? 90  TYR A CD2  1 
ATOM   132 C CE1  . TYR A 1 9  ? -3.734  -8.346  -10.606 1.00 11.34 ? 90  TYR A CE1  1 
ATOM   133 C CE2  . TYR A 1 9  ? -4.095  -6.114  -9.827  1.00 11.64 ? 90  TYR A CE2  1 
ATOM   134 C CZ   . TYR A 1 9  ? -4.456  -7.176  -10.628 1.00 12.03 ? 90  TYR A CZ   1 
ATOM   135 O OH   . TYR A 1 9  ? -5.547  -7.078  -11.463 1.00 13.77 ? 90  TYR A OH   1 
ATOM   136 H H    . TYR A 1 9  ? -2.312  -6.798  -5.573  1.00 10.00 ? 90  TYR A H    1 
ATOM   137 H HA   . TYR A 1 9  ? -1.684  -9.116  -6.795  1.00 10.89 ? 90  TYR A HA   1 
ATOM   138 H HB2  . TYR A 1 9  ? -0.725  -6.654  -7.839  1.00 11.83 ? 90  TYR A HB2  1 
ATOM   139 H HB3  . TYR A 1 9  ? -0.417  -8.092  -8.439  1.00 11.83 ? 90  TYR A HB3  1 
ATOM   140 H HD1  . TYR A 1 9  ? -2.156  -9.243  -9.744  1.00 12.60 ? 90  TYR A HD1  1 
ATOM   141 H HD2  . TYR A 1 9  ? -2.771  -5.514  -8.444  1.00 13.68 ? 90  TYR A HD2  1 
ATOM   142 H HE1  . TYR A 1 9  ? -3.978  -9.059  -11.150 1.00 13.61 ? 90  TYR A HE1  1 
ATOM   143 H HE2  . TYR A 1 9  ? -4.590  -5.327  -9.844  1.00 13.96 ? 90  TYR A HE2  1 
ATOM   144 H HH   . TYR A 1 9  ? -5.648  -7.795  -11.889 1.00 16.53 ? 90  TYR A HH   1 
ATOM   145 N N    . ASP A 1 10 ? 0.687   -8.978  -5.895  1.00 9.43  ? 91  ASP A N    1 
ATOM   146 C CA   . ASP A 1 10 ? 1.992   -8.812  -5.269  1.00 10.11 ? 91  ASP A CA   1 
ATOM   147 C C    . ASP A 1 10 ? 2.698   -7.597  -5.859  1.00 9.60  ? 91  ASP A C    1 
ATOM   148 O O    . ASP A 1 10 ? 2.557   -7.279  -7.046  1.00 10.48 ? 91  ASP A O    1 
ATOM   149 C CB   . ASP A 1 10 ? 2.905   -10.002 -5.558  1.00 11.12 ? 91  ASP A CB   1 
ATOM   150 C CG   . ASP A 1 10 ? 2.462   -11.299 -4.912  1.00 13.37 ? 91  ASP A CG   1 
ATOM   151 O OD1  . ASP A 1 10 ? 1.693   -11.321 -3.943  1.00 12.93 ? 91  ASP A OD1  1 
ATOM   152 O OD2  . ASP A 1 10 ? 2.946   -12.343 -5.395  1.00 17.52 ? 91  ASP A OD2  1 
ATOM   153 H H    . ASP A 1 10 ? 0.603   -9.700  -6.357  1.00 11.32 ? 91  ASP A H    1 
ATOM   154 H HA   . ASP A 1 10 ? 1.898   -8.698  -4.310  1.00 12.13 ? 91  ASP A HA   1 
ATOM   155 H HB2  . ASP A 1 10 ? 2.934   -10.145 -6.516  1.00 13.34 ? 91  ASP A HB2  1 
ATOM   156 H HB3  . ASP A 1 10 ? 3.794   -9.798  -5.229  1.00 13.34 ? 91  ASP A HB3  1 
ATOM   157 N N    . TYR A 1 11 ? 3.530   -6.955  -5.045  1.00 9.42  ? 92  TYR A N    1 
ATOM   158 C CA   . TYR A 1 11 ? 4.388   -5.884  -5.528  1.00 9.49  ? 92  TYR A CA   1 
ATOM   159 C C    . TYR A 1 11 ? 5.710   -5.962  -4.786  1.00 9.43  ? 92  TYR A C    1 
ATOM   160 O O    . TYR A 1 11 ? 5.745   -5.862  -3.555  1.00 9.85  ? 92  TYR A O    1 
ATOM   161 C CB   . TYR A 1 11 ? 3.739   -4.523  -5.301  1.00 9.35  ? 92  TYR A CB   1 
ATOM   162 C CG   . TYR A 1 11 ? 4.607   -3.364  -5.699  1.00 9.32  ? 92  TYR A CG   1 
ATOM   163 C CD1  . TYR A 1 11 ? 4.754   -3.009  -7.025  1.00 10.17 ? 92  TYR A CD1  1 
ATOM   164 C CD2  . TYR A 1 11 ? 5.301   -2.643  -4.745  1.00 9.88  ? 92  TYR A CD2  1 
ATOM   165 C CE1  . TYR A 1 11 ? 5.565   -1.944  -7.390  1.00 10.70 ? 92  TYR A CE1  1 
ATOM   166 C CE2  . TYR A 1 11 ? 6.116   -1.591  -5.093  1.00 10.51 ? 92  TYR A CE2  1 
ATOM   167 C CZ   . TYR A 1 11 ? 6.246   -1.235  -6.423  1.00 11.11 ? 92  TYR A CZ   1 
ATOM   168 O OH   . TYR A 1 11 ? 7.061   -0.190  -6.796  1.00 12.28 ? 92  TYR A OH   1 
ATOM   169 H H    . TYR A 1 11 ? 3.616   -7.124  -4.206  1.00 11.30 ? 92  TYR A H    1 
ATOM   170 H HA   . TYR A 1 11 ? 4.554   -5.998  -6.478  1.00 11.39 ? 92  TYR A HA   1 
ATOM   171 H HB2  . TYR A 1 11 ? 2.922   -4.475  -5.823  1.00 11.23 ? 92  TYR A HB2  1 
ATOM   172 H HB3  . TYR A 1 11 ? 3.532   -4.429  -4.357  1.00 11.23 ? 92  TYR A HB3  1 
ATOM   173 H HD1  . TYR A 1 11 ? 4.297   -3.482  -7.681  1.00 12.20 ? 92  TYR A HD1  1 
ATOM   174 H HD2  . TYR A 1 11 ? 5.218   -2.876  -3.849  1.00 11.86 ? 92  TYR A HD2  1 
ATOM   175 H HE1  . TYR A 1 11 ? 5.654   -1.714  -8.286  1.00 12.84 ? 92  TYR A HE1  1 
ATOM   176 H HE2  . TYR A 1 11 ? 6.572   -1.116  -4.436  1.00 12.61 ? 92  TYR A HE2  1 
ATOM   177 H HH   . TYR A 1 11 ? 7.415   0.155   -6.116  1.00 14.73 ? 92  TYR A HH   1 
ATOM   178 N N    . VAL A 1 12 ? 6.796   -6.144  -5.518  1.00 9.76  ? 93  VAL A N    1 
ATOM   179 C CA   . VAL A 1 12 ? 8.131   -6.067  -4.940  1.00 10.44 ? 93  VAL A CA   1 
ATOM   180 C C    . VAL A 1 12 ? 8.698   -4.700  -5.272  1.00 11.10 ? 93  VAL A C    1 
ATOM   181 O O    . VAL A 1 12 ? 8.770   -4.310  -6.444  1.00 11.64 ? 93  VAL A O    1 
ATOM   182 C CB   . VAL A 1 12 ? 9.030   -7.191  -5.475  1.00 10.83 ? 93  VAL A CB   1 
ATOM   183 C CG1  . VAL A 1 12 ? 10.444  -7.030  -4.958  1.00 11.78 ? 93  VAL A CG1  1 
ATOM   184 C CG2  . VAL A 1 12 ? 8.480   -8.549  -5.076  1.00 12.14 ? 93  VAL A CG2  1 
ATOM   185 H H    . VAL A 1 12 ? 6.788   -6.316  -6.360  1.00 11.71 ? 93  VAL A H    1 
ATOM   186 H HA   . VAL A 1 12 ? 8.073   -6.152  -3.976  1.00 12.52 ? 93  VAL A HA   1 
ATOM   187 H HB   . VAL A 1 12 ? 9.055   -7.147  -6.443  1.00 13.00 ? 93  VAL A HB   1 
ATOM   188 H HG11 . VAL A 1 12 ? 10.991  -7.750  -5.308  1.00 14.13 ? 93  VAL A HG11 1 
ATOM   189 H HG12 . VAL A 1 12 ? 10.792  -6.174  -5.255  1.00 14.13 ? 93  VAL A HG12 1 
ATOM   190 H HG13 . VAL A 1 12 ? 10.430  -7.064  -3.989  1.00 14.13 ? 93  VAL A HG13 1 
ATOM   191 H HG21 . VAL A 1 12 ? 9.064   -9.240  -5.425  1.00 14.57 ? 93  VAL A HG21 1 
ATOM   192 H HG22 . VAL A 1 12 ? 8.443   -8.603  -4.109  1.00 14.57 ? 93  VAL A HG22 1 
ATOM   193 H HG23 . VAL A 1 12 ? 7.589   -8.649  -5.448  1.00 14.57 ? 93  VAL A HG23 1 
ATOM   194 N N    . ALA A 1 13 ? 9.111   -3.979  -4.238  1.00 11.49 ? 94  ALA A N    1 
ATOM   195 C CA   . ALA A 1 13 ? 9.628   -2.637  -4.412  1.00 12.34 ? 94  ALA A CA   1 
ATOM   196 C C    . ALA A 1 13 ? 10.875  -2.640  -5.279  1.00 12.99 ? 94  ALA A C    1 
ATOM   197 O O    . ALA A 1 13 ? 11.699  -3.559  -5.235  1.00 13.77 ? 94  ALA A O    1 
ATOM   198 C CB   . ALA A 1 13 ? 9.978   -2.060  -3.048  1.00 12.57 ? 94  ALA A CB   1 
ATOM   199 H H    . ALA A 1 13 ? 9.099   -4.248  -3.422  1.00 13.79 ? 94  ALA A H    1 
ATOM   200 H HA   . ALA A 1 13 ? 8.956   -2.075  -4.828  1.00 14.80 ? 94  ALA A HA   1 
ATOM   201 H HB1  . ALA A 1 13 ? 10.325  -1.162  -3.165  1.00 15.08 ? 94  ALA A HB1  1 
ATOM   202 H HB2  . ALA A 1 13 ? 9.179   -2.038  -2.500  1.00 15.08 ? 94  ALA A HB2  1 
ATOM   203 H HB3  . ALA A 1 13 ? 10.650  -2.623  -2.631  1.00 15.08 ? 94  ALA A HB3  1 
ATOM   204 N N    . SER A 1 14 ? 11.034  -1.569  -6.052  1.00 13.67 ? 95  SER A N    1 
ATOM   205 C CA   . SER A 1 14 ? 12.197  -1.426  -6.911  1.00 15.41 ? 95  SER A CA   1 
ATOM   206 C C    . SER A 1 14 ? 13.252  -0.502  -6.330  1.00 15.33 ? 95  SER A C    1 
ATOM   207 O O    . SER A 1 14 ? 14.362  -0.453  -6.861  1.00 15.62 ? 95  SER A O    1 
ATOM   208 C CB   . SER A 1 14 ? 11.788  -0.917  -8.299  1.00 17.95 ? 95  SER A CB   1 
ATOM   209 O OG   . SER A 1 14 ? 11.186  0.355   -8.213  1.00 20.02 ? 95  SER A OG   1 
ATOM   210 H H    . SER A 1 14 ? 10.480  -0.913  -6.096  1.00 16.41 ? 95  SER A H    1 
ATOM   211 H HA   . SER A 1 14 ? 12.604  -2.299  -7.026  1.00 18.49 ? 95  SER A HA   1 
ATOM   212 H HB2  . SER A 1 14 ? 12.580  -0.853  -8.856  1.00 21.54 ? 95  SER A HB2  1 
ATOM   213 H HB3  . SER A 1 14 ? 11.158  -1.540  -8.690  1.00 21.54 ? 95  SER A HB3  1 
ATOM   214 H HG   . SER A 1 14 ? 10.967  0.623   -8.978  1.00 24.02 ? 95  SER A HG   1 
ATOM   215 N N    . GLY A 1 15 ? 12.936  0.231   -5.270  1.00 15.73 ? 96  GLY A N    1 
ATOM   216 C CA   . GLY A 1 15 ? 13.873  1.181   -4.718  1.00 16.82 ? 96  GLY A CA   1 
ATOM   217 C C    . GLY A 1 15 ? 13.843  1.222   -3.210  1.00 16.45 ? 96  GLY A C    1 
ATOM   218 O O    . GLY A 1 15 ? 13.508  0.238   -2.544  1.00 16.08 ? 96  GLY A O    1 
ATOM   219 H H    . GLY A 1 15 ? 12.184  0.193   -4.856  1.00 18.88 ? 96  GLY A H    1 
ATOM   220 H HA2  . GLY A 1 15 ? 14.772  0.949   -4.999  1.00 20.18 ? 96  GLY A HA2  1 
ATOM   221 H HA3  . GLY A 1 15 ? 13.667  2.067   -5.052  1.00 20.18 ? 96  GLY A HA3  1 
ATOM   222 N N    . GLU A 1 16 ? 14.191  2.382   -2.663  1.00 17.16 ? 97  GLU A N    1 
ATOM   223 C CA   . GLU A 1 16 ? 14.271  2.539   -1.223  1.00 18.09 ? 97  GLU A CA   1 
ATOM   224 C C    . GLU A 1 16 ? 12.962  3.001   -0.608  1.00 18.45 ? 97  GLU A C    1 
ATOM   225 O O    . GLU A 1 16 ? 12.664  2.638   0.535   1.00 21.31 ? 97  GLU A O    1 
ATOM   226 C CB   . GLU A 1 16 ? 15.365  3.552   -0.874  1.00 19.23 ? 97  GLU A CB   1 
ATOM   227 H H    . GLU A 1 16 ? 14.384  3.093   -3.108  1.00 20.59 ? 97  GLU A H    1 
ATOM   228 H HA   . GLU A 1 16 ? 14.509  1.687   -0.823  1.00 21.71 ? 97  GLU A HA   1 
ATOM   229 N N    . THR A 1 17 ? 12.162  3.775   -1.334  1.00 16.15 ? 98  THR A N    1 
ATOM   230 C CA   . THR A 1 17 ? 11.030  4.447   -0.720  1.00 15.99 ? 98  THR A CA   1 
ATOM   231 C C    . THR A 1 17 ? 9.705   3.753   -0.979  1.00 14.29 ? 98  THR A C    1 
ATOM   232 O O    . THR A 1 17 ? 8.722   4.105   -0.323  1.00 14.49 ? 98  THR A O    1 
ATOM   233 C CB   . THR A 1 17 ? 10.932  5.903   -1.187  1.00 17.75 ? 98  THR A CB   1 
ATOM   234 O OG1  . THR A 1 17 ? 10.632  5.925   -2.588  1.00 19.03 ? 98  THR A OG1  1 
ATOM   235 C CG2  . THR A 1 17 ? 12.230  6.653   -0.918  1.00 18.82 ? 98  THR A CG2  1 
ATOM   236 H H    . THR A 1 17 ? 12.252  3.924   -2.176  1.00 19.38 ? 98  THR A H    1 
ATOM   237 H HA   . THR A 1 17 ? 11.167  4.459   0.241   1.00 19.18 ? 98  THR A HA   1 
ATOM   238 H HB   . THR A 1 17 ? 10.220  6.347   -0.702  1.00 21.29 ? 98  THR A HB   1 
ATOM   239 H HG1  . THR A 1 17 ? 10.576  6.719   -2.858  1.00 22.84 ? 98  THR A HG1  1 
ATOM   240 H HG21 . THR A 1 17 ? 12.151  7.572   -1.220  1.00 22.58 ? 98  THR A HG21 1 
ATOM   241 H HG22 . THR A 1 17 ? 12.424  6.649   0.032   1.00 22.58 ? 98  THR A HG22 1 
ATOM   242 H HG23 . THR A 1 17 ? 12.963  6.228   -1.391  1.00 22.58 ? 98  THR A HG23 1 
ATOM   243 N N    . ASP A 1 18 ? 9.653   2.796   -1.904  1.00 13.88 ? 99  ASP A N    1 
ATOM   244 C CA   . ASP A 1 18 ? 8.425   2.052   -2.122  1.00 12.49 ? 99  ASP A CA   1 
ATOM   245 C C    . ASP A 1 18 ? 8.328   0.876   -1.149  1.00 12.10 ? 99  ASP A C    1 
ATOM   246 O O    . ASP A 1 18 ? 9.292   0.503   -0.482  1.00 14.61 ? 99  ASP A O    1 
ATOM   247 C CB   . ASP A 1 18 ? 8.203   1.674   -3.599  1.00 12.33 ? 99  ASP A CB   1 
ATOM   248 C CG   . ASP A 1 18 ? 9.399   1.027   -4.279  1.00 12.48 ? 99  ASP A CG   1 
ATOM   249 O OD1  . ASP A 1 18 ? 10.557  1.163   -3.830  1.00 12.84 ? 99  ASP A OD1  1 
ATOM   250 O OD2  . ASP A 1 18 ? 9.145   0.404   -5.336  1.00 12.60 ? 99  ASP A OD2  1 
ATOM   251 H H    . ASP A 1 18 ? 10.308  2.565   -2.410  1.00 16.65 ? 99  ASP A H    1 
ATOM   252 H HA   . ASP A 1 18 ? 7.694   2.646   -1.892  1.00 14.99 ? 99  ASP A HA   1 
ATOM   253 H HB2  . ASP A 1 18 ? 7.463   1.048   -3.651  1.00 14.80 ? 99  ASP A HB2  1 
ATOM   254 H HB3  . ASP A 1 18 ? 7.984   2.479   -4.095  1.00 14.80 ? 99  ASP A HB3  1 
ATOM   255 N N    . LEU A 1 19 ? 7.115   0.347   -1.018  1.00 10.46 ? 100 LEU A N    1 
ATOM   256 C CA   . LEU A 1 19 ? 6.788   -0.700  -0.064  1.00 10.27 ? 100 LEU A CA   1 
ATOM   257 C C    . LEU A 1 19 ? 6.487   -1.976  -0.829  1.00 10.26 ? 100 LEU A C    1 
ATOM   258 O O    . LEU A 1 19 ? 5.661   -1.962  -1.746  1.00 9.96  ? 100 LEU A O    1 
ATOM   259 C CB   . LEU A 1 19 ? 5.539   -0.304  0.717   1.00 9.29  ? 100 LEU A CB   1 
ATOM   260 C CG   . LEU A 1 19 ? 4.913   -1.357  1.622   1.00 9.82  ? 100 LEU A CG   1 
ATOM   261 C CD1  . LEU A 1 19 ? 5.813   -1.720  2.769   1.00 11.34 ? 100 LEU A CD1  1 
ATOM   262 C CD2  . LEU A 1 19 ? 3.591   -0.881  2.157   1.00 11.19 ? 100 LEU A CD2  1 
ATOM   263 H H    . LEU A 1 19 ? 6.440   0.591   -1.492  1.00 12.55 ? 100 LEU A H    1 
ATOM   264 H HA   . LEU A 1 19 ? 7.525   -0.851  0.549   1.00 12.32 ? 100 LEU A HA   1 
ATOM   265 H HB2  . LEU A 1 19 ? 5.764   0.455   1.278   1.00 11.14 ? 100 LEU A HB2  1 
ATOM   266 H HB3  . LEU A 1 19 ? 4.859   -0.037  0.079   1.00 11.14 ? 100 LEU A HB3  1 
ATOM   267 H HG   . LEU A 1 19 ? 4.752   -2.161  1.103   1.00 11.78 ? 100 LEU A HG   1 
ATOM   268 H HD11 . LEU A 1 19 ? 5.374   -2.391  3.315   1.00 13.61 ? 100 LEU A HD11 1 
ATOM   269 H HD12 . LEU A 1 19 ? 6.646   -2.073  2.417   1.00 13.61 ? 100 LEU A HD12 1 
ATOM   270 H HD13 . LEU A 1 19 ? 5.987   -0.925  3.297   1.00 13.61 ? 100 LEU A HD13 1 
ATOM   271 H HD21 . LEU A 1 19 ? 3.216   -1.570  2.729   1.00 13.42 ? 100 LEU A HD21 1 
ATOM   272 H HD22 . LEU A 1 19 ? 3.731   -0.068  2.666   1.00 13.42 ? 100 LEU A HD22 1 
ATOM   273 H HD23 . LEU A 1 19 ? 2.994   -0.707  1.413   1.00 13.42 ? 100 LEU A HD23 1 
ATOM   274 N N    . SER A 1 20 ? 7.118   -3.081  -0.431  1.00 10.41 ? 101 SER A N    1 
ATOM   275 C CA   . SER A 1 20 ? 6.792   -4.389  -0.984  1.00 9.96  ? 101 SER A CA   1 
ATOM   276 C C    . SER A 1 20 ? 5.651   -4.996  -0.189  1.00 9.33  ? 101 SER A C    1 
ATOM   277 O O    . SER A 1 20 ? 5.634   -4.909  1.043   1.00 9.86  ? 101 SER A O    1 
ATOM   278 C CB   . SER A 1 20 ? 7.977   -5.341  -0.869  1.00 10.91 ? 101 SER A CB   1 
ATOM   279 O OG   . SER A 1 20 ? 9.107   -4.849  -1.554  1.00 11.71 ? 101 SER A OG   1 
ATOM   280 H H    . SER A 1 20 ? 7.742   -3.097  0.161   1.00 12.49 ? 101 SER A H    1 
ATOM   281 H HA   . SER A 1 20 ? 6.531   -4.308  -1.915  1.00 11.95 ? 101 SER A HA   1 
ATOM   282 H HB2  . SER A 1 20 ? 8.202   -5.450  0.069   1.00 13.09 ? 101 SER A HB2  1 
ATOM   283 H HB3  . SER A 1 20 ? 7.728   -6.198  -1.249  1.00 13.09 ? 101 SER A HB3  1 
ATOM   284 H HG   . SER A 1 20 ? 9.747   -5.389  -1.478  1.00 14.05 ? 101 SER A HG   1 
ATOM   285 N N    . PHE A 1 21 ? 4.723   -5.646  -0.890  1.00 8.60  ? 102 PHE A N    1 
ATOM   286 C CA   . PHE A 1 21 ? 3.569   -6.236  -0.234  1.00 8.20  ? 102 PHE A CA   1 
ATOM   287 C C    . PHE A 1 21 ? 3.065   -7.406  -1.057  1.00 8.51  ? 102 PHE A C    1 
ATOM   288 O O    . PHE A 1 21 ? 3.307   -7.494  -2.264  1.00 8.81  ? 102 PHE A O    1 
ATOM   289 C CB   . PHE A 1 21 ? 2.451   -5.200  -0.004  1.00 8.98  ? 102 PHE A CB   1 
ATOM   290 C CG   . PHE A 1 21 ? 2.027   -4.480  -1.259  1.00 8.16  ? 102 PHE A CG   1 
ATOM   291 C CD1  . PHE A 1 21 ? 1.072   -5.021  -2.101  1.00 8.86  ? 102 PHE A CD1  1 
ATOM   292 C CD2  . PHE A 1 21 ? 2.579   -3.251  -1.595  1.00 8.52  ? 102 PHE A CD2  1 
ATOM   293 C CE1  . PHE A 1 21 ? 0.676   -4.349  -3.242  1.00 9.03  ? 102 PHE A CE1  1 
ATOM   294 C CE2  . PHE A 1 21 ? 2.187   -2.589  -2.752  1.00 8.81  ? 102 PHE A CE2  1 
ATOM   295 C CZ   . PHE A 1 21 ? 1.229   -3.137  -3.573  1.00 9.05  ? 102 PHE A CZ   1 
ATOM   296 H H    . PHE A 1 21 ? 4.743   -5.758  -1.742  1.00 10.32 ? 102 PHE A H    1 
ATOM   297 H HA   . PHE A 1 21 ? 3.841   -6.577  0.633   1.00 9.84  ? 102 PHE A HA   1 
ATOM   298 H HB2  . PHE A 1 21 ? 1.672   -5.654  0.355   1.00 10.77 ? 102 PHE A HB2  1 
ATOM   299 H HB3  . PHE A 1 21 ? 2.766   -4.535  0.629   1.00 10.77 ? 102 PHE A HB3  1 
ATOM   300 H HD1  . PHE A 1 21 ? 0.684   -5.839  -1.891  1.00 10.63 ? 102 PHE A HD1  1 
ATOM   301 H HD2  . PHE A 1 21 ? 3.225   -2.871  -1.044  1.00 10.23 ? 102 PHE A HD2  1 
ATOM   302 H HE1  . PHE A 1 21 ? 0.034   -4.727  -3.798  1.00 10.84 ? 102 PHE A HE1  1 
ATOM   303 H HE2  . PHE A 1 21 ? 2.564   -1.765  -2.964  1.00 10.57 ? 102 PHE A HE2  1 
ATOM   304 H HZ   . PHE A 1 21 ? 0.963   -2.694  -4.346  1.00 10.86 ? 102 PHE A HZ   1 
ATOM   305 N N    . LYS A 1 22 ? 2.365   -8.310  -0.379  1.00 8.94  ? 103 LYS A N    1 
ATOM   306 C CA   . LYS A 1 22 ? 1.778   -9.478  -1.004  1.00 9.72  ? 103 LYS A CA   1 
ATOM   307 C C    . LYS A 1 22 ? 0.324   -9.218  -1.366  1.00 8.80  ? 103 LYS A C    1 
ATOM   308 O O    . LYS A 1 22 ? -0.395  -8.495  -0.671  1.00 8.95  ? 103 LYS A O    1 
ATOM   309 C CB   . LYS A 1 22 ? 1.791   -10.669 -0.047  1.00 11.89 ? 103 LYS A CB   1 
ATOM   310 C CG   . LYS A 1 22 ? 3.160   -11.142 0.353   1.00 15.13 ? 103 LYS A CG   1 
ATOM   311 C CD   . LYS A 1 22 ? 3.096   -12.250 1.391   1.00 18.84 ? 103 LYS A CD   1 
ATOM   312 C CE   . LYS A 1 22 ? 4.478   -12.543 1.968   1.00 21.78 ? 103 LYS A CE   1 
ATOM   313 N NZ   . LYS A 1 22 ? 4.411   -13.513 3.079   1.00 23.82 ? 103 LYS A NZ   1 
ATOM   314 H H    . LYS A 1 22 ? 2.215   -8.262  0.466   1.00 10.73 ? 103 LYS A H    1 
ATOM   315 H HA   . LYS A 1 22 ? 2.269   -9.709  -1.808  1.00 11.67 ? 103 LYS A HA   1 
ATOM   316 H HB2  . LYS A 1 22 ? 1.318   -10.421 0.762   1.00 14.27 ? 103 LYS A HB2  1 
ATOM   317 H HB3  . LYS A 1 22 ? 1.337   -11.413 -0.475  1.00 14.27 ? 103 LYS A HB3  1 
ATOM   318 H HG2  . LYS A 1 22 ? 3.621   -11.485 -0.429  1.00 18.16 ? 103 LYS A HG2  1 
ATOM   319 H HG3  . LYS A 1 22 ? 3.655   -10.399 0.734   1.00 18.16 ? 103 LYS A HG3  1 
ATOM   320 H HD2  . LYS A 1 22 ? 2.514   -11.977 2.117   1.00 22.61 ? 103 LYS A HD2  1 
ATOM   321 H HD3  . LYS A 1 22 ? 2.761   -13.060 0.976   1.00 22.61 ? 103 LYS A HD3  1 
ATOM   322 H HE2  . LYS A 1 22 ? 5.041   -12.917 1.273   1.00 26.13 ? 103 LYS A HE2  1 
ATOM   323 H HE3  . LYS A 1 22 ? 4.864   -11.721 2.307   1.00 26.13 ? 103 LYS A HE3  1 
ATOM   324 H HZ1  . LYS A 1 22 ? 5.228   -13.667 3.398   1.00 28.58 ? 103 LYS A HZ1  1 
ATOM   325 H HZ2  . LYS A 1 22 ? 3.901   -13.191 3.733   1.00 28.58 ? 103 LYS A HZ2  1 
ATOM   326 H HZ3  . LYS A 1 22 ? 4.063   -14.280 2.793   1.00 28.58 ? 103 LYS A HZ3  1 
ATOM   327 N N    . LYS A 1 23 ? -0.120  -9.860  -2.436  1.00 9.25  ? 104 LYS A N    1 
ATOM   328 C CA   . LYS A 1 23 ? -1.543  -9.921  -2.715  1.00 9.32  ? 104 LYS A CA   1 
ATOM   329 C C    . LYS A 1 23 ? -2.296  -10.352 -1.463  1.00 8.56  ? 104 LYS A C    1 
ATOM   330 O O    . LYS A 1 23 ? -1.898  -11.296 -0.773  1.00 9.57  ? 104 LYS A O    1 
ATOM   331 C CB   . LYS A 1 23 ? -1.776  -10.936 -3.825  1.00 10.08 ? 104 LYS A CB   1 
ATOM   332 C CG   . LYS A 1 23 ? -3.204  -10.989 -4.276  1.00 10.61 ? 104 LYS A CG   1 
ATOM   333 C CD   . LYS A 1 23 ? -3.409  -11.941 -5.428  1.00 11.62 ? 104 LYS A CD   1 
ATOM   334 C CE   . LYS A 1 23 ? -3.380  -13.386 -4.965  1.00 13.44 ? 104 LYS A CE   1 
ATOM   335 N NZ   . LYS A 1 23 ? -3.841  -14.315 -6.037  1.00 14.63 ? 104 LYS A NZ   1 
ATOM   336 H H    . LYS A 1 23 ? 0.377   -10.264 -3.010  1.00 11.10 ? 104 LYS A H    1 
ATOM   337 H HA   . LYS A 1 23 ? -1.868  -9.053  -3.002  1.00 11.18 ? 104 LYS A HA   1 
ATOM   338 H HB2  . LYS A 1 23 ? -1.229  -10.699 -4.590  1.00 12.10 ? 104 LYS A HB2  1 
ATOM   339 H HB3  . LYS A 1 23 ? -1.530  -11.819 -3.503  1.00 12.10 ? 104 LYS A HB3  1 
ATOM   340 H HG2  . LYS A 1 23 ? -3.759  -11.286 -3.537  1.00 12.73 ? 104 LYS A HG2  1 
ATOM   341 H HG3  . LYS A 1 23 ? -3.479  -10.104 -4.563  1.00 12.73 ? 104 LYS A HG3  1 
ATOM   342 H HD2  . LYS A 1 23 ? -4.273  -11.770 -5.836  1.00 13.95 ? 104 LYS A HD2  1 
ATOM   343 H HD3  . LYS A 1 23 ? -2.701  -11.816 -6.078  1.00 13.95 ? 104 LYS A HD3  1 
ATOM   344 H HE2  . LYS A 1 23 ? -2.472  -13.626 -4.725  1.00 16.12 ? 104 LYS A HE2  1 
ATOM   345 H HE3  . LYS A 1 23 ? -3.969  -13.489 -4.201  1.00 16.12 ? 104 LYS A HE3  1 
ATOM   346 H HZ1  . LYS A 1 23 ? -3.814  -15.154 -5.743  1.00 17.56 ? 104 LYS A HZ1  1 
ATOM   347 H HZ2  . LYS A 1 23 ? -4.675  -14.115 -6.273  1.00 17.56 ? 104 LYS A HZ2  1 
ATOM   348 H HZ3  . LYS A 1 23 ? -3.312  -14.241 -6.750  1.00 17.56 ? 104 LYS A HZ3  1 
ATOM   349 N N    . GLY A 1 24 ? -3.389  -9.646  -1.166  1.00 8.67  ? 105 GLY A N    1 
ATOM   350 C CA   . GLY A 1 24 ? -4.189  -9.935  0.007   1.00 8.88  ? 105 GLY A CA   1 
ATOM   351 C C    . GLY A 1 24 ? -3.771  -9.213  1.266   1.00 9.35  ? 105 GLY A C    1 
ATOM   352 O O    . GLY A 1 24 ? -4.497  -9.268  2.262   1.00 9.94  ? 105 GLY A O    1 
ATOM   353 H H    . GLY A 1 24 ? -3.685  -8.989  -1.636  1.00 10.41 ? 105 GLY A H    1 
ATOM   354 H HA2  . GLY A 1 24 ? -5.111  -9.702  -0.178  1.00 10.66 ? 105 GLY A HA2  1 
ATOM   355 H HA3  . GLY A 1 24 ? -4.152  -10.889 0.184   1.00 10.66 ? 105 GLY A HA3  1 
ATOM   356 N N    . GLU A 1 25 ? -2.626  -8.551  1.258   1.00 9.24  ? 106 GLU A N    1 
ATOM   357 C CA   . GLU A 1 25 ? -2.193  -7.789  2.413   1.00 10.43 ? 106 GLU A CA   1 
ATOM   358 C C    . GLU A 1 25 ? -3.106  -6.584  2.587   1.00 10.63 ? 106 GLU A C    1 
ATOM   359 O O    . GLU A 1 25 ? -3.516  -5.943  1.612   1.00 12.32 ? 106 GLU A O    1 
ATOM   360 C CB   . GLU A 1 25 ? -0.750  -7.340  2.182   1.00 12.75 ? 106 GLU A CB   1 
ATOM   361 C CG   . GLU A 1 25 ? 0.024   -6.956  3.397   1.00 14.67 ? 106 GLU A CG   1 
ATOM   362 C CD   . GLU A 1 25 ? 1.536   -6.937  3.165   1.00 13.67 ? 106 GLU A CD   1 
ATOM   363 O OE1  . GLU A 1 25 ? 2.163   -6.076  3.771   1.00 15.95 ? 106 GLU A OE1  1 
ATOM   364 O OE2  . GLU A 1 25 ? 2.120   -7.782  2.432   1.00 14.07 ? 106 GLU A OE2  1 
ATOM   365 H H    . GLU A 1 25 ? -2.082  -8.525  0.593   1.00 11.09 ? 106 GLU A H    1 
ATOM   366 H HA   . GLU A 1 25 ? -2.234  -8.339  3.211   1.00 12.52 ? 106 GLU A HA   1 
ATOM   367 H HB2  . GLU A 1 25 ? -0.270  -8.066  1.753   1.00 15.30 ? 106 GLU A HB2  1 
ATOM   368 H HB3  . GLU A 1 25 ? -0.761  -6.570  1.593   1.00 15.30 ? 106 GLU A HB3  1 
ATOM   369 H HG2  . GLU A 1 25 ? -0.247  -6.066  3.674   1.00 17.60 ? 106 GLU A HG2  1 
ATOM   370 H HG3  . GLU A 1 25 ? -0.162  -7.593  4.104   1.00 17.60 ? 106 GLU A HG3  1 
ATOM   371 N N    . ARG A 1 26 ? -3.407  -6.264  3.840   1.00 10.34 ? 107 ARG A N    1 
ATOM   372 C CA   . ARG A 1 26 ? -4.204  -5.094  4.177   1.00 10.00 ? 107 ARG A CA   1 
ATOM   373 C C    . ARG A 1 26 ? -3.292  -3.954  4.596   1.00 9.95  ? 107 ARG A C    1 
ATOM   374 O O    . ARG A 1 26 ? -2.348  -4.152  5.366   1.00 10.16 ? 107 ARG A O    1 
ATOM   375 C CB   . ARG A 1 26 ? -5.199  -5.442  5.283   1.00 11.13 ? 107 ARG A CB   1 
ATOM   376 C CG   . ARG A 1 26 ? -6.334  -6.272  4.736   1.00 12.95 ? 107 ARG A CG   1 
ATOM   377 C CD   . ARG A 1 26 ? -7.129  -6.957  5.791   1.00 14.44 ? 107 ARG A CD   1 
ATOM   378 N NE   . ARG A 1 26 ? -7.739  -6.001  6.704   1.00 15.05 ? 107 ARG A NE   1 
ATOM   379 C CZ   . ARG A 1 26 ? -7.321  -5.759  7.944   1.00 15.02 ? 107 ARG A CZ   1 
ATOM   380 N NH1  . ARG A 1 26 ? -6.284  -6.415  8.460   1.00 14.00 ? 107 ARG A NH1  1 
ATOM   381 N NH2  . ARG A 1 26 ? -7.957  -4.863  8.677   1.00 16.36 ? 107 ARG A NH2  1 
ATOM   382 H H    . ARG A 1 26 ? -3.155  -6.718  4.526   1.00 12.40 ? 107 ARG A H    1 
ATOM   383 H HA   . ARG A 1 26 ? -4.705  -4.812  3.395   1.00 12.00 ? 107 ARG A HA   1 
ATOM   384 H HB2  . ARG A 1 26 ? -4.749  -5.954  5.973   1.00 13.35 ? 107 ARG A HB2  1 
ATOM   385 H HB3  . ARG A 1 26 ? -5.567  -4.625  5.655   1.00 13.35 ? 107 ARG A HB3  1 
ATOM   386 H HG2  . ARG A 1 26 ? -6.935  -5.693  4.240   1.00 15.54 ? 107 ARG A HG2  1 
ATOM   387 H HG3  . ARG A 1 26 ? -5.970  -6.952  4.148   1.00 15.54 ? 107 ARG A HG3  1 
ATOM   388 H HD2  . ARG A 1 26 ? -7.836  -7.474  5.374   1.00 17.32 ? 107 ARG A HD2  1 
ATOM   389 H HD3  . ARG A 1 26 ? -6.546  -7.539  6.305   1.00 17.32 ? 107 ARG A HD3  1 
ATOM   390 H HE   . ARG A 1 26 ? -8.419  -5.559  6.420   1.00 18.06 ? 107 ARG A HE   1 
ATOM   391 H HH11 . ARG A 1 26 ? -5.867  -7.000  7.988   1.00 16.80 ? 107 ARG A HH11 1 
ATOM   392 H HH12 . ARG A 1 26 ? -6.027  -6.250  9.265   1.00 16.80 ? 107 ARG A HH12 1 
ATOM   393 H HH21 . ARG A 1 26 ? -8.630  -4.439  8.349   1.00 19.63 ? 107 ARG A HH21 1 
ATOM   394 H HH22 . ARG A 1 26 ? -7.699  -4.702  9.481   1.00 19.63 ? 107 ARG A HH22 1 
ATOM   395 N N    . LEU A 1 27 ? -3.575  -2.770  4.068   1.00 10.02 ? 108 LEU A N    1 
ATOM   396 C CA   . LEU A 1 27 ? -2.704  -1.618  4.211   1.00 10.30 ? 108 LEU A CA   1 
ATOM   397 C C    . LEU A 1 27 ? -3.529  -0.430  4.674   1.00 10.18 ? 108 LEU A C    1 
ATOM   398 O O    . LEU A 1 27 ? -4.652  -0.222  4.214   1.00 11.18 ? 108 LEU A O    1 
ATOM   399 C CB   . LEU A 1 27 ? -2.063  -1.261  2.874   1.00 11.41 ? 108 LEU A CB   1 
ATOM   400 C CG   . LEU A 1 27 ? -1.317  -2.359  2.100   1.00 13.30 ? 108 LEU A CG   1 
ATOM   401 C CD1  . LEU A 1 27 ? -0.789  -1.807  0.773   1.00 15.30 ? 108 LEU A CD1  1 
ATOM   402 C CD2  . LEU A 1 27 ? -0.178  -2.978  2.890   1.00 15.08 ? 108 LEU A CD2  1 
ATOM   403 H H    . LEU A 1 27 ? -4.285  -2.607  3.611   1.00 12.03 ? 108 LEU A H    1 
ATOM   404 H HA   . LEU A 1 27 ? -2.009  -1.800  4.862   1.00 12.36 ? 108 LEU A HA   1 
ATOM   405 H HB2  . LEU A 1 27 ? -2.763  -0.933  2.288   1.00 13.69 ? 108 LEU A HB2  1 
ATOM   406 H HB3  . LEU A 1 27 ? -1.425  -0.548  3.032   1.00 13.69 ? 108 LEU A HB3  1 
ATOM   407 H HG   . LEU A 1 27 ? -1.945  -3.069  1.891   1.00 15.96 ? 108 LEU A HG   1 
ATOM   408 H HD11 . LEU A 1 27 ? -0.322  -2.513  0.300   1.00 18.36 ? 108 LEU A HD11 1 
ATOM   409 H HD12 . LEU A 1 27 ? -1.538  -1.492  0.241   1.00 18.36 ? 108 LEU A HD12 1 
ATOM   410 H HD13 . LEU A 1 27 ? -0.182  -1.073  0.955   1.00 18.36 ? 108 LEU A HD13 1 
ATOM   411 H HD21 . LEU A 1 27 ? 0.249   -3.660  2.348   1.00 18.09 ? 108 LEU A HD21 1 
ATOM   412 H HD22 . LEU A 1 27 ? 0.463   -2.285  3.116   1.00 18.09 ? 108 LEU A HD22 1 
ATOM   413 H HD23 . LEU A 1 27 ? -0.535  -3.375  3.701   1.00 18.09 ? 108 LEU A HD23 1 
ATOM   414 N N    . GLN A 1 28 ? -2.961  0.351   5.583   1.00 9.57  ? 109 GLN A N    1 
ATOM   415 C CA   . GLN A 1 28 ? -3.497  1.656   5.946   1.00 8.91  ? 109 GLN A CA   1 
ATOM   416 C C    . GLN A 1 28 ? -2.920  2.686   4.979   1.00 8.62  ? 109 GLN A C    1 
ATOM   417 O O    . GLN A 1 28 ? -1.695  2.831   4.862   1.00 9.01  ? 109 GLN A O    1 
ATOM   418 C CB   . GLN A 1 28 ? -3.135  1.978   7.400   1.00 9.48  ? 109 GLN A CB   1 
ATOM   419 C CG   . GLN A 1 28 ? -3.259  3.439   7.816   1.00 9.98  ? 109 GLN A CG   1 
ATOM   420 C CD   . GLN A 1 28 ? -4.668  3.970   7.850   1.00 9.70  ? 109 GLN A CD   1 
ATOM   421 O OE1  . GLN A 1 28 ? -5.629  3.286   7.511   1.00 10.28 ? 109 GLN A OE1  1 
ATOM   422 N NE2  . GLN A 1 28 ? -4.798  5.216   8.256   1.00 10.79 ? 109 GLN A NE2  1 
ATOM   423 H H    . GLN A 1 28 ? -2.246  0.142   6.013   1.00 11.48 ? 109 GLN A H    1 
ATOM   424 H HA   . GLN A 1 28 ? -4.463  1.651   5.858   1.00 10.69 ? 109 GLN A HA   1 
ATOM   425 H HB2  . GLN A 1 28 ? -3.717  1.462   7.980   1.00 11.37 ? 109 GLN A HB2  1 
ATOM   426 H HB3  . GLN A 1 28 ? -2.214  1.712   7.550   1.00 11.37 ? 109 GLN A HB3  1 
ATOM   427 H HG2  . GLN A 1 28 ? -2.888  3.538   8.706   1.00 11.97 ? 109 GLN A HG2  1 
ATOM   428 H HG3  . GLN A 1 28 ? -2.756  3.982   7.190   1.00 11.97 ? 109 GLN A HG3  1 
ATOM   429 H HE21 . GLN A 1 28 ? -4.103  5.672   8.480   1.00 12.94 ? 109 GLN A HE21 1 
ATOM   430 H HE22 . GLN A 1 28 ? -5.579  5.577   8.296   1.00 12.94 ? 109 GLN A HE22 1 
ATOM   431 N N    . ILE A 1 29 ? -3.788  3.413   4.288   1.00 8.66  ? 110 ILE A N    1 
ATOM   432 C CA   . ILE A 1 29 ? -3.323  4.447   3.371   1.00 8.61  ? 110 ILE A CA   1 
ATOM   433 C C    . ILE A 1 29 ? -3.063  5.721   4.164   1.00 9.09  ? 110 ILE A C    1 
ATOM   434 O O    . ILE A 1 29 ? -3.969  6.285   4.782   1.00 10.69 ? 110 ILE A O    1 
ATOM   435 C CB   . ILE A 1 29 ? -4.316  4.682   2.224   1.00 9.65  ? 110 ILE A CB   1 
ATOM   436 C CG1  . ILE A 1 29 ? -4.584  3.371   1.464   1.00 10.84 ? 110 ILE A CG1  1 
ATOM   437 C CG2  . ILE A 1 29 ? -3.789  5.786   1.296   1.00 9.85  ? 110 ILE A CG2  1 
ATOM   438 C CD1  . ILE A 1 29 ? -3.345  2.654   0.945   1.00 11.21 ? 110 ILE A CD1  1 
ATOM   439 H H    . ILE A 1 29 ? -4.643  3.330   4.330   1.00 10.39 ? 110 ILE A H    1 
ATOM   440 H HA   . ILE A 1 29 ? -2.481  4.164   2.981   1.00 10.33 ? 110 ILE A HA   1 
ATOM   441 H HB   . ILE A 1 29 ? -5.153  4.985   2.608   1.00 11.58 ? 110 ILE A HB   1 
ATOM   442 H HG12 . ILE A 1 29 ? -5.046  2.760   2.059   1.00 13.01 ? 110 ILE A HG12 1 
ATOM   443 H HG13 . ILE A 1 29 ? -5.147  3.569   0.699   1.00 13.01 ? 110 ILE A HG13 1 
ATOM   444 H HG21 . ILE A 1 29 ? -4.426  5.923   0.578   1.00 11.82 ? 110 ILE A HG21 1 
ATOM   445 H HG22 . ILE A 1 29 ? -3.684  6.604   1.807   1.00 11.82 ? 110 ILE A HG22 1 
ATOM   446 H HG23 . ILE A 1 29 ? -2.934  5.510   0.933   1.00 11.82 ? 110 ILE A HG23 1 
ATOM   447 H HD11 . ILE A 1 29 ? -3.618  1.846   0.485   1.00 13.45 ? 110 ILE A HD11 1 
ATOM   448 H HD12 . ILE A 1 29 ? -2.874  3.242   0.333   1.00 13.45 ? 110 ILE A HD12 1 
ATOM   449 H HD13 . ILE A 1 29 ? -2.773  2.430   1.696   1.00 13.45 ? 110 ILE A HD13 1 
ATOM   450 N N    . VAL A 1 30 ? -1.805  6.148   4.169   1.00 8.78  ? 111 VAL A N    1 
ATOM   451 C CA   . VAL A 1 30 ? -1.339  7.274   4.964   1.00 8.94  ? 111 VAL A CA   1 
ATOM   452 C C    . VAL A 1 30 ? -1.412  8.570   4.183   1.00 10.16 ? 111 VAL A C    1 
ATOM   453 O O    . VAL A 1 30 ? -1.718  9.622   4.740   1.00 11.19 ? 111 VAL A O    1 
ATOM   454 C CB   . VAL A 1 30 ? 0.102   6.975   5.425   1.00 9.41  ? 111 VAL A CB   1 
ATOM   455 C CG1  . VAL A 1 30 ? 0.708   8.176   6.165   1.00 10.87 ? 111 VAL A CG1  1 
ATOM   456 C CG2  . VAL A 1 30 ? 0.116   5.742   6.297   1.00 10.58 ? 111 VAL A CG2  1 
ATOM   457 H H    . VAL A 1 30 ? -1.181  5.784   3.701   1.00 10.54 ? 111 VAL A H    1 
ATOM   458 H HA   . VAL A 1 30 ? -1.898  7.363   5.753   1.00 10.73 ? 111 VAL A HA   1 
ATOM   459 H HB   . VAL A 1 30 ? 0.651   6.795   4.645   1.00 11.30 ? 111 VAL A HB   1 
ATOM   460 H HG11 . VAL A 1 30 ? 1.612   7.953   6.438   1.00 13.04 ? 111 VAL A HG11 1 
ATOM   461 H HG12 . VAL A 1 30 ? 0.722   8.939   5.568   1.00 13.04 ? 111 VAL A HG12 1 
ATOM   462 H HG13 . VAL A 1 30 ? 0.165   8.373   6.944   1.00 13.04 ? 111 VAL A HG13 1 
ATOM   463 H HG21 . VAL A 1 30 ? 1.028   5.565   6.579   1.00 12.70 ? 111 VAL A HG21 1 
ATOM   464 H HG22 . VAL A 1 30 ? -0.446  5.899   7.072   1.00 12.70 ? 111 VAL A HG22 1 
ATOM   465 H HG23 . VAL A 1 30 ? -0.225  4.991   5.787   1.00 12.70 ? 111 VAL A HG23 1 
ATOM   466 N N    . ASN A 1 31 ? -1.101  8.533   2.897   1.00 10.61 ? 112 ASN A N    1 
ATOM   467 C CA   . ASN A 1 31 ? -1.057  9.753   2.109   1.00 12.49 ? 112 ASN A CA   1 
ATOM   468 C C    . ASN A 1 31 ? -1.457  9.386   0.690   1.00 12.94 ? 112 ASN A C    1 
ATOM   469 O O    . ASN A 1 31 ? -0.705  8.708   -0.023  1.00 13.59 ? 112 ASN A O    1 
ATOM   470 C CB   . ASN A 1 31 ? 0.332   10.389  2.161   1.00 14.11 ? 112 ASN A CB   1 
ATOM   471 C CG   . ASN A 1 31 ? 0.370   11.750  1.512   1.00 16.65 ? 112 ASN A CG   1 
ATOM   472 O OD1  . ASN A 1 31 ? -0.264  11.968  0.479   1.00 18.28 ? 112 ASN A OD1  1 
ATOM   473 N ND2  . ASN A 1 31 ? 1.100   12.679  2.119   1.00 17.69 ? 112 ASN A ND2  1 
ATOM   474 H H    . ASN A 1 31 ? -0.911  7.818   2.459   1.00 12.74 ? 112 ASN A H    1 
ATOM   475 H HA   . ASN A 1 31 ? -1.701  10.389  2.457   1.00 14.99 ? 112 ASN A HA   1 
ATOM   476 H HB2  . ASN A 1 31 ? 0.599   10.491  3.088   1.00 16.93 ? 112 ASN A HB2  1 
ATOM   477 H HB3  . ASN A 1 31 ? 0.960   9.816   1.695   1.00 16.93 ? 112 ASN A HB3  1 
ATOM   478 H HD21 . ASN A 1 31 ? 1.153   13.470  1.786   1.00 21.23 ? 112 ASN A HD21 1 
ATOM   479 H HD22 . ASN A 1 31 ? 1.522   12.488  2.843   1.00 21.23 ? 112 ASN A HD22 1 
ATOM   480 N N    . ASN A 1 32 ? -2.651  9.818   0.294   1.00 12.76 ? 113 ASN A N    1 
ATOM   481 C CA   . ASN A 1 32 ? -3.156  9.625   -1.059  1.00 14.22 ? 113 ASN A CA   1 
ATOM   482 C C    . ASN A 1 32 ? -3.250  10.947  -1.813  1.00 15.69 ? 113 ASN A C    1 
ATOM   483 O O    . ASN A 1 32 ? -4.104  11.101  -2.687  1.00 16.39 ? 113 ASN A O    1 
ATOM   484 C CB   . ASN A 1 32 ? -4.516  8.926   -1.036  1.00 15.58 ? 113 ASN A CB   1 
ATOM   485 C CG   . ASN A 1 32 ? -5.583  9.754   -0.332  1.00 18.48 ? 113 ASN A CG   1 
ATOM   486 O OD1  . ASN A 1 32 ? -5.301  10.833  0.179   1.00 20.87 ? 113 ASN A OD1  1 
ATOM   487 N ND2  . ASN A 1 32 ? -6.813  9.265   -0.323  1.00 20.35 ? 113 ASN A ND2  1 
ATOM   488 H H    . ASN A 1 32 ? -3.200  10.237  0.807   1.00 15.31 ? 113 ASN A H    1 
ATOM   489 H HA   . ASN A 1 32 ? -2.538  9.053   -1.542  1.00 17.06 ? 113 ASN A HA   1 
ATOM   490 H HB2  . ASN A 1 32 ? -4.807  8.772   -1.949  1.00 18.69 ? 113 ASN A HB2  1 
ATOM   491 H HB3  . ASN A 1 32 ? -4.430  8.082   -0.566  1.00 18.69 ? 113 ASN A HB3  1 
ATOM   492 H HD21 . ASN A 1 32 ? -7.447  9.699   0.063   1.00 24.41 ? 113 ASN A HD21 1 
ATOM   493 H HD22 . ASN A 1 32 ? -6.980  8.511   -0.705  1.00 24.41 ? 113 ASN A HD22 1 
ATOM   494 N N    . THR A 1 33 ? -2.363  11.895  -1.492  1.00 15.52 ? 114 THR A N    1 
ATOM   495 C CA   . THR A 1 33 ? -2.382  13.198  -2.157  1.00 16.72 ? 114 THR A CA   1 
ATOM   496 C C    . THR A 1 33 ? -2.071  13.065  -3.635  1.00 16.77 ? 114 THR A C    1 
ATOM   497 O O    . THR A 1 33 ? -2.639  13.790  -4.461  1.00 18.41 ? 114 THR A O    1 
ATOM   498 C CB   . THR A 1 33 ? -1.381  14.141  -1.491  1.00 17.77 ? 114 THR A CB   1 
ATOM   499 O OG1  . THR A 1 33 ? -1.813  14.410  -0.153  1.00 19.55 ? 114 THR A OG1  1 
ATOM   500 C CG2  . THR A 1 33 ? -1.248  15.457  -2.266  1.00 19.47 ? 114 THR A CG2  1 
ATOM   501 H H    . THR A 1 33 ? -1.748  11.810  -0.898  1.00 18.63 ? 114 THR A H    1 
ATOM   502 H HA   . THR A 1 33 ? -3.267  13.587  -2.069  1.00 20.07 ? 114 THR A HA   1 
ATOM   503 H HB   . THR A 1 33 ? -0.509  13.715  -1.465  1.00 21.33 ? 114 THR A HB   1 
ATOM   504 H HG1  . THR A 1 33 ? -1.857  13.694  0.284   1.00 23.47 ? 114 THR A HG1  1 
ATOM   505 H HG21 . THR A 1 33 ? -0.608  16.039  -1.826  1.00 23.36 ? 114 THR A HG21 1 
ATOM   506 H HG22 . THR A 1 33 ? -0.944  15.280  -3.171  1.00 23.36 ? 114 THR A HG22 1 
ATOM   507 H HG23 . THR A 1 33 ? -2.107  15.906  -2.306  1.00 23.36 ? 114 THR A HG23 1 
ATOM   508 N N    . GLU A 1 34 ? -1.145  12.183  -3.990  1.00 16.55 ? 115 GLU A N    1 
ATOM   509 C CA   . GLU A 1 34 ? -0.860  11.900  -5.387  1.00 17.61 ? 115 GLU A CA   1 
ATOM   510 C C    . GLU A 1 34 ? -1.758  10.769  -5.865  1.00 17.61 ? 115 GLU A C    1 
ATOM   511 O O    . GLU A 1 34 ? -2.129  9.879   -5.096  1.00 17.91 ? 115 GLU A O    1 
ATOM   512 C CB   . GLU A 1 34 ? 0.602   11.502  -5.577  1.00 19.29 ? 115 GLU A CB   1 
ATOM   513 C CG   . GLU A 1 34 ? 1.603   12.454  -4.979  1.00 20.89 ? 115 GLU A CG   1 
ATOM   514 C CD   . GLU A 1 34 ? 1.485   13.844  -5.549  1.00 22.48 ? 115 GLU A CD   1 
ATOM   515 O OE1  . GLU A 1 34 ? 1.193   13.974  -6.759  1.00 22.30 ? 115 GLU A OE1  1 
ATOM   516 O OE2  . GLU A 1 34 ? 1.674   14.804  -4.777  1.00 24.50 ? 115 GLU A OE2  1 
ATOM   517 H H    . GLU A 1 34 ? -0.666  11.733  -3.436  1.00 19.86 ? 115 GLU A H    1 
ATOM   518 H HA   . GLU A 1 34 ? -1.041  12.688  -5.924  1.00 21.13 ? 115 GLU A HA   1 
ATOM   519 H HB2  . GLU A 1 34 ? 0.741   10.635  -5.166  1.00 23.15 ? 115 GLU A HB2  1 
ATOM   520 H HB3  . GLU A 1 34 ? 0.784   11.445  -6.528  1.00 23.15 ? 115 GLU A HB3  1 
ATOM   521 H HG2  . GLU A 1 34 ? 1.456   12.507  -4.022  1.00 25.07 ? 115 GLU A HG2  1 
ATOM   522 H HG3  . GLU A 1 34 ? 2.498   12.128  -5.162  1.00 25.07 ? 115 GLU A HG3  1 
ATOM   523 N N    . GLY A 1 35 ? -2.086  10.785  -7.149  1.00 17.98 ? 116 GLY A N    1 
ATOM   524 C CA   . GLY A 1 35 ? -3.006  9.793   -7.669  1.00 18.37 ? 116 GLY A CA   1 
ATOM   525 C C    . GLY A 1 35 ? -2.335  8.505   -8.096  1.00 18.24 ? 116 GLY A C    1 
ATOM   526 O O    . GLY A 1 35 ? -3.004  7.472   -8.228  1.00 18.91 ? 116 GLY A O    1 
ATOM   527 H H    . GLY A 1 35 ? -1.794  11.349  -7.729  1.00 21.58 ? 116 GLY A H    1 
ATOM   528 H HA2  . GLY A 1 35 ? -3.663  9.581   -6.987  1.00 22.04 ? 116 GLY A HA2  1 
ATOM   529 H HA3  . GLY A 1 35 ? -3.470  10.161  -8.435  1.00 22.04 ? 116 GLY A HA3  1 
ATOM   530 N N    . ASP A 1 36 ? -1.018  8.539   -8.297  1.00 17.25 ? 117 ASP A N    1 
ATOM   531 C CA   . ASP A 1 36 ? -0.283  7.382   -8.792  1.00 17.55 ? 117 ASP A CA   1 
ATOM   532 C C    . ASP A 1 36 ? 0.419   6.588   -7.699  1.00 15.28 ? 117 ASP A C    1 
ATOM   533 O O    . ASP A 1 36 ? 0.387   5.356   -7.730  1.00 14.54 ? 117 ASP A O    1 
ATOM   534 C CB   . ASP A 1 36 ? 0.724   7.797   -9.874  1.00 19.18 ? 117 ASP A CB   1 
ATOM   535 C CG   . ASP A 1 36 ? 1.642   8.943   -9.451  1.00 19.60 ? 117 ASP A CG   1 
ATOM   536 O OD1  . ASP A 1 36 ? 1.411   9.601   -8.409  1.00 20.08 ? 117 ASP A OD1  1 
ATOM   537 O OD2  . ASP A 1 36 ? 2.611   9.202   -10.204 1.00 20.44 ? 117 ASP A OD2  1 
ATOM   538 H H    . ASP A 1 36 ? -0.525  9.229   -8.151  1.00 20.70 ? 117 ASP A H    1 
ATOM   539 H HA   . ASP A 1 36 ? -0.920  6.782   -9.212  1.00 21.06 ? 117 ASP A HA   1 
ATOM   540 H HB2  . ASP A 1 36 ? 1.281   7.035   -10.093 1.00 23.02 ? 117 ASP A HB2  1 
ATOM   541 H HB3  . ASP A 1 36 ? 0.235   8.084   -10.662 1.00 23.02 ? 117 ASP A HB3  1 
ATOM   542 N N    . TRP A 1 37 ? 1.055   7.262   -6.749  1.00 13.93 ? 118 TRP A N    1 
ATOM   543 C CA   . TRP A 1 37 ? 1.801   6.620   -5.675  1.00 12.83 ? 118 TRP A CA   1 
ATOM   544 C C    . TRP A 1 37 ? 1.239   7.100   -4.350  1.00 11.73 ? 118 TRP A C    1 
ATOM   545 O O    . TRP A 1 37 ? 1.174   8.307   -4.104  1.00 13.02 ? 118 TRP A O    1 
ATOM   546 C CB   . TRP A 1 37 ? 3.283   6.997   -5.744  1.00 14.03 ? 118 TRP A CB   1 
ATOM   547 C CG   . TRP A 1 37 ? 4.001   6.387   -6.890  1.00 15.03 ? 118 TRP A CG   1 
ATOM   548 C CD1  . TRP A 1 37 ? 4.239   6.957   -8.101  1.00 17.26 ? 118 TRP A CD1  1 
ATOM   549 C CD2  . TRP A 1 37 ? 4.572   5.078   -6.938  1.00 15.03 ? 118 TRP A CD2  1 
ATOM   550 N NE1  . TRP A 1 37 ? 4.926   6.084   -8.901  1.00 18.13 ? 118 TRP A NE1  1 
ATOM   551 C CE2  . TRP A 1 37 ? 5.139   4.920   -8.211  1.00 17.15 ? 118 TRP A CE2  1 
ATOM   552 C CE3  . TRP A 1 37 ? 4.650   4.015   -6.026  1.00 14.33 ? 118 TRP A CE3  1 
ATOM   553 C CZ2  . TRP A 1 37 ? 5.790   3.750   -8.595  1.00 17.46 ? 118 TRP A CZ2  1 
ATOM   554 C CZ3  . TRP A 1 37 ? 5.304   2.858   -6.412  1.00 15.08 ? 118 TRP A CZ3  1 
ATOM   555 C CH2  . TRP A 1 37 ? 5.861   2.738   -7.682  1.00 16.91 ? 118 TRP A CH2  1 
ATOM   556 H H    . TRP A 1 37 ? 1.069   8.121   -6.705  1.00 16.72 ? 118 TRP A H    1 
ATOM   557 H HA   . TRP A 1 37 ? 1.712   5.656   -5.732  1.00 15.39 ? 118 TRP A HA   1 
ATOM   558 H HB2  . TRP A 1 37 ? 3.358   7.961   -5.827  1.00 16.84 ? 118 TRP A HB2  1 
ATOM   559 H HB3  . TRP A 1 37 ? 3.719   6.702   -4.929  1.00 16.84 ? 118 TRP A HB3  1 
ATOM   560 H HD1  . TRP A 1 37 ? 3.974   7.814   -8.350  1.00 20.71 ? 118 TRP A HD1  1 
ATOM   561 H HE1  . TRP A 1 37 ? 5.180   6.240   -9.708  1.00 21.76 ? 118 TRP A HE1  1 
ATOM   562 H HE3  . TRP A 1 37 ? 4.285   4.092   -5.174  1.00 17.19 ? 118 TRP A HE3  1 
ATOM   563 H HZ2  . TRP A 1 37 ? 6.164   3.663   -9.442  1.00 20.95 ? 118 TRP A HZ2  1 
ATOM   564 H HZ3  . TRP A 1 37 ? 5.363   2.147   -5.816  1.00 18.09 ? 118 TRP A HZ3  1 
ATOM   565 H HH2  . TRP A 1 37 ? 6.286   1.945   -7.916  1.00 20.29 ? 118 TRP A HH2  1 
ATOM   566 N N    . TRP A 1 38 ? 0.843   6.160   -3.505  1.00 10.10 ? 119 TRP A N    1 
ATOM   567 C CA   . TRP A 1 38 ? 0.282   6.452   -2.199  1.00 9.92  ? 119 TRP A CA   1 
ATOM   568 C C    . TRP A 1 38 ? 1.247   5.978   -1.131  1.00 9.76  ? 119 TRP A C    1 
ATOM   569 O O    . TRP A 1 38 ? 1.829   4.894   -1.240  1.00 9.85  ? 119 TRP A O    1 
ATOM   570 C CB   . TRP A 1 38 ? -1.022  5.693   -2.009  1.00 10.59 ? 119 TRP A CB   1 
ATOM   571 C CG   . TRP A 1 38 ? -2.145  6.180   -2.854  1.00 10.49 ? 119 TRP A CG   1 
ATOM   572 C CD1  . TRP A 1 38 ? -2.174  7.308   -3.624  1.00 11.85 ? 119 TRP A CD1  1 
ATOM   573 C CD2  . TRP A 1 38 ? -3.430  5.576   -2.976  1.00 11.06 ? 119 TRP A CD2  1 
ATOM   574 N NE1  . TRP A 1 38 ? -3.402  7.432   -4.227  1.00 12.18 ? 119 TRP A NE1  1 
ATOM   575 C CE2  . TRP A 1 38 ? -4.192  6.384   -3.837  1.00 12.48 ? 119 TRP A CE2  1 
ATOM   576 C CE3  . TRP A 1 38 ? -4.012  4.423   -2.439  1.00 12.19 ? 119 TRP A CE3  1 
ATOM   577 C CZ2  . TRP A 1 38 ? -5.493  6.072   -4.188  1.00 13.20 ? 119 TRP A CZ2  1 
ATOM   578 C CZ3  . TRP A 1 38 ? -5.307  4.122   -2.785  1.00 13.54 ? 119 TRP A CZ3  1 
ATOM   579 C CH2  . TRP A 1 38 ? -6.037  4.945   -3.651  1.00 14.35 ? 119 TRP A CH2  1 
ATOM   580 H H    . TRP A 1 38 ? 0.893   5.318   -3.673  1.00 12.12 ? 119 TRP A H    1 
ATOM   581 H HA   . TRP A 1 38 ? 0.124   7.404   -2.098  1.00 11.91 ? 119 TRP A HA   1 
ATOM   582 H HB2  . TRP A 1 38 ? -0.872  4.760   -2.226  1.00 12.70 ? 119 TRP A HB2  1 
ATOM   583 H HB3  . TRP A 1 38 ? -1.295  5.773   -1.081  1.00 12.70 ? 119 TRP A HB3  1 
ATOM   584 H HD1  . TRP A 1 38 ? -1.469  7.907   -3.721  1.00 14.22 ? 119 TRP A HD1  1 
ATOM   585 H HE1  . TRP A 1 38 ? -3.638  8.066   -4.757  1.00 14.62 ? 119 TRP A HE1  1 
ATOM   586 H HE3  . TRP A 1 38 ? -3.534  3.874   -1.860  1.00 14.63 ? 119 TRP A HE3  1 
ATOM   587 H HZ2  . TRP A 1 38 ? -5.979  6.614   -4.766  1.00 15.84 ? 119 TRP A HZ2  1 
ATOM   588 H HZ3  . TRP A 1 38 ? -5.708  3.360   -2.435  1.00 16.25 ? 119 TRP A HZ3  1 
ATOM   589 H HH2  . TRP A 1 38 ? -6.911  4.713   -3.869  1.00 17.22 ? 119 TRP A HH2  1 
ATOM   590 N N    . LEU A 1 39 ? 1.395   6.764   -0.077  1.00 9.57  ? 120 LEU A N    1 
ATOM   591 C CA   . LEU A 1 39 ? 2.117   6.275   1.090   1.00 10.00 ? 120 LEU A CA   1 
ATOM   592 C C    . LEU A 1 39 ? 1.192   5.356   1.873   1.00 8.94  ? 120 LEU A C    1 
ATOM   593 O O    . LEU A 1 39 ? 0.077   5.747   2.235   1.00 9.07  ? 120 LEU A O    1 
ATOM   594 C CB   . LEU A 1 39 ? 2.583   7.440   1.961   1.00 10.88 ? 120 LEU A CB   1 
ATOM   595 C CG   . LEU A 1 39 ? 3.533   7.064   3.096   1.00 12.17 ? 120 LEU A CG   1 
ATOM   596 C CD1  . LEU A 1 39 ? 4.806   6.449   2.574   1.00 13.05 ? 120 LEU A CD1  1 
ATOM   597 C CD2  . LEU A 1 39 ? 3.857   8.295   3.896   1.00 13.74 ? 120 LEU A CD2  1 
ATOM   598 H H    . LEU A 1 39 ? 1.096   7.567   -0.009  1.00 11.48 ? 120 LEU A H    1 
ATOM   599 H HA   . LEU A 1 39 ? 2.893   5.768   0.806   1.00 12.00 ? 120 LEU A HA   1 
ATOM   600 H HB2  . LEU A 1 39 ? 3.043   8.082   1.397   1.00 13.05 ? 120 LEU A HB2  1 
ATOM   601 H HB3  . LEU A 1 39 ? 1.803   7.859   2.359   1.00 13.05 ? 120 LEU A HB3  1 
ATOM   602 H HG   . LEU A 1 39 ? 3.099   6.423   3.681   1.00 14.60 ? 120 LEU A HG   1 
ATOM   603 H HD11 . LEU A 1 39 ? 5.379   6.226   3.324   1.00 15.66 ? 120 LEU A HD11 1 
ATOM   604 H HD12 . LEU A 1 39 ? 4.587   5.647   2.075   1.00 15.66 ? 120 LEU A HD12 1 
ATOM   605 H HD13 . LEU A 1 39 ? 5.252   7.089   1.997   1.00 15.66 ? 120 LEU A HD13 1 
ATOM   606 H HD21 . LEU A 1 39 ? 4.461   8.053   4.616   1.00 16.48 ? 120 LEU A HD21 1 
ATOM   607 H HD22 . LEU A 1 39 ? 4.280   8.946   3.315   1.00 16.48 ? 120 LEU A HD22 1 
ATOM   608 H HD23 . LEU A 1 39 ? 3.036   8.659   4.260   1.00 16.48 ? 120 LEU A HD23 1 
ATOM   609 N N    . ALA A 1 40 ? 1.664   4.141   2.129   1.00 8.97  ? 121 ALA A N    1 
ATOM   610 C CA   . ALA A 1 40 ? 0.881   3.111   2.783   1.00 9.07  ? 121 ALA A CA   1 
ATOM   611 C C    . ALA A 1 40 ? 1.695   2.449   3.881   1.00 8.75  ? 121 ALA A C    1 
ATOM   612 O O    . ALA A 1 40 ? 2.923   2.415   3.849   1.00 9.68  ? 121 ALA A O    1 
ATOM   613 C CB   . ALA A 1 40 ? 0.441   2.050   1.778   1.00 9.84  ? 121 ALA A CB   1 
ATOM   614 H H    . ALA A 1 40 ? 2.460   3.886   1.925   1.00 10.77 ? 121 ALA A H    1 
ATOM   615 H HA   . ALA A 1 40 ? 0.090   3.508   3.181   1.00 10.89 ? 121 ALA A HA   1 
ATOM   616 H HB1  . ALA A 1 40 ? -0.080  1.375   2.240   1.00 11.81 ? 121 ALA A HB1  1 
ATOM   617 H HB2  . ALA A 1 40 ? -0.098  2.471   1.090   1.00 11.81 ? 121 ALA A HB2  1 
ATOM   618 H HB3  . ALA A 1 40 ? 1.229   1.646   1.382   1.00 11.81 ? 121 ALA A HB3  1 
ATOM   619 N N    . HIS A 1 41 ? 0.972   1.884   4.836   1.00 8.77  ? 122 HIS A N    1 
ATOM   620 C CA   . HIS A 1 41 ? 1.548   1.188   5.974   1.00 9.56  ? 122 HIS A CA   1 
ATOM   621 C C    . HIS A 1 41 ? 0.917   -0.190  6.032   1.00 9.33  ? 122 HIS A C    1 
ATOM   622 O O    . HIS A 1 41 ? -0.309  -0.311  6.067   1.00 9.90  ? 122 HIS A O    1 
ATOM   623 C CB   . HIS A 1 41 ? 1.248   1.960   7.256   1.00 10.22 ? 122 HIS A CB   1 
ATOM   624 C CG   . HIS A 1 41 ? 1.716   1.272   8.494   1.00 11.74 ? 122 HIS A CG   1 
ATOM   625 N ND1  . HIS A 1 41 ? 3.045   1.217   8.859   1.00 12.66 ? 122 HIS A ND1  1 
ATOM   626 C CD2  . HIS A 1 41 ? 1.036   0.582   9.438   1.00 13.13 ? 122 HIS A CD2  1 
ATOM   627 C CE1  . HIS A 1 41 ? 3.159   0.536   9.986   1.00 13.90 ? 122 HIS A CE1  1 
ATOM   628 N NE2  . HIS A 1 41 ? 1.954   0.139   10.356  1.00 13.76 ? 122 HIS A NE2  1 
ATOM   629 H H    . HIS A 1 41 ? 0.113   1.892   4.846   1.00 10.53 ? 122 HIS A H    1 
ATOM   630 H HA   . HIS A 1 41 ? 2.508   1.099   5.866   1.00 11.47 ? 122 HIS A HA   1 
ATOM   631 H HB2  . HIS A 1 41 ? 1.688   2.823   7.211   1.00 12.27 ? 122 HIS A HB2  1 
ATOM   632 H HB3  . HIS A 1 41 ? 0.289   2.084   7.329   1.00 12.27 ? 122 HIS A HB3  1 
ATOM   633 H HD2  . HIS A 1 41 ? 0.118   0.442   9.463   1.00 15.76 ? 122 HIS A HD2  1 
ATOM   634 H HE1  . HIS A 1 41 ? 3.953   0.363   10.439  1.00 16.68 ? 122 HIS A HE1  1 
ATOM   635 H HE2  . HIS A 1 41 ? 1.775   -0.321  11.060  1.00 16.52 ? 122 HIS A HE2  1 
ATOM   636 N N    . SER A 1 42 ? 1.745   -1.223  6.025   1.00 9.27  ? 123 SER A N    1 
ATOM   637 C CA   . SER A 1 42 ? 1.231   -2.580  6.073   1.00 10.43 ? 123 SER A CA   1 
ATOM   638 C C    . SER A 1 42 ? 0.793   -2.940  7.477   1.00 11.69 ? 123 SER A C    1 
ATOM   639 O O    . SER A 1 42 ? 1.595   -2.903  8.415   1.00 12.77 ? 123 SER A O    1 
ATOM   640 C CB   . SER A 1 42 ? 2.288   -3.579  5.629   1.00 12.05 ? 123 SER A CB   1 
ATOM   641 O OG   . SER A 1 42 ? 1.835   -4.876  5.948   1.00 13.51 ? 123 SER A OG   1 
ATOM   642 H H    . SER A 1 42 ? 2.603   -1.166  5.994   1.00 11.12 ? 123 SER A H    1 
ATOM   643 H HA   . SER A 1 42 ? 0.466   -2.658  5.483   1.00 12.52 ? 123 SER A HA   1 
ATOM   644 H HB2  . SER A 1 42 ? 2.417   -3.507  4.671   1.00 14.46 ? 123 SER A HB2  1 
ATOM   645 H HB3  . SER A 1 42 ? 3.118   -3.400  6.098   1.00 14.46 ? 123 SER A HB3  1 
ATOM   646 H HG   . SER A 1 42 ? 2.406   -5.446  5.711   1.00 16.21 ? 123 SER A HG   1 
ATOM   647 N N    . LEU A 1 43 ? -0.471  -3.322  7.614   1.00 11.44 ? 124 LEU A N    1 
ATOM   648 C CA   . LEU A 1 43 ? -0.951  -3.815  8.898   1.00 13.43 ? 124 LEU A CA   1 
ATOM   649 C C    . LEU A 1 43 ? -0.322  -5.150  9.279   1.00 16.98 ? 124 LEU A C    1 
ATOM   650 O O    . LEU A 1 43 ? -0.386  -5.537  10.449  1.00 19.77 ? 124 LEU A O    1 
ATOM   651 C CB   . LEU A 1 43 ? -2.470  -3.916  8.845   1.00 12.29 ? 124 LEU A CB   1 
ATOM   652 C CG   . LEU A 1 43 ? -3.205  -2.594  8.589   1.00 12.01 ? 124 LEU A CG   1 
ATOM   653 C CD1  . LEU A 1 43 ? -4.704  -2.804  8.491   1.00 13.34 ? 124 LEU A CD1  1 
ATOM   654 C CD2  . LEU A 1 43 ? -2.894  -1.556  9.656   1.00 12.90 ? 124 LEU A CD2  1 
ATOM   655 H H    . LEU A 1 43 ? -1.062  -3.309  6.989   1.00 13.73 ? 124 LEU A H    1 
ATOM   656 H HA   . LEU A 1 43 ? -0.719  -3.171  9.586   1.00 16.12 ? 124 LEU A HA   1 
ATOM   657 H HB2  . LEU A 1 43 ? -2.714  -4.527  8.133   1.00 14.75 ? 124 LEU A HB2  1 
ATOM   658 H HB3  . LEU A 1 43 ? -2.784  -4.265  9.694   1.00 14.75 ? 124 LEU A HB3  1 
ATOM   659 H HG   . LEU A 1 43 ? -2.905  -2.235  7.739   1.00 14.41 ? 124 LEU A HG   1 
ATOM   660 H HD11 . LEU A 1 43 ? -5.133  -1.949  8.330   1.00 16.01 ? 124 LEU A HD11 1 
ATOM   661 H HD12 . LEU A 1 43 ? -4.890  -3.412  7.759   1.00 16.01 ? 124 LEU A HD12 1 
ATOM   662 H HD13 . LEU A 1 43 ? -5.023  -3.183  9.326   1.00 16.01 ? 124 LEU A HD13 1 
ATOM   663 H HD21 . LEU A 1 43 ? -3.379  -0.740  9.453   1.00 15.48 ? 124 LEU A HD21 1 
ATOM   664 H HD22 . LEU A 1 43 ? -3.171  -1.899  10.520  1.00 15.48 ? 124 LEU A HD22 1 
ATOM   665 H HD23 . LEU A 1 43 ? -1.940  -1.382  9.659   1.00 15.48 ? 124 LEU A HD23 1 
ATOM   666 N N    . THR A 1 44 ? 0.293   -5.844  8.324   1.00 18.08 ? 125 THR A N    1 
ATOM   667 C CA   . THR A 1 44 ? 0.899   -7.159  8.523   1.00 20.55 ? 125 THR A CA   1 
ATOM   668 C C    . THR A 1 44 ? 2.377   -7.059  8.900   1.00 19.97 ? 125 THR A C    1 
ATOM   669 O O    . THR A 1 44 ? 2.820   -7.672  9.874   1.00 21.93 ? 125 THR A O    1 
ATOM   670 C CB   . THR A 1 44 ? 0.758   -7.990  7.234   1.00 23.19 ? 125 THR A CB   1 
ATOM   671 O OG1  . THR A 1 44 ? -0.586  -7.903  6.733   1.00 24.78 ? 125 THR A OG1  1 
ATOM   672 C CG2  . THR A 1 44 ? 1.092   -9.457  7.494   1.00 24.53 ? 125 THR A CG2  1 
ATOM   673 H H    . THR A 1 44 ? 0.375   -5.560  7.518   1.00 21.70 ? 125 THR A H    1 
ATOM   674 H HA   . THR A 1 44 ? 0.434   -7.622  9.237   1.00 24.65 ? 125 THR A HA   1 
ATOM   675 H HB   . THR A 1 44 ? 1.373   -7.650  6.565   1.00 27.82 ? 125 THR A HB   1 
ATOM   676 H HG1  . THR A 1 44 ? -0.660  -8.356  6.031   1.00 29.74 ? 125 THR A HG1  1 
ATOM   677 H HG21 . THR A 1 44 ? 0.998   -9.968  6.674   1.00 29.43 ? 125 THR A HG21 1 
ATOM   678 H HG22 . THR A 1 44 ? 2.003   -9.538  7.814   1.00 29.43 ? 125 THR A HG22 1 
ATOM   679 H HG23 . THR A 1 44 ? 0.489   -9.821  8.162   1.00 29.43 ? 125 THR A HG23 1 
ATOM   680 N N    . THR A 1 45 ? 3.161   -6.319  8.117   1.00 17.32 ? 126 THR A N    1 
ATOM   681 C CA   . THR A 1 45 ? 4.607   -6.269  8.286   1.00 16.99 ? 126 THR A CA   1 
ATOM   682 C C    . THR A 1 45 ? 5.075   -5.045  9.056   1.00 17.82 ? 126 THR A C    1 
ATOM   683 O O    . THR A 1 45 ? 6.231   -5.018  9.504   1.00 18.84 ? 126 THR A O    1 
ATOM   684 C CB   . THR A 1 45 ? 5.295   -6.244  6.916   1.00 15.57 ? 126 THR A CB   1 
ATOM   685 O OG1  . THR A 1 45 ? 5.004   -4.996  6.276   1.00 14.54 ? 126 THR A OG1  1 
ATOM   686 C CG2  . THR A 1 45 ? 4.830   -7.403  6.024   1.00 15.32 ? 126 THR A CG2  1 
ATOM   687 H H    . THR A 1 45 ? 2.872   -5.831  7.471   1.00 20.78 ? 126 THR A H    1 
ATOM   688 H HA   . THR A 1 45 ? 4.903   -7.060  8.763   1.00 20.39 ? 126 THR A HA   1 
ATOM   689 H HB   . THR A 1 45 ? 6.253   -6.323  7.040   1.00 18.69 ? 126 THR A HB   1 
ATOM   690 H HG1  . THR A 1 45 ? 5.374   -4.967  5.523   1.00 17.45 ? 126 THR A HG1  1 
ATOM   691 H HG21 . THR A 1 45 ? 5.281   -7.360  5.166   1.00 18.39 ? 126 THR A HG21 1 
ATOM   692 H HG22 . THR A 1 45 ? 5.037   -8.250  6.447   1.00 18.39 ? 126 THR A HG22 1 
ATOM   693 H HG23 . THR A 1 45 ? 3.873   -7.348  5.880   1.00 18.39 ? 126 THR A HG23 1 
ATOM   694 N N    . GLY A 1 46 ? 4.216   -4.038  9.208   1.00 16.71 ? 127 GLY A N    1 
ATOM   695 C CA   . GLY A 1 46 ? 4.587   -2.796  9.838   1.00 17.14 ? 127 GLY A CA   1 
ATOM   696 C C    . GLY A 1 46 ? 5.478   -1.913  9.010   1.00 15.67 ? 127 GLY A C    1 
ATOM   697 O O    . GLY A 1 46 ? 5.882   -0.848  9.489   1.00 17.64 ? 127 GLY A O    1 
ATOM   698 H H    . GLY A 1 46 ? 3.398   -4.061  8.943   1.00 20.05 ? 127 GLY A H    1 
ATOM   699 H HA2  . GLY A 1 46 ? 3.783   -2.297  10.049  1.00 20.57 ? 127 GLY A HA2  1 
ATOM   700 H HA3  . GLY A 1 46 ? 5.047   -2.990  10.670  1.00 20.57 ? 127 GLY A HA3  1 
ATOM   701 N N    . ARG A 1 47 ? 5.776   -2.302  7.772   1.00 13.69 ? 128 ARG A N    1 
ATOM   702 C CA   . ARG A 1 47 ? 6.586   -1.461  6.917   1.00 13.34 ? 128 ARG A CA   1 
ATOM   703 C C    . ARG A 1 47 ? 5.724   -0.370  6.308   1.00 12.47 ? 128 ARG A C    1 
ATOM   704 O O    . ARG A 1 47 ? 4.502   -0.489  6.217   1.00 11.94 ? 128 ARG A O    1 
ATOM   705 C CB   . ARG A 1 47 ? 7.276   -2.298  5.840   1.00 13.97 ? 128 ARG A CB   1 
ATOM   706 C CG   . ARG A 1 47 ? 8.190   -3.374  6.407   1.00 14.77 ? 128 ARG A CG   1 
ATOM   707 C CD   . ARG A 1 47 ? 9.173   -3.875  5.362   1.00 14.92 ? 128 ARG A CD   1 
ATOM   708 N NE   . ARG A 1 47 ? 8.510   -4.476  4.205   1.00 14.61 ? 128 ARG A NE   1 
ATOM   709 C CZ   . ARG A 1 47 ? 8.067   -5.726  4.154   1.00 14.84 ? 128 ARG A CZ   1 
ATOM   710 N NH1  . ARG A 1 47 ? 8.225   -6.529  5.196   1.00 14.58 ? 128 ARG A NH1  1 
ATOM   711 N NH2  . ARG A 1 47 ? 7.466   -6.173  3.058   1.00 15.34 ? 128 ARG A NH2  1 
ATOM   712 H H    . ARG A 1 47 ? 5.521   -3.041  7.412   1.00 16.43 ? 128 ARG A H    1 
ATOM   713 H HA   . ARG A 1 47 ? 7.274   -1.035  7.453   1.00 16.01 ? 128 ARG A HA   1 
ATOM   714 H HB2  . ARG A 1 47 ? 6.598   -2.735  5.301   1.00 16.77 ? 128 ARG A HB2  1 
ATOM   715 H HB3  . ARG A 1 47 ? 7.814   -1.712  5.284   1.00 16.77 ? 128 ARG A HB3  1 
ATOM   716 H HG2  . ARG A 1 47 ? 8.695   -3.008  7.149   1.00 17.73 ? 128 ARG A HG2  1 
ATOM   717 H HG3  . ARG A 1 47 ? 7.653   -4.126  6.704   1.00 17.73 ? 128 ARG A HG3  1 
ATOM   718 H HD2  . ARG A 1 47 ? 9.708   -3.129  5.048   1.00 17.90 ? 128 ARG A HD2  1 
ATOM   719 H HD3  . ARG A 1 47 ? 9.746   -4.548  5.763   1.00 17.90 ? 128 ARG A HD3  1 
ATOM   720 H HE   . ARG A 1 47 ? 8.399   -3.984  3.508   1.00 17.53 ? 128 ARG A HE   1 
ATOM   721 H HH11 . ARG A 1 47 ? 8.611   -6.240  5.909   1.00 17.49 ? 128 ARG A HH11 1 
ATOM   722 H HH12 . ARG A 1 47 ? 7.939   -7.340  5.161   1.00 17.49 ? 128 ARG A HH12 1 
ATOM   723 H HH21 . ARG A 1 47 ? 7.365   -5.654  2.380   1.00 18.41 ? 128 ARG A HH21 1 
ATOM   724 H HH22 . ARG A 1 47 ? 7.184   -6.986  3.023   1.00 18.41 ? 128 ARG A HH22 1 
ATOM   725 N N    . THR A 1 48 ? 6.383   0.690   5.886   1.00 12.53 ? 129 THR A N    1 
ATOM   726 C CA   . THR A 1 48 ? 5.713   1.871   5.379   1.00 12.49 ? 129 THR A CA   1 
ATOM   727 C C    . THR A 1 48 ? 6.456   2.305   4.135   1.00 12.60 ? 129 THR A C    1 
ATOM   728 O O    . THR A 1 48 ? 7.687   2.282   4.106   1.00 16.14 ? 129 THR A O    1 
ATOM   729 C CB   . THR A 1 48 ? 5.743   2.994   6.431   1.00 12.97 ? 129 THR A CB   1 
ATOM   730 O OG1  . THR A 1 48 ? 5.301   2.471   7.687   1.00 12.71 ? 129 THR A OG1  1 
ATOM   731 C CG2  . THR A 1 48 ? 4.844   4.135   6.034   1.00 13.47 ? 129 THR A CG2  1 
ATOM   732 H H    . THR A 1 48 ? 7.241   0.752   5.881   1.00 15.04 ? 129 THR A H    1 
ATOM   733 H HA   . THR A 1 48 ? 4.792   1.666   5.151   1.00 14.99 ? 129 THR A HA   1 
ATOM   734 H HB   . THR A 1 48 ? 6.648   3.332   6.521   1.00 15.56 ? 129 THR A HB   1 
ATOM   735 H HG1  . THR A 1 48 ? 4.518   2.177   7.617   1.00 15.26 ? 129 THR A HG1  1 
ATOM   736 H HG21 . THR A 1 48 ? 4.876   4.832   6.708   1.00 16.16 ? 129 THR A HG21 1 
ATOM   737 H HG22 . THR A 1 48 ? 5.132   4.504   5.185   1.00 16.16 ? 129 THR A HG22 1 
ATOM   738 H HG23 . THR A 1 48 ? 3.930   3.822   5.948   1.00 16.16 ? 129 THR A HG23 1 
ATOM   739 N N    . GLY A 1 49 ? 5.719   2.653   3.091   1.00 10.82 ? 130 GLY A N    1 
ATOM   740 C CA   . GLY A 1 49 ? 6.357   3.159   1.895   1.00 10.90 ? 130 GLY A CA   1 
ATOM   741 C C    . GLY A 1 49 ? 5.332   3.389   0.813   1.00 10.12 ? 130 GLY A C    1 
ATOM   742 O O    . GLY A 1 49 ? 4.131   3.160   0.998   1.00 10.12 ? 130 GLY A O    1 
ATOM   743 H H    . GLY A 1 49 ? 4.861   2.605   3.051   1.00 12.99 ? 130 GLY A H    1 
ATOM   744 H HA2  . GLY A 1 49 ? 6.802   3.999   2.088   1.00 13.09 ? 130 GLY A HA2  1 
ATOM   745 H HA3  . GLY A 1 49 ? 7.015   2.522   1.575   1.00 13.09 ? 130 GLY A HA3  1 
ATOM   746 N N    . TYR A 1 50 ? 5.828   3.850   -0.327  1.00 10.30 ? 131 TYR A N    1 
ATOM   747 C CA   . TYR A 1 50 ? 4.957   4.180   -1.440  1.00 10.11 ? 131 TYR A CA   1 
ATOM   748 C C    . TYR A 1 50 ? 4.528   2.943   -2.208  1.00 9.69  ? 131 TYR A C    1 
ATOM   749 O O    . TYR A 1 50 ? 5.316   2.026   -2.442  1.00 10.13 ? 131 TYR A O    1 
ATOM   750 C CB   . TYR A 1 50 ? 5.628   5.186   -2.373  1.00 11.63 ? 131 TYR A CB   1 
ATOM   751 C CG   . TYR A 1 50 ? 5.779   6.523   -1.700  1.00 14.26 ? 131 TYR A CG   1 
ATOM   752 C CD1  . TYR A 1 50 ? 4.703   7.383   -1.591  1.00 15.75 ? 131 TYR A CD1  1 
ATOM   753 C CD2  . TYR A 1 50 ? 6.981   6.895   -1.090  1.00 16.73 ? 131 TYR A CD2  1 
ATOM   754 C CE1  . TYR A 1 50 ? 4.835   8.603   -0.928  1.00 17.18 ? 131 TYR A CE1  1 
ATOM   755 C CE2  . TYR A 1 50 ? 7.113   8.093   -0.440  1.00 17.95 ? 131 TYR A CE2  1 
ATOM   756 C CZ   . TYR A 1 50 ? 6.042   8.930   -0.361  1.00 18.12 ? 131 TYR A CZ   1 
ATOM   757 O OH   . TYR A 1 50 ? 6.210   10.116  0.298   1.00 20.24 ? 131 TYR A OH   1 
ATOM   758 H H    . TYR A 1 50 ? 6.665   3.980   -0.479  1.00 12.36 ? 131 TYR A H    1 
ATOM   759 H HA   . TYR A 1 50 ? 4.155   4.598   -1.090  1.00 12.13 ? 131 TYR A HA   1 
ATOM   760 H HB2  . TYR A 1 50 ? 6.511   4.862   -2.612  1.00 13.96 ? 131 TYR A HB2  1 
ATOM   761 H HB3  . TYR A 1 50 ? 5.083   5.302   -3.166  1.00 13.96 ? 131 TYR A HB3  1 
ATOM   762 H HD1  . TYR A 1 50 ? 3.887   7.152   -1.974  1.00 18.90 ? 131 TYR A HD1  1 
ATOM   763 H HD2  . TYR A 1 50 ? 7.711   6.323   -1.140  1.00 20.07 ? 131 TYR A HD2  1 
ATOM   764 H HE1  . TYR A 1 50 ? 4.114   9.186   -0.867  1.00 20.61 ? 131 TYR A HE1  1 
ATOM   765 H HE2  . TYR A 1 50 ? 7.924   8.330   -0.051  1.00 21.54 ? 131 TYR A HE2  1 
ATOM   766 H HH   . TYR A 1 50 ? 5.495   10.555  0.285   1.00 24.29 ? 131 TYR A HH   1 
ATOM   767 N N    . ILE A 1 51 ? 3.270   2.949   -2.624  1.00 9.50  ? 132 ILE A N    1 
ATOM   768 C CA   . ILE A 1 51 ? 2.698   1.843   -3.381  1.00 9.14  ? 132 ILE A CA   1 
ATOM   769 C C    . ILE A 1 51 ? 2.015   2.390   -4.620  1.00 9.59  ? 132 ILE A C    1 
ATOM   770 O O    . ILE A 1 51 ? 1.516   3.523   -4.612  1.00 9.49  ? 132 ILE A O    1 
ATOM   771 C CB   . ILE A 1 51 ? 1.689   1.044   -2.544  1.00 9.28  ? 132 ILE A CB   1 
ATOM   772 C CG1  . ILE A 1 51 ? 0.436   1.867   -2.183  1.00 9.90  ? 132 ILE A CG1  1 
ATOM   773 C CG2  . ILE A 1 51 ? 2.369   0.500   -1.304  1.00 9.46  ? 132 ILE A CG2  1 
ATOM   774 C CD1  . ILE A 1 51 ? -0.691  1.015   -1.636  1.00 11.55 ? 132 ILE A CD1  1 
ATOM   775 H H    . ILE A 1 51 ? 2.717   3.592   -2.478  1.00 11.40 ? 132 ILE A H    1 
ATOM   776 H HA   . ILE A 1 51 ? 3.408   1.245   -3.661  1.00 10.97 ? 132 ILE A HA   1 
ATOM   777 H HB   . ILE A 1 51 ? 1.400   0.287   -3.077  1.00 11.14 ? 132 ILE A HB   1 
ATOM   778 H HG12 . ILE A 1 51 ? 0.673   2.521   -1.507  1.00 11.87 ? 132 ILE A HG12 1 
ATOM   779 H HG13 . ILE A 1 51 ? 0.112   2.316   -2.980  1.00 11.87 ? 132 ILE A HG13 1 
ATOM   780 H HG21 . ILE A 1 51 ? 1.722   -0.003  -0.785  1.00 11.35 ? 132 ILE A HG21 1 
ATOM   781 H HG22 . ILE A 1 51 ? 3.100   -0.079  -1.573  1.00 11.35 ? 132 ILE A HG22 1 
ATOM   782 H HG23 . ILE A 1 51 ? 2.711   1.242   -0.780  1.00 11.35 ? 132 ILE A HG23 1 
ATOM   783 H HD11 . ILE A 1 51 ? -1.447  1.586   -1.428  1.00 13.85 ? 132 ILE A HD11 1 
ATOM   784 H HD12 . ILE A 1 51 ? -0.945  0.359   -2.304  1.00 13.85 ? 132 ILE A HD12 1 
ATOM   785 H HD13 . ILE A 1 51 ? -0.386  0.565   -0.832  1.00 13.85 ? 132 ILE A HD13 1 
ATOM   786 N N    . PRO A 1 52 ? 1.928   1.602   -5.687  1.00 9.39  ? 133 PRO A N    1 
ATOM   787 C CA   . PRO A 1 52 ? 1.126   2.014   -6.840  1.00 9.91  ? 133 PRO A CA   1 
ATOM   788 C C    . PRO A 1 52 ? -0.347  1.943   -6.484  1.00 9.57  ? 133 PRO A C    1 
ATOM   789 O O    . PRO A 1 52 ? -0.841  0.909   -6.026  1.00 10.37 ? 133 PRO A O    1 
ATOM   790 C CB   . PRO A 1 52 ? 1.473   0.986   -7.924  1.00 11.40 ? 133 PRO A CB   1 
ATOM   791 C CG   . PRO A 1 52 ? 2.477   0.083   -7.348  1.00 12.45 ? 133 PRO A CG   1 
ATOM   792 C CD   . PRO A 1 52 ? 2.563   0.290   -5.884  1.00 10.53 ? 133 PRO A CD   1 
ATOM   793 H HA   . PRO A 1 52 ? 1.362   2.909   -7.133  1.00 11.89 ? 133 PRO A HA   1 
ATOM   794 H HB2  . PRO A 1 52 ? 0.674   0.492   -8.167  1.00 13.68 ? 133 PRO A HB2  1 
ATOM   795 H HB3  . PRO A 1 52 ? 1.835   1.445   -8.698  1.00 13.68 ? 133 PRO A HB3  1 
ATOM   796 H HG2  . PRO A 1 52 ? 2.216   -0.833  -7.535  1.00 14.94 ? 133 PRO A HG2  1 
ATOM   797 H HG3  . PRO A 1 52 ? 3.336   0.269   -7.758  1.00 14.94 ? 133 PRO A HG3  1 
ATOM   798 H HD2  . PRO A 1 52 ? 2.068   -0.400  -5.415  1.00 12.64 ? 133 PRO A HD2  1 
ATOM   799 H HD3  . PRO A 1 52 ? 3.491   0.318   -5.601  1.00 12.64 ? 133 PRO A HD3  1 
ATOM   800 N N    . SER A 1 53 ? -1.056  3.039   -6.720  1.00 9.77  ? 134 SER A N    1 
ATOM   801 C CA   . SER A 1 53 ? -2.436  3.121   -6.271  1.00 11.53 ? 134 SER A CA   1 
ATOM   802 C C    . SER A 1 53 ? -3.336  2.133   -6.990  1.00 11.27 ? 134 SER A C    1 
ATOM   803 O O    . SER A 1 53 ? -4.390  1.771   -6.454  1.00 12.50 ? 134 SER A O    1 
ATOM   804 C CB   . SER A 1 53 ? -2.971  4.531   -6.467  1.00 13.63 ? 134 SER A CB   1 
ATOM   805 O OG   . SER A 1 53 ? -2.931  4.856   -7.839  1.00 14.67 ? 134 SER A OG   1 
ATOM   806 H H    . SER A 1 53 ? -0.768  3.737   -7.133  1.00 11.73 ? 134 SER A H    1 
ATOM   807 H HA   . SER A 1 53 ? -2.469  2.919   -5.322  1.00 13.83 ? 134 SER A HA   1 
ATOM   808 H HB2  . SER A 1 53 ? -3.888  4.573   -6.153  1.00 16.35 ? 134 SER A HB2  1 
ATOM   809 H HB3  . SER A 1 53 ? -2.418  5.156   -5.972  1.00 16.35 ? 134 SER A HB3  1 
ATOM   810 H HG   . SER A 1 53 ? -3.226  5.634   -7.959  1.00 17.60 ? 134 SER A HG   1 
ATOM   811 N N    . ASN A 1 54 ? -2.960  1.700   -8.191  1.00 10.57 ? 135 ASN A N    1 
ATOM   812 C CA   . ASN A 1 54 ? -3.787  0.752   -8.933  1.00 11.43 ? 135 ASN A CA   1 
ATOM   813 C C    . ASN A 1 54 ? -3.568  -0.695  -8.501  1.00 10.71 ? 135 ASN A C    1 
ATOM   814 O O    . ASN A 1 54 ? -4.207  -1.594  -9.055  1.00 11.63 ? 135 ASN A O    1 
ATOM   815 C CB   . ASN A 1 54 ? -3.587  0.906   -10.458 1.00 12.62 ? 135 ASN A CB   1 
ATOM   816 C CG   . ASN A 1 54 ? -2.197  0.504   -10.910 1.00 14.31 ? 135 ASN A CG   1 
ATOM   817 O OD1  . ASN A 1 54 ? -1.219  0.729   -10.218 1.00 15.19 ? 135 ASN A OD1  1 
ATOM   818 N ND2  . ASN A 1 54 ? -2.109  -0.114  -12.081 1.00 17.82 ? 135 ASN A ND2  1 
ATOM   819 H H    . ASN A 1 54 ? -2.238  1.937   -8.594  1.00 12.68 ? 135 ASN A H    1 
ATOM   820 H HA   . ASN A 1 54 ? -4.716  0.962   -8.748  1.00 13.72 ? 135 ASN A HA   1 
ATOM   821 H HB2  . ASN A 1 54 ? -4.227  0.341   -10.919 1.00 15.14 ? 135 ASN A HB2  1 
ATOM   822 H HB3  . ASN A 1 54 ? -3.726  1.833   -10.703 1.00 15.14 ? 135 ASN A HB3  1 
ATOM   823 H HD21 . ASN A 1 54 ? -1.342  -0.361  -12.381 1.00 21.38 ? 135 ASN A HD21 1 
ATOM   824 H HD22 . ASN A 1 54 ? -2.820  -0.268  -12.540 1.00 21.38 ? 135 ASN A HD22 1 
ATOM   825 N N    . TYR A 1 55 ? -2.713  -0.944  -7.509  1.00 9.41  ? 136 TYR A N    1 
ATOM   826 C CA   . TYR A 1 55 ? -2.513  -2.288  -6.992  1.00 8.91  ? 136 TYR A CA   1 
ATOM   827 C C    . TYR A 1 55 ? -3.395  -2.597  -5.797  1.00 8.84  ? 136 TYR A C    1 
ATOM   828 O O    . TYR A 1 55 ? -3.277  -3.686  -5.240  1.00 9.19  ? 136 TYR A O    1 
ATOM   829 C CB   . TYR A 1 55 ? -1.048  -2.510  -6.605  1.00 9.34  ? 136 TYR A CB   1 
ATOM   830 C CG   . TYR A 1 55 ? -0.117  -2.924  -7.728  1.00 9.60  ? 136 TYR A CG   1 
ATOM   831 C CD1  . TYR A 1 55 ? 0.000   -2.173  -8.896  1.00 10.86 ? 136 TYR A CD1  1 
ATOM   832 C CD2  . TYR A 1 55 ? 0.672   -4.049  -7.596  1.00 10.74 ? 136 TYR A CD2  1 
ATOM   833 C CE1  . TYR A 1 55 ? 0.882   -2.546  -9.894  1.00 12.70 ? 136 TYR A CE1  1 
ATOM   834 C CE2  . TYR A 1 55 ? 1.550   -4.432  -8.590  1.00 12.25 ? 136 TYR A CE2  1 
ATOM   835 C CZ   . TYR A 1 55 ? 1.646   -3.677  -9.742  1.00 13.35 ? 136 TYR A CZ   1 
ATOM   836 O OH   . TYR A 1 55 ? 2.523   -4.032  -10.746 1.00 16.24 ? 136 TYR A OH   1 
ATOM   837 H H    . TYR A 1 55 ? -2.237  -0.343  -7.120  1.00 11.30 ? 136 TYR A H    1 
ATOM   838 H HA   . TYR A 1 55 ? -2.732  -2.924  -7.691  1.00 10.70 ? 136 TYR A HA   1 
ATOM   839 H HB2  . TYR A 1 55 ? -0.703  -1.683  -6.233  1.00 11.21 ? 136 TYR A HB2  1 
ATOM   840 H HB3  . TYR A 1 55 ? -1.013  -3.205  -5.930  1.00 11.21 ? 136 TYR A HB3  1 
ATOM   841 H HD1  . TYR A 1 55 ? -0.513  -1.405  -9.002  1.00 13.04 ? 136 TYR A HD1  1 
ATOM   842 H HD2  . TYR A 1 55 ? 0.613   -4.558  -6.820  1.00 12.88 ? 136 TYR A HD2  1 
ATOM   843 H HE1  . TYR A 1 55 ? 0.947   -2.039  -10.671 1.00 15.24 ? 136 TYR A HE1  1 
ATOM   844 H HE2  . TYR A 1 55 ? 2.071   -5.195  -8.486  1.00 14.70 ? 136 TYR A HE2  1 
ATOM   845 H HH   . TYR A 1 55 ? 2.481   -3.475  -11.374 1.00 19.48 ? 136 TYR A HH   1 
ATOM   846 N N    . VAL A 1 56 ? -4.233  -1.657  -5.357  1.00 8.70  ? 137 VAL A N    1 
ATOM   847 C CA   . VAL A 1 56 ? -5.023  -1.836  -4.150  1.00 8.69  ? 137 VAL A CA   1 
ATOM   848 C C    . VAL A 1 56 ? -6.459  -1.417  -4.414  1.00 9.30  ? 137 VAL A C    1 
ATOM   849 O O    . VAL A 1 56 ? -6.757  -0.679  -5.356  1.00 10.27 ? 137 VAL A O    1 
ATOM   850 C CB   . VAL A 1 56 ? -4.452  -1.032  -2.963  1.00 9.32  ? 137 VAL A CB   1 
ATOM   851 C CG1  . VAL A 1 56 ? -3.145  -1.626  -2.516  1.00 9.81  ? 137 VAL A CG1  1 
ATOM   852 C CG2  . VAL A 1 56 ? -4.287  0.467   -3.316  1.00 9.74  ? 137 VAL A CG2  1 
ATOM   853 H H    . VAL A 1 56 ? -4.359  -0.902  -5.747  1.00 10.44 ? 137 VAL A H    1 
ATOM   854 H HA   . VAL A 1 56 ? -5.023  -2.774  -3.905  1.00 10.42 ? 137 VAL A HA   1 
ATOM   855 H HB   . VAL A 1 56 ? -5.072  -1.092  -2.220  1.00 11.18 ? 137 VAL A HB   1 
ATOM   856 H HG11 . VAL A 1 56 ? -2.802  -1.108  -1.772  1.00 11.77 ? 137 VAL A HG11 1 
ATOM   857 H HG12 . VAL A 1 56 ? -3.293  -2.544  -2.242  1.00 11.77 ? 137 VAL A HG12 1 
ATOM   858 H HG13 . VAL A 1 56 ? -2.518  -1.598  -3.256  1.00 11.77 ? 137 VAL A HG13 1 
ATOM   859 H HG21 . VAL A 1 56 ? -3.928  0.935   -2.547  1.00 11.69 ? 137 VAL A HG21 1 
ATOM   860 H HG22 . VAL A 1 56 ? -3.680  0.549   -4.068  1.00 11.69 ? 137 VAL A HG22 1 
ATOM   861 H HG23 . VAL A 1 56 ? -5.156  0.833   -3.550  1.00 11.69 ? 137 VAL A HG23 1 
ATOM   862 N N    . ALA A 1 57 ? -7.351  -1.884  -3.550  1.00 9.40  ? 138 ALA A N    1 
ATOM   863 C CA   . ALA A 1 57 ? -8.755  -1.506  -3.591  1.00 10.55 ? 138 ALA A CA   1 
ATOM   864 C C    . ALA A 1 57 ? -9.261  -1.357  -2.164  1.00 10.16 ? 138 ALA A C    1 
ATOM   865 O O    . ALA A 1 57 ? -8.716  -1.977  -1.244  1.00 10.32 ? 138 ALA A O    1 
ATOM   866 C CB   . ALA A 1 57 ? -9.601  -2.559  -4.323  1.00 11.86 ? 138 ALA A CB   1 
ATOM   867 H H    . ALA A 1 57 ? -7.162  -2.434  -2.916  1.00 11.28 ? 138 ALA A H    1 
ATOM   868 H HA   . ALA A 1 57 ? -8.853  -0.656  -4.047  1.00 12.66 ? 138 ALA A HA   1 
ATOM   869 H HB1  . ALA A 1 57 ? -10.528 -2.271  -4.328  1.00 14.24 ? 138 ALA A HB1  1 
ATOM   870 H HB2  . ALA A 1 57 ? -9.276  -2.648  -5.232  1.00 14.24 ? 138 ALA A HB2  1 
ATOM   871 H HB3  . ALA A 1 57 ? -9.521  -3.407  -3.858  1.00 14.24 ? 138 ALA A HB3  1 
ATOM   872 N N    . PRO A 1 58 ? -10.315 -0.566  -1.951  1.00 11.99 ? 139 PRO A N    1 
ATOM   873 C CA   . PRO A 1 58 ? -10.830 -0.394  -0.583  1.00 13.63 ? 139 PRO A CA   1 
ATOM   874 C C    . PRO A 1 58 ? -11.242 -1.719  0.036   1.00 14.30 ? 139 PRO A C    1 
ATOM   875 O O    . PRO A 1 58 ? -11.770 -2.599  -0.642  1.00 16.28 ? 139 PRO A O    1 
ATOM   876 C CB   . PRO A 1 58 ? -12.039 0.530   -0.772  1.00 15.36 ? 139 PRO A CB   1 
ATOM   877 C CG   . PRO A 1 58 ? -11.802 1.214   -2.027  1.00 15.56 ? 139 PRO A CG   1 
ATOM   878 C CD   . PRO A 1 58 ? -11.019 0.295   -2.909  1.00 14.01 ? 139 PRO A CD   1 
ATOM   879 H HA   . PRO A 1 58 ? -10.170 0.041   -0.021  1.00 16.35 ? 139 PRO A HA   1 
ATOM   880 H HB2  . PRO A 1 58 ? -12.850 0.001   -0.818  1.00 18.43 ? 139 PRO A HB2  1 
ATOM   881 H HB3  . PRO A 1 58 ? -12.083 1.164   -0.040  1.00 18.43 ? 139 PRO A HB3  1 
ATOM   882 H HG2  . PRO A 1 58 ? -12.653 1.429   -2.439  1.00 18.68 ? 139 PRO A HG2  1 
ATOM   883 H HG3  . PRO A 1 58 ? -11.298 2.025   -1.858  1.00 18.68 ? 139 PRO A HG3  1 
ATOM   884 H HD2  . PRO A 1 58 ? -11.616 -0.231  -3.464  1.00 16.81 ? 139 PRO A HD2  1 
ATOM   885 H HD3  . PRO A 1 58 ? -10.384 0.797   -3.443  1.00 16.81 ? 139 PRO A HD3  1 
ATOM   886 N N    . SER A 1 59 ? -11.015 -1.846  1.345   1.00 14.42 ? 140 SER A N    1 
ATOM   887 C CA   . SER A 1 59 ? -11.220 -3.098  2.061   1.00 17.46 ? 140 SER A CA   1 
ATOM   888 C C    . SER A 1 59 ? -11.643 -2.828  3.499   1.00 19.25 ? 140 SER A C    1 
ATOM   889 O O    . SER A 1 59 ? -11.471 -1.724  4.027   1.00 19.49 ? 140 SER A O    1 
ATOM   890 C CB   . SER A 1 59 ? -9.921  -3.911  2.101   1.00 20.11 ? 140 SER A CB   1 
ATOM   891 O OG   . SER A 1 59 ? -10.009 -5.018  2.986   1.00 22.98 ? 140 SER A OG   1 
ATOM   892 H H    . SER A 1 59 ? -10.738 -1.206  1.848   1.00 17.31 ? 140 SER A H    1 
ATOM   893 H HA   . SER A 1 59 ? -11.907 -3.624  1.623   1.00 20.95 ? 140 SER A HA   1 
ATOM   894 H HB2  . SER A 1 59 ? -9.731  -4.239  1.209   1.00 24.13 ? 140 SER A HB2  1 
ATOM   895 H HB3  . SER A 1 59 ? -9.201  -3.333  2.398   1.00 24.13 ? 140 SER A HB3  1 
ATOM   896 H HG   . SER A 1 59 ? -10.169 -4.752  3.766   1.00 27.58 ? 140 SER A HG   1 
ATOM   897 N N    . ASP A 1 60 ? -12.179 -3.866  4.134   1.00 20.54 ? 141 ASP A N    1 
ATOM   898 C CA   . ASP A 1 60 ? -12.311 -3.899  5.583   1.00 22.39 ? 141 ASP A CA   1 
ATOM   899 C C    . ASP A 1 60 ? -10.970 -4.290  6.213   1.00 23.07 ? 141 ASP A C    1 
ATOM   900 O O    . ASP A 1 60 ? -10.702 -4.021  7.387   1.00 24.32 ? 141 ASP A O    1 
ATOM   901 C CB   . ASP A 1 60 ? -13.402 -4.891  5.981   1.00 24.52 ? 141 ASP A CB   1 
ATOM   902 C CG   . ASP A 1 60 ? -14.771 -4.465  5.499   1.00 26.57 ? 141 ASP A CG   1 
ATOM   903 O OD1  . ASP A 1 60 ? -15.094 -3.267  5.624   1.00 27.84 ? 141 ASP A OD1  1 
ATOM   904 O OD2  . ASP A 1 60 ? -15.518 -5.322  4.985   1.00 27.43 ? 141 ASP A OD2  1 
ATOM   905 O OXT  . ASP A 1 60 ? -10.111 -4.889  5.564   1.00 22.30 ? 141 ASP A OXT  1 
ATOM   906 H H    . ASP A 1 60 ? -12.478 -4.571  3.741   1.00 24.65 ? 141 ASP A H    1 
ATOM   907 H HA   . ASP A 1 60 ? -12.560 -3.020  5.906   1.00 26.87 ? 141 ASP A HA   1 
ATOM   908 H HB2  . ASP A 1 60 ? -13.202 -5.757  5.593   1.00 29.42 ? 141 ASP A HB2  1 
ATOM   909 H HB3  . ASP A 1 60 ? -13.431 -4.959  6.949   1.00 29.42 ? 141 ASP A HB3  1 
HETATM 910 O O    . HOH B 2 .  ? 4.285   -5.108  3.584   1.00 15.88 ? 201 HOH A O    1 
HETATM 911 O O    . HOH B 2 .  ? 4.392   -13.103 -7.237  0.50 26.08 ? 202 HOH A O    1 
HETATM 912 O O    . HOH B 2 .  ? -0.483  13.037  -8.451  1.00 22.48 ? 203 HOH A O    1 
HETATM 913 O O    . HOH B 2 .  ? 4.627   -5.506  -10.267 1.00 33.92 ? 204 HOH A O    1 
HETATM 914 O O    . HOH B 2 .  ? 11.743  -0.396  -0.317  1.00 26.58 ? 205 HOH A O    1 
HETATM 915 O O    . HOH B 2 .  ? -0.716  -3.791  12.398  1.00 32.36 ? 206 HOH A O    1 
HETATM 916 O O    . HOH B 2 .  ? 0.791   -13.749 -3.414  1.00 38.82 ? 207 HOH A O    1 
HETATM 917 O O    . HOH B 2 .  ? 8.566   -0.318  -8.966  1.00 23.10 ? 208 HOH A O    1 
HETATM 918 O O    . HOH B 2 .  ? 2.360   -2.773  -13.097 1.00 39.99 ? 209 HOH A O    1 
HETATM 919 O O    . HOH B 2 .  ? -5.490  -8.778  -13.539 1.00 14.58 ? 210 HOH A O    1 
HETATM 920 O O    . HOH B 2 .  ? 8.467   -3.089  -8.816  1.00 30.64 ? 211 HOH A O    1 
HETATM 921 O O    . HOH B 2 .  ? -12.502 -0.181  5.971   1.00 37.37 ? 212 HOH A O    1 
HETATM 922 O O    . HOH B 2 .  ? 2.330   -8.539  -9.410  1.00 26.53 ? 213 HOH A O    1 
HETATM 923 O O    . HOH B 2 .  ? -6.207  0.617   8.062   1.00 15.74 ? 214 HOH A O    1 
HETATM 924 O O    . HOH B 2 .  ? -11.511 10.401  9.843   0.50 30.38 ? 215 HOH A O    1 
HETATM 925 O O    . HOH B 2 .  ? 3.907   11.398  0.889   1.00 34.48 ? 216 HOH A O    1 
HETATM 926 O O    . HOH B 2 .  ? -6.790  -4.688  -11.681 1.00 24.82 ? 217 HOH A O    1 
HETATM 927 O O    . HOH B 2 .  ? -6.952  2.163   -5.603  1.00 25.35 ? 218 HOH A O    1 
HETATM 928 O O    . HOH B 2 .  ? -0.737  -13.702 -1.334  1.00 24.18 ? 219 HOH A O    1 
HETATM 929 O O    . HOH B 2 .  ? 15.244  -1.653  -9.148  1.00 27.20 ? 220 HOH A O    1 
HETATM 930 O O    . HOH B 2 .  ? -11.175 1.953   2.880   1.00 32.72 ? 221 HOH A O    1 
HETATM 931 O O    . HOH B 2 .  ? -5.003  15.058  -3.917  1.00 31.17 ? 222 HOH A O    1 
HETATM 932 O O    . HOH B 2 .  ? 7.850   2.314   8.709   1.00 28.36 ? 223 HOH A O    1 
HETATM 933 O O    . HOH B 2 .  ? -10.962 6.661   5.080   1.00 47.37 ? 224 HOH A O    1 
HETATM 934 O O    . HOH B 2 .  ? 4.322   -9.162  3.379   1.00 23.95 ? 225 HOH A O    1 
HETATM 935 O O    . HOH B 2 .  ? -12.432 6.223   8.228   1.00 42.01 ? 226 HOH A O    1 
HETATM 936 O O    . HOH B 2 .  ? -2.066  12.347  4.358   1.00 26.11 ? 227 HOH A O    1 
HETATM 937 O O    . HOH B 2 .  ? -14.301 -3.734  -0.778  1.00 39.79 ? 228 HOH A O    1 
HETATM 938 O O    . HOH B 2 .  ? -1.399  -11.885 1.896   1.00 27.75 ? 229 HOH A O    1 
HETATM 939 O O    . HOH B 2 .  ? 0.392   10.274  -2.302  1.00 16.39 ? 230 HOH A O    1 
HETATM 940 O O    . HOH B 2 .  ? -4.736  4.196   -9.863  1.00 36.62 ? 231 HOH A O    1 
HETATM 941 O O    . HOH B 2 .  ? -5.290  9.756   -4.827  1.00 18.28 ? 232 HOH A O    1 
HETATM 942 O O    . HOH B 2 .  ? 1.768   -9.896  11.200  1.00 38.48 ? 233 HOH A O    1 
HETATM 943 O O    . HOH B 2 .  ? 2.623   7.722   -12.593 1.00 27.01 ? 234 HOH A O    1 
HETATM 944 O O    . HOH B 2 .  ? -8.373  -0.580  -7.655  1.00 31.88 ? 235 HOH A O    1 
HETATM 945 O O    . HOH B 2 .  ? -6.895  -10.747 1.975   1.00 21.89 ? 236 HOH A O    1 
HETATM 946 O O    . HOH B 2 .  ? 9.065   5.707   1.999   1.00 31.47 ? 237 HOH A O    1 
HETATM 947 O O    . HOH B 2 .  ? 6.388   -6.618  -8.359  1.00 22.26 ? 238 HOH A O    1 
HETATM 948 O O    . HOH B 2 .  ? -3.633  -8.867  5.165   1.00 30.23 ? 239 HOH A O    1 
HETATM 949 O O    . HOH B 2 .  ? -11.319 1.948   5.762   1.00 28.28 ? 240 HOH A O    1 
HETATM 950 O O    . HOH B 2 .  ? 9.913   1.886   2.215   1.00 29.47 ? 241 HOH A O    1 
HETATM 951 O O    . HOH B 2 .  ? -6.230  13.015  -1.962  1.00 38.71 ? 242 HOH A O    1 
HETATM 952 O O    . HOH B 2 .  ? -9.266  10.625  0.652   1.00 45.01 ? 243 HOH A O    1 
HETATM 953 O O    . HOH B 2 .  ? -3.355  12.215  1.953   1.00 35.31 ? 244 HOH A O    1 
HETATM 954 O O    . HOH B 2 .  ? -3.684  -16.602 -4.121  1.00 26.43 ? 245 HOH A O    1 
HETATM 955 O O    . HOH B 2 .  ? -1.812  16.364  -5.742  1.00 30.35 ? 246 HOH A O    1 
HETATM 956 O O    . HOH B 2 .  ? 2.466   14.284  -1.926  1.00 36.95 ? 247 HOH A O    1 
HETATM 957 O O    . HOH B 2 .  ? 9.408   0.581   6.224   1.00 27.82 ? 248 HOH A O    1 
HETATM 958 O O    . HOH B 2 .  ? 0.482   -0.966  -13.599 1.00 32.85 ? 249 HOH A O    1 
HETATM 959 O O    . HOH B 2 .  ? -6.136  7.128   -8.218  1.00 41.21 ? 250 HOH A O    1 
HETATM 960 O O    . HOH B 2 .  ? 1.620   15.408  0.535   1.00 39.10 ? 251 HOH A O    1 
HETATM 961 O O    . HOH B 2 .  ? 8.992   0.156   9.705   1.00 38.33 ? 252 HOH A O    1 
HETATM 962 O O    . HOH B 2 .  ? -7.750  8.800   -3.572  1.00 28.12 ? 253 HOH A O    1 
HETATM 963 O O    . HOH B 2 .  ? 2.678   11.726  -1.327  1.00 26.03 ? 254 HOH A O    1 
HETATM 964 O O    . HOH B 2 .  ? 9.787   -0.485  3.410   1.00 28.78 ? 255 HOH A O    1 
HETATM 965 O O    . HOH B 2 .  ? -4.243  6.180   -11.374 1.00 43.32 ? 256 HOH A O    1 
HETATM 966 O O    . HOH B 2 .  ? -4.981  1.879   -13.347 0.50 29.75 ? 257 HOH A O    1 
HETATM 967 O O    . HOH B 2 .  ? -3.536  -13.161 2.352   1.00 42.93 ? 258 HOH A O    1 
HETATM 968 O O    . HOH B 2 .  ? 9.757   -2.272  9.460   1.00 41.48 ? 259 HOH A O    1 
HETATM 969 O O    . HOH B 2 .  ? -1.632  4.718   -11.762 1.00 30.95 ? 260 HOH A O    1 
HETATM 970 O O    . HOH B 2 .  ? -2.617  3.482   -14.115 1.00 38.53 ? 261 HOH A O    1 
HETATM 971 O O    . HOH B 2 .  ? -9.432  2.659   -5.278  1.00 37.51 ? 262 HOH A O    1 
HETATM 972 O O    . HOH B 2 .  ? -13.682 -6.338  0.302   1.00 37.00 ? 263 HOH A O    1 
HETATM 973 O O    . HOH B 2 .  ? -7.328  -4.309  -14.282 1.00 32.08 ? 264 HOH A O    1 
HETATM 974 O O    . HOH B 2 .  ? 7.854   1.221   -10.982 1.00 38.15 ? 265 HOH A O    1 
HETATM 975 O O    . HOH B 2 .  ? -8.892  -9.734  3.349   1.00 37.78 ? 266 HOH A O    1 
HETATM 976 O O    . HOH B 2 .  ? 9.990   7.905   1.875   1.00 33.12 ? 267 HOH A O    1 
HETATM 977 O O    . HOH B 2 .  ? -5.038  4.362   -13.865 1.00 41.13 ? 268 HOH A O    1 
# 
loop_
_atom_site_anisotrop.id 
_atom_site_anisotrop.type_symbol 
_atom_site_anisotrop.pdbx_label_atom_id 
_atom_site_anisotrop.pdbx_label_alt_id 
_atom_site_anisotrop.pdbx_label_comp_id 
_atom_site_anisotrop.pdbx_label_asym_id 
_atom_site_anisotrop.pdbx_label_seq_id 
_atom_site_anisotrop.pdbx_PDB_ins_code 
_atom_site_anisotrop.U[1][1] 
_atom_site_anisotrop.U[2][2] 
_atom_site_anisotrop.U[3][3] 
_atom_site_anisotrop.U[1][2] 
_atom_site_anisotrop.U[1][3] 
_atom_site_anisotrop.U[2][3] 
_atom_site_anisotrop.pdbx_auth_seq_id 
_atom_site_anisotrop.pdbx_auth_comp_id 
_atom_site_anisotrop.pdbx_auth_asym_id 
_atom_site_anisotrop.pdbx_auth_atom_id 
1   N N   . SER A 1  ? 0.2539 0.3147 0.4330 0.0290  -0.0532 -0.1239 82  SER A N   
2   C CA  . SER A 1  ? 0.2413 0.2812 0.3964 0.0204  -0.0497 -0.1517 82  SER A CA  
3   C C   . SER A 1  ? 0.2350 0.2725 0.3646 0.0222  -0.0406 -0.1498 82  SER A C   
4   O O   . SER A 1  ? 0.2080 0.2611 0.3923 0.0133  -0.0571 -0.1353 82  SER A O   
5   C CB  . SER A 1  ? 0.2153 0.2636 0.4073 0.0124  -0.0512 -0.1596 82  SER A CB  
6   O OG  . SER A 1  ? 0.1784 0.2294 0.4092 0.0028  -0.0493 -0.1580 82  SER A OG  
11  N N   . HIS A 2  ? 0.2301 0.3018 0.3263 0.0339  -0.0151 -0.1325 83  HIS A N   
12  C CA  . HIS A 2  ? 0.2137 0.3388 0.2776 0.0235  -0.0276 -0.1061 83  HIS A CA  
13  C C   . HIS A 2  ? 0.1670 0.2806 0.2294 0.0191  -0.0427 -0.0947 83  HIS A C   
14  O O   . HIS A 2  ? 0.1769 0.2960 0.2379 0.0283  -0.0379 -0.0917 83  HIS A O   
15  C CB  . HIS A 2  ? 0.2578 0.4159 0.3261 0.0239  -0.0233 -0.0759 83  HIS A CB  
16  C CG  . HIS A 2  ? 0.2943 0.4556 0.3540 0.0294  -0.0165 -0.0697 83  HIS A CG  
17  N ND1 . HIS A 2  ? 0.3121 0.4721 0.3684 0.0295  -0.0174 -0.0670 83  HIS A ND1 
18  C CD2 . HIS A 2  ? 0.3149 0.4607 0.3581 0.0273  -0.0085 -0.0708 83  HIS A CD2 
19  C CE1 . HIS A 2  ? 0.3184 0.4747 0.3688 0.0303  -0.0176 -0.0663 83  HIS A CE1 
20  N NE2 . HIS A 2  ? 0.3214 0.4679 0.3712 0.0263  -0.0110 -0.0683 83  HIS A NE2 
28  N N   . MET A 3  ? 0.1534 0.1904 0.2018 0.0101  -0.0352 -0.0798 84  MET A N   
29  C CA  . MET A 3  ? 0.1610 0.1501 0.1896 0.0055  -0.0205 -0.0444 84  MET A CA  
30  C C   . MET A 3  ? 0.1525 0.1394 0.1528 -0.0022 -0.0103 -0.0306 84  MET A C   
31  O O   . MET A 3  ? 0.1530 0.1322 0.1466 -0.0069 -0.0057 -0.0163 84  MET A O   
32  C CB  . MET A 3  ? 0.1844 0.1494 0.2158 0.0071  -0.0321 -0.0170 84  MET A CB  
33  C CG  . MET A 3  ? 0.2048 0.1568 0.2457 0.0170  -0.0467 0.0100  84  MET A CG  
34  S SD  . MET A 3  ? 0.2416 0.1936 0.2947 0.0214  -0.0375 0.0353  84  MET A SD  
35  C CE  . MET A 3  ? 0.2656 0.2181 0.3128 0.0240  -0.0255 0.0312  84  MET A CE  
45  N N   . THR A 4  ? 0.1455 0.1370 0.1652 -0.0169 0.0082  -0.0228 85  THR A N   
46  C CA  . THR A 4  ? 0.1520 0.1229 0.1664 -0.0195 0.0061  -0.0246 85  THR A CA  
47  C C   . THR A 4  ? 0.1555 0.1224 0.1616 0.0029  -0.0014 -0.0233 85  THR A C   
48  O O   . THR A 4  ? 0.1456 0.1532 0.1623 0.0099  0.0075  -0.0243 85  THR A O   
49  C CB  . THR A 4  ? 0.1825 0.1583 0.1569 -0.0222 0.0131  -0.0219 85  THR A CB  
50  O OG1 . THR A 4  ? 0.1990 0.1962 0.1386 -0.0350 0.0141  -0.0290 85  THR A OG1 
51  C CG2 . THR A 4  ? 0.2119 0.1665 0.1648 -0.0137 0.0109  -0.0045 85  THR A CG2 
59  N N   . PHE A 5  ? 0.1546 0.1147 0.1441 -0.0122 0.0032  -0.0207 86  PHE A N   
60  C CA  . PHE A 5  ? 0.1572 0.1181 0.1233 0.0038  -0.0047 -0.0170 86  PHE A CA  
61  C C   . PHE A 5  ? 0.1533 0.1144 0.1296 0.0054  -0.0177 -0.0135 86  PHE A C   
62  O O   . PHE A 5  ? 0.1746 0.1256 0.1483 0.0141  -0.0389 -0.0255 86  PHE A O   
63  C CB  . PHE A 5  ? 0.1626 0.1049 0.1393 0.0048  -0.0079 -0.0204 86  PHE A CB  
64  C CG  . PHE A 5  ? 0.1512 0.1067 0.1504 -0.0053 -0.0180 -0.0108 86  PHE A CG  
65  C CD1 . PHE A 5  ? 0.1660 0.1246 0.1512 0.0151  -0.0250 -0.0101 86  PHE A CD1 
66  C CD2 . PHE A 5  ? 0.1495 0.1143 0.1631 -0.0114 -0.0333 -0.0058 86  PHE A CD2 
67  C CE1 . PHE A 5  ? 0.1693 0.1355 0.1745 0.0167  -0.0250 -0.0086 86  PHE A CE1 
68  C CE2 . PHE A 5  ? 0.1697 0.1341 0.1705 -0.0026 -0.0321 0.0074  86  PHE A CE2 
69  C CZ  . PHE A 5  ? 0.1695 0.1312 0.1872 0.0104  -0.0329 0.0042  86  PHE A CZ  
79  N N   . VAL A 6  ? 0.1461 0.1020 0.1232 0.0020  -0.0018 -0.0139 87  VAL A N   
80  C CA  . VAL A 6  ? 0.1423 0.1022 0.1035 -0.0078 0.0020  0.0037  87  VAL A CA  
81  C C   . VAL A 6  ? 0.1287 0.0938 0.0866 -0.0142 -0.0064 0.0042  87  VAL A C   
82  O O   . VAL A 6  ? 0.1259 0.0990 0.0990 -0.0063 -0.0115 0.0099  87  VAL A O   
83  C CB  . VAL A 6  ? 0.1320 0.1041 0.1364 -0.0211 0.0079  0.0070  87  VAL A CB  
84  C CG1 . VAL A 6  ? 0.1296 0.1219 0.1552 -0.0300 0.0035  0.0080  87  VAL A CG1 
85  C CG2 . VAL A 6  ? 0.1381 0.0916 0.1285 -0.0210 0.0014  0.0047  87  VAL A CG2 
95  N N   . ALA A 7  ? 0.1261 0.1014 0.0957 -0.0082 -0.0128 0.0111  88  ALA A N   
96  C CA  . ALA A 7  ? 0.1214 0.0855 0.1059 -0.0102 -0.0078 0.0059  88  ALA A CA  
97  C C   . ALA A 7  ? 0.1030 0.0910 0.0985 -0.0096 -0.0068 0.0033  88  ALA A C   
98  O O   . ALA A 7  ? 0.1195 0.0928 0.1074 -0.0137 -0.0079 0.0090  88  ALA A O   
99  C CB  . ALA A 7  ? 0.1168 0.0921 0.1206 -0.0126 -0.0137 0.0018  88  ALA A CB  
105 N N   . LEU A 8  ? 0.1140 0.0864 0.0887 -0.0104 -0.0135 0.0040  89  LEU A N   
106 C CA  . LEU A 8  ? 0.1171 0.0966 0.0999 -0.0101 -0.0240 -0.0026 89  LEU A CA  
107 C C   . LEU A 8  ? 0.1227 0.0917 0.0922 -0.0128 -0.0136 -0.0069 89  LEU A C   
108 O O   . LEU A 8  ? 0.1393 0.1058 0.1022 -0.0146 -0.0039 -0.0115 89  LEU A O   
109 C CB  . LEU A 8  ? 0.1309 0.1118 0.1116 -0.0141 -0.0257 -0.0018 89  LEU A CB  
110 C CG  . LEU A 8  ? 0.1304 0.1118 0.1353 -0.0150 -0.0306 0.0040  89  LEU A CG  
111 C CD1 . LEU A 8  ? 0.1517 0.1192 0.1588 0.0031  -0.0352 0.0210  89  LEU A CD1 
112 C CD2 . LEU A 8  ? 0.1382 0.1174 0.1501 -0.0111 -0.0288 -0.0124 89  LEU A CD2 
124 N N   . TYR A 9  ? 0.1174 0.1027 0.0964 -0.0183 -0.0034 -0.0079 90  TYR A N   
125 C CA  . TYR A 9  ? 0.1167 0.1175 0.1107 -0.0203 -0.0059 -0.0136 90  TYR A CA  
126 C C   . TYR A 9  ? 0.1172 0.1164 0.1069 -0.0069 -0.0075 -0.0194 90  TYR A C   
127 O O   . TYR A 9  ? 0.1206 0.1216 0.1276 -0.0030 -0.0082 -0.0162 90  TYR A O   
128 C CB  . TYR A 9  ? 0.1296 0.1368 0.1079 -0.0304 0.0023  -0.0047 90  TYR A CB  
129 C CG  . TYR A 9  ? 0.1376 0.1376 0.1139 -0.0299 0.0035  0.0043  90  TYR A CG  
130 C CD1 . TYR A 9  ? 0.1377 0.1473 0.1139 -0.0340 -0.0094 0.0076  90  TYR A CD1 
131 C CD2 . TYR A 9  ? 0.1673 0.1561 0.1099 -0.0102 -0.0018 0.0058  90  TYR A CD2 
132 C CE1 . TYR A 9  ? 0.1457 0.1577 0.1275 -0.0350 -0.0110 0.0077  90  TYR A CE1 
133 C CE2 . TYR A 9  ? 0.1602 0.1673 0.1146 -0.0161 0.0007  0.0146  90  TYR A CE2 
134 C CZ  . TYR A 9  ? 0.1508 0.1842 0.1220 -0.0235 -0.0092 0.0155  90  TYR A CZ  
135 O OH  . TYR A 9  ? 0.1682 0.2126 0.1426 -0.0100 -0.0208 0.0212  90  TYR A OH  
145 N N   . ASP A 10 ? 0.1188 0.1243 0.1153 -0.0139 -0.0060 -0.0215 91  ASP A N   
146 C CA  . ASP A 10 ? 0.1263 0.1405 0.1172 -0.0131 0.0021  -0.0149 91  ASP A CA  
147 C C   . ASP A 10 ? 0.1190 0.1412 0.1045 -0.0122 -0.0019 -0.0049 91  ASP A C   
148 O O   . ASP A 10 ? 0.1387 0.1561 0.1035 -0.0271 0.0003  -0.0046 91  ASP A O   
149 C CB  . ASP A 10 ? 0.1557 0.1357 0.1310 -0.0044 0.0070  -0.0257 91  ASP A CB  
150 C CG  . ASP A 10 ? 0.2056 0.1302 0.1722 0.0062  0.0213  -0.0238 91  ASP A CG  
151 O OD1 . ASP A 10 ? 0.2002 0.1147 0.1766 -0.0012 0.0296  -0.0208 91  ASP A OD1 
152 O OD2 . ASP A 10 ? 0.2718 0.1622 0.2316 0.0250  0.0529  -0.0229 91  ASP A OD2 
157 N N   . TYR A 11 ? 0.1129 0.1306 0.1144 -0.0100 -0.0056 0.0023  92  TYR A N   
158 C CA  . TYR A 11 ? 0.1190 0.1248 0.1167 -0.0080 0.0070  -0.0004 92  TYR A CA  
159 C C   . TYR A 11 ? 0.1151 0.1265 0.1166 -0.0152 0.0090  -0.0128 92  TYR A C   
160 O O   . TYR A 11 ? 0.1132 0.1329 0.1280 -0.0067 0.0042  -0.0099 92  TYR A O   
161 C CB  . TYR A 11 ? 0.1102 0.1332 0.1120 -0.0023 -0.0063 -0.0022 92  TYR A CB  
162 C CG  . TYR A 11 ? 0.1103 0.1361 0.1075 -0.0040 0.0013  -0.0023 92  TYR A CG  
163 C CD1 . TYR A 11 ? 0.1278 0.1329 0.1257 -0.0033 0.0019  -0.0030 92  TYR A CD1 
164 C CD2 . TYR A 11 ? 0.1165 0.1402 0.1186 -0.0197 0.0039  0.0003  92  TYR A CD2 
165 C CE1 . TYR A 11 ? 0.1377 0.1457 0.1231 -0.0073 0.0097  0.0051  92  TYR A CE1 
166 C CE2 . TYR A 11 ? 0.1299 0.1282 0.1413 -0.0138 0.0167  -0.0012 92  TYR A CE2 
167 C CZ  . TYR A 11 ? 0.1328 0.1378 0.1517 -0.0147 0.0163  0.0080  92  TYR A CZ  
168 O OH  . TYR A 11 ? 0.1451 0.1497 0.1716 -0.0212 0.0134  0.0034  92  TYR A OH  
178 N N   . VAL A 12 ? 0.1128 0.1269 0.1312 -0.0091 0.0067  -0.0196 93  VAL A N   
179 C CA  . VAL A 12 ? 0.1127 0.1338 0.1500 -0.0046 0.0101  -0.0214 93  VAL A CA  
180 C C   . VAL A 12 ? 0.1020 0.1606 0.1593 -0.0008 0.0171  -0.0132 93  VAL A C   
181 O O   . VAL A 12 ? 0.1205 0.1561 0.1658 0.0018  0.0183  -0.0157 93  VAL A O   
182 C CB  . VAL A 12 ? 0.1192 0.1248 0.1674 -0.0038 0.0119  -0.0225 93  VAL A CB  
183 C CG1 . VAL A 12 ? 0.1285 0.1430 0.1761 -0.0016 0.0192  -0.0183 93  VAL A CG1 
184 C CG2 . VAL A 12 ? 0.1427 0.1319 0.1865 0.0062  0.0145  -0.0080 93  VAL A CG2 
194 N N   . ALA A 13 ? 0.1065 0.1473 0.1827 -0.0103 0.0167  -0.0159 94  ALA A N   
195 C CA  . ALA A 13 ? 0.1306 0.1445 0.1936 -0.0099 0.0291  -0.0252 94  ALA A CA  
196 C C   . ALA A 13 ? 0.1324 0.1638 0.1975 -0.0113 0.0270  -0.0259 94  ALA A C   
197 O O   . ALA A 13 ? 0.1255 0.1668 0.2307 -0.0215 0.0294  -0.0211 94  ALA A O   
198 C CB  . ALA A 13 ? 0.1341 0.1340 0.2095 -0.0342 0.0358  -0.0420 94  ALA A CB  
204 N N   . SER A 14 ? 0.1422 0.1722 0.2051 -0.0121 0.0430  -0.0150 95  SER A N   
205 C CA  . SER A 14 ? 0.1569 0.2145 0.2138 -0.0182 0.0567  0.0023  95  SER A CA  
206 C C   . SER A 14 ? 0.1646 0.1838 0.2342 -0.0310 0.0644  -0.0011 95  SER A C   
207 O O   . SER A 14 ? 0.1612 0.1921 0.2401 -0.0331 0.0624  0.0062  95  SER A O   
208 C CB  . SER A 14 ? 0.1916 0.2798 0.2107 0.0019  0.0632  0.0211  95  SER A CB  
209 O OG  . SER A 14 ? 0.2191 0.3149 0.2265 0.0146  0.0588  0.0482  95  SER A OG  
215 N N   . GLY A 15 ? 0.1579 0.1768 0.2631 -0.0395 0.0750  -0.0068 96  GLY A N   
216 C CA  . GLY A 15 ? 0.1689 0.1847 0.2853 -0.0403 0.0644  -0.0105 96  GLY A CA  
217 C C   . GLY A 15 ? 0.1533 0.1779 0.2938 -0.0471 0.0349  -0.0084 96  GLY A C   
218 O O   . GLY A 15 ? 0.1608 0.1668 0.2833 -0.0270 0.0126  -0.0141 96  GLY A O   
222 N N   . GLU A 16 ? 0.1624 0.1908 0.2989 -0.0536 0.0336  -0.0161 97  GLU A N   
223 C CA  . GLU A 16 ? 0.1899 0.2095 0.2882 -0.0504 0.0227  -0.0287 97  GLU A CA  
224 C C   . GLU A 16 ? 0.2194 0.2180 0.2637 -0.0432 0.0324  -0.0346 97  GLU A C   
225 O O   . GLU A 16 ? 0.2757 0.2672 0.2669 -0.0052 0.0396  -0.0240 97  GLU A O   
226 C CB  . GLU A 16 ? 0.1775 0.2442 0.3091 -0.0512 0.0052  -0.0246 97  GLU A CB  
229 N N   . THR A 17 ? 0.1606 0.2072 0.2457 -0.0806 0.0296  -0.0330 98  THR A N   
230 C CA  . THR A 17 ? 0.1671 0.1919 0.2485 -0.0779 0.0264  -0.0328 98  THR A CA  
231 C C   . THR A 17 ? 0.1525 0.1841 0.2063 -0.0772 0.0251  -0.0434 98  THR A C   
232 O O   . THR A 17 ? 0.1501 0.1960 0.2044 -0.0659 0.0398  -0.0443 98  THR A O   
233 C CB  . THR A 17 ? 0.1917 0.2070 0.2755 -0.0771 0.0257  -0.0185 98  THR A CB  
234 O OG1 . THR A 17 ? 0.2217 0.2187 0.2827 -0.0591 0.0282  -0.0106 98  THR A OG1 
235 C CG2 . THR A 17 ? 0.2110 0.2162 0.2878 -0.0817 0.0281  -0.0174 98  THR A CG2 
243 N N   . ASP A 18 ? 0.1537 0.1714 0.2022 -0.0696 0.0193  -0.0378 99  ASP A N   
244 C CA  . ASP A 18 ? 0.1350 0.1714 0.1681 -0.0477 0.0111  -0.0233 99  ASP A CA  
245 C C   . ASP A 18 ? 0.1312 0.1646 0.1640 -0.0374 0.0046  -0.0142 99  ASP A C   
246 O O   . ASP A 18 ? 0.1400 0.2139 0.2015 -0.0367 -0.0025 0.0025  99  ASP A O   
247 C CB  . ASP A 18 ? 0.1313 0.1567 0.1807 -0.0387 0.0182  -0.0209 99  ASP A CB  
248 C CG  . ASP A 18 ? 0.1336 0.1572 0.1832 -0.0328 0.0204  -0.0260 99  ASP A CG  
249 O OD1 . ASP A 18 ? 0.1414 0.1589 0.1875 -0.0309 0.0291  -0.0402 99  ASP A OD1 
250 O OD2 . ASP A 18 ? 0.1262 0.1686 0.1840 -0.0250 0.0176  -0.0091 99  ASP A OD2 
255 N N   . LEU A 19 ? 0.1295 0.1368 0.1310 -0.0249 0.0006  -0.0206 100 LEU A N   
256 C CA  . LEU A 19 ? 0.1357 0.1294 0.1249 -0.0067 0.0076  -0.0190 100 LEU A CA  
257 C C   . LEU A 19 ? 0.1238 0.1354 0.1305 -0.0139 0.0090  -0.0161 100 LEU A C   
258 O O   . LEU A 19 ? 0.1314 0.1332 0.1137 -0.0203 -0.0071 -0.0125 100 LEU A O   
259 C CB  . LEU A 19 ? 0.1227 0.1249 0.1051 0.0045  -0.0066 -0.0099 100 LEU A CB  
260 C CG  . LEU A 19 ? 0.1312 0.1356 0.1061 0.0118  -0.0082 -0.0090 100 LEU A CG  
261 C CD1 . LEU A 19 ? 0.1640 0.1439 0.1231 0.0154  -0.0054 -0.0101 100 LEU A CD1 
262 C CD2 . LEU A 19 ? 0.1350 0.1600 0.1300 0.0160  0.0097  0.0083  100 LEU A CD2 
274 N N   . SER A 20 ? 0.1184 0.1368 0.1404 -0.0117 0.0016  -0.0294 101 SER A N   
275 C CA  . SER A 20 ? 0.1251 0.1287 0.1246 -0.0098 0.0161  -0.0368 101 SER A CA  
276 C C   . SER A 20 ? 0.1122 0.1288 0.1133 -0.0109 0.0109  -0.0244 101 SER A C   
277 O O   . SER A 20 ? 0.1032 0.1544 0.1172 -0.0163 0.0056  -0.0169 101 SER A O   
278 C CB  . SER A 20 ? 0.1329 0.1276 0.1541 -0.0008 0.0285  -0.0275 101 SER A CB  
279 O OG  . SER A 20 ? 0.1209 0.1450 0.1791 -0.0038 0.0323  -0.0116 101 SER A OG  
285 N N   . PHE A 21 ? 0.1083 0.1206 0.0979 -0.0108 0.0024  -0.0124 102 PHE A N   
286 C CA  . PHE A 21 ? 0.0923 0.1197 0.0995 -0.0137 0.0030  -0.0118 102 PHE A CA  
287 C C   . PHE A 21 ? 0.1095 0.1146 0.0993 -0.0052 -0.0061 0.0028  102 PHE A C   
288 O O   . PHE A 21 ? 0.1149 0.1111 0.1087 0.0012  -0.0054 -0.0089 102 PHE A O   
289 C CB  . PHE A 21 ? 0.1078 0.1219 0.1115 -0.0048 0.0128  -0.0044 102 PHE A CB  
290 C CG  . PHE A 21 ? 0.1016 0.1142 0.0944 0.0000  0.0051  -0.0131 102 PHE A CG  
291 C CD1 . PHE A 21 ? 0.1059 0.1139 0.1167 -0.0029 -0.0131 0.0001  102 PHE A CD1 
292 C CD2 . PHE A 21 ? 0.1067 0.1040 0.1133 -0.0083 0.0018  -0.0096 102 PHE A CD2 
293 C CE1 . PHE A 21 ? 0.1202 0.0973 0.1257 -0.0012 -0.0125 -0.0058 102 PHE A CE1 
294 C CE2 . PHE A 21 ? 0.1286 0.0864 0.1197 -0.0027 -0.0013 -0.0188 102 PHE A CE2 
295 C CZ  . PHE A 21 ? 0.1252 0.0932 0.1253 0.0039  -0.0035 -0.0118 102 PHE A CZ  
305 N N   . LYS A 22 ? 0.1183 0.1100 0.1115 -0.0088 -0.0062 0.0030  103 LYS A N   
306 C CA  . LYS A 22 ? 0.1297 0.0958 0.1440 -0.0037 -0.0112 -0.0020 103 LYS A CA  
307 C C   . LYS A 22 ? 0.1294 0.0824 0.1226 -0.0042 -0.0102 -0.0048 103 LYS A C   
308 O O   . LYS A 22 ? 0.1210 0.0962 0.1230 -0.0169 -0.0047 -0.0113 103 LYS A O   
309 C CB  . LYS A 22 ? 0.1447 0.1258 0.1813 0.0141  -0.0149 0.0181  103 LYS A CB  
310 C CG  . LYS A 22 ? 0.1625 0.1923 0.2202 0.0144  0.0040  0.0405  103 LYS A CG  
311 C CD  . LYS A 22 ? 0.2112 0.2439 0.2607 0.0265  0.0164  0.0573  103 LYS A CD  
312 C CE  . LYS A 22 ? 0.2499 0.2822 0.2953 0.0480  0.0452  0.0801  103 LYS A CE  
313 N NZ  . LYS A 22 ? 0.2812 0.3103 0.3134 0.0688  0.0570  0.0944  103 LYS A NZ  
327 N N   . LYS A 23 ? 0.1230 0.1046 0.1238 -0.0192 0.0014  -0.0161 104 LYS A N   
328 C CA  . LYS A 23 ? 0.1254 0.1224 0.1060 -0.0255 -0.0057 -0.0044 104 LYS A CA  
329 C C   . LYS A 23 ? 0.1200 0.0965 0.1089 -0.0207 -0.0175 0.0014  104 LYS A C   
330 O O   . LYS A 23 ? 0.1349 0.1054 0.1232 -0.0101 -0.0135 0.0068  104 LYS A O   
331 C CB  . LYS A 23 ? 0.1211 0.1386 0.1235 -0.0296 0.0009  -0.0086 104 LYS A CB  
332 C CG  . LYS A 23 ? 0.1222 0.1498 0.1311 -0.0238 -0.0106 -0.0149 104 LYS A CG  
333 C CD  . LYS A 23 ? 0.1317 0.1610 0.1490 -0.0233 -0.0207 -0.0312 104 LYS A CD  
334 C CE  . LYS A 23 ? 0.1675 0.1564 0.1867 -0.0105 -0.0310 -0.0576 104 LYS A CE  
335 N NZ  . LYS A 23 ? 0.1760 0.1696 0.2102 -0.0087 -0.0452 -0.0739 104 LYS A NZ  
349 N N   . GLY A 24 ? 0.1271 0.0972 0.1052 -0.0148 -0.0061 0.0030  105 GLY A N   
350 C CA  . GLY A 24 ? 0.1343 0.0986 0.1044 -0.0201 -0.0125 0.0070  105 GLY A CA  
351 C C   . GLY A 24 ? 0.1471 0.1015 0.1066 -0.0214 -0.0079 0.0066  105 GLY A C   
352 O O   . GLY A 24 ? 0.1470 0.1268 0.1037 -0.0246 -0.0121 0.0165  105 GLY A O   
356 N N   . GLU A 25 ? 0.1415 0.1060 0.1036 -0.0159 -0.0115 0.0035  106 GLU A N   
357 C CA  . GLU A 25 ? 0.1635 0.1206 0.1122 -0.0195 -0.0066 0.0145  106 GLU A CA  
358 C C   . GLU A 25 ? 0.1967 0.1116 0.0956 -0.0014 -0.0201 0.0142  106 GLU A C   
359 O O   . GLU A 25 ? 0.2401 0.1202 0.1077 0.0267  -0.0254 0.0067  106 GLU A O   
360 C CB  . GLU A 25 ? 0.1606 0.1662 0.1578 -0.0383 -0.0113 0.0165  106 GLU A CB  
361 C CG  . GLU A 25 ? 0.1878 0.1974 0.1719 -0.0188 -0.0041 0.0077  106 GLU A CG  
362 C CD  . GLU A 25 ? 0.1822 0.2220 0.1150 -0.0243 -0.0053 0.0124  106 GLU A CD  
363 O OE1 . GLU A 25 ? 0.2209 0.1908 0.1944 -0.0125 0.0341  0.0076  106 GLU A OE1 
364 O OE2 . GLU A 25 ? 0.1860 0.2222 0.1265 -0.0497 -0.0314 0.0084  106 GLU A OE2 
371 N N   . ARG A 26 ? 0.1993 0.0991 0.0942 -0.0071 -0.0127 0.0142  107 ARG A N   
372 C CA  . ARG A 26 ? 0.1765 0.1105 0.0929 -0.0258 -0.0027 0.0039  107 ARG A CA  
373 C C   . ARG A 26 ? 0.1758 0.1135 0.0887 -0.0188 0.0029  0.0119  107 ARG A C   
374 O O   . ARG A 26 ? 0.1732 0.1164 0.0965 -0.0220 -0.0020 0.0158  107 ARG A O   
375 C CB  . ARG A 26 ? 0.1637 0.1220 0.1371 -0.0444 -0.0006 0.0006  107 ARG A CB  
376 C CG  . ARG A 26 ? 0.1769 0.1616 0.1534 -0.0522 0.0006  -0.0163 107 ARG A CG  
377 C CD  . ARG A 26 ? 0.1759 0.1736 0.1991 -0.0556 0.0087  -0.0134 107 ARG A CD  
378 N NE  . ARG A 26 ? 0.1749 0.1935 0.2035 -0.0431 0.0211  -0.0071 107 ARG A NE  
379 C CZ  . ARG A 26 ? 0.2110 0.1742 0.1856 -0.0346 0.0404  -0.0030 107 ARG A CZ  
380 N NH1 . ARG A 26 ? 0.2260 0.1521 0.1538 -0.0379 0.0372  0.0008  107 ARG A NH1 
381 N NH2 . ARG A 26 ? 0.2348 0.1820 0.2047 -0.0313 0.0542  -0.0070 107 ARG A NH2 
395 N N   . LEU A 27 ? 0.1645 0.0948 0.1216 -0.0089 -0.0029 0.0164  108 LEU A N   
396 C CA  . LEU A 27 ? 0.1555 0.1054 0.1305 -0.0150 0.0036  0.0134  108 LEU A CA  
397 C C   . LEU A 27 ? 0.1550 0.1018 0.1299 -0.0048 -0.0073 0.0075  108 LEU A C   
398 O O   . LEU A 27 ? 0.1688 0.1071 0.1487 0.0014  -0.0096 -0.0148 108 LEU A O   
399 C CB  . LEU A 27 ? 0.1541 0.1220 0.1573 -0.0126 0.0218  0.0148  108 LEU A CB  
400 C CG  . LEU A 27 ? 0.1778 0.1585 0.1691 -0.0024 0.0292  0.0233  108 LEU A CG  
401 C CD1 . LEU A 27 ? 0.2054 0.2171 0.1590 0.0151  0.0305  0.0279  108 LEU A CD1 
402 C CD2 . LEU A 27 ? 0.2014 0.1974 0.1741 -0.0089 0.0285  0.0033  108 LEU A CD2 
414 N N   . GLN A 28 ? 0.1461 0.1138 0.1035 -0.0032 0.0041  0.0063  109 GLN A N   
415 C CA  . GLN A 28 ? 0.1402 0.1085 0.0897 -0.0099 0.0079  0.0011  109 GLN A CA  
416 C C   . GLN A 28 ? 0.1378 0.1048 0.0849 -0.0084 -0.0040 0.0109  109 GLN A C   
417 O O   . GLN A 28 ? 0.1323 0.0990 0.1112 -0.0105 -0.0084 0.0191  109 GLN A O   
418 C CB  . GLN A 28 ? 0.1378 0.1328 0.0895 -0.0157 0.0004  0.0023  109 GLN A CB  
419 C CG  . GLN A 28 ? 0.1536 0.1208 0.1047 -0.0124 -0.0011 0.0019  109 GLN A CG  
420 C CD  . GLN A 28 ? 0.1480 0.1130 0.1077 -0.0222 -0.0048 -0.0125 109 GLN A CD  
421 O OE1 . GLN A 28 ? 0.1429 0.1148 0.1329 -0.0253 -0.0036 -0.0209 109 GLN A OE1 
422 N NE2 . GLN A 28 ? 0.1420 0.1290 0.1389 -0.0277 -0.0140 -0.0161 109 GLN A NE2 
431 N N   . ILE A 29 ? 0.1297 0.1141 0.0850 -0.0081 0.0045  0.0009  110 ILE A N   
432 C CA  . ILE A 29 ? 0.1400 0.1009 0.0861 -0.0027 -0.0022 0.0062  110 ILE A CA  
433 C C   . ILE A 29 ? 0.1452 0.1135 0.0866 0.0005  0.0022  0.0011  110 ILE A C   
434 O O   . ILE A 29 ? 0.1470 0.1221 0.1372 -0.0004 0.0013  -0.0088 110 ILE A O   
435 C CB  . ILE A 29 ? 0.1537 0.1150 0.0980 -0.0008 -0.0211 0.0090  110 ILE A CB  
436 C CG1 . ILE A 29 ? 0.1671 0.1309 0.1139 -0.0058 -0.0227 0.0112  110 ILE A CG1 
437 C CG2 . ILE A 29 ? 0.1577 0.1247 0.0918 0.0058  -0.0290 0.0154  110 ILE A CG2 
438 C CD1 . ILE A 29 ? 0.1768 0.1289 0.1201 -0.0122 -0.0146 0.0102  110 ILE A CD1 
450 N N   . VAL A 30 ? 0.1382 0.1052 0.0903 -0.0093 -0.0029 0.0006  111 VAL A N   
451 C CA  . VAL A 30 ? 0.1574 0.0917 0.0907 -0.0184 -0.0007 -0.0049 111 VAL A CA  
452 C C   . VAL A 30 ? 0.1866 0.1032 0.0963 -0.0087 0.0064  -0.0003 111 VAL A C   
453 O O   . VAL A 30 ? 0.2103 0.1155 0.0994 -0.0021 0.0017  -0.0033 111 VAL A O   
454 C CB  . VAL A 30 ? 0.1506 0.1164 0.0908 -0.0264 -0.0054 -0.0070 111 VAL A CB  
455 C CG1 . VAL A 30 ? 0.1669 0.1319 0.1141 -0.0222 -0.0041 -0.0139 111 VAL A CG1 
456 C CG2 . VAL A 30 ? 0.1683 0.1204 0.1134 -0.0148 -0.0188 0.0094  111 VAL A CG2 
466 N N   . ASN A 31 ? 0.2087 0.1033 0.0913 -0.0002 0.0122  0.0119  112 ASN A N   
467 C CA  . ASN A 31 ? 0.2392 0.1216 0.1139 -0.0038 0.0200  0.0211  112 ASN A CA  
468 C C   . ASN A 31 ? 0.2546 0.1278 0.1094 0.0230  0.0235  0.0231  112 ASN A C   
469 O O   . ASN A 31 ? 0.2703 0.1478 0.0982 0.0530  0.0172  0.0145  112 ASN A O   
470 C CB  . ASN A 31 ? 0.2734 0.1229 0.1396 -0.0291 0.0125  0.0160  112 ASN A CB  
471 C CG  . ASN A 31 ? 0.3099 0.1519 0.1707 -0.0372 0.0047  0.0247  112 ASN A CG  
472 O OD1 . ASN A 31 ? 0.3205 0.1643 0.2095 -0.0288 -0.0145 0.0525  112 ASN A OD1 
473 N ND2 . ASN A 31 ? 0.3225 0.1481 0.2015 -0.0487 0.0109  0.0234  112 ASN A ND2 
480 N N   . ASN A 32 ? 0.2565 0.1239 0.1044 0.0296  0.0210  0.0145  113 ASN A N   
481 C CA  . ASN A 32 ? 0.2801 0.1445 0.1158 0.0382  0.0037  0.0205  113 ASN A CA  
482 C C   . ASN A 32 ? 0.3124 0.1567 0.1272 0.0427  0.0149  0.0271  113 ASN A C   
483 O O   . ASN A 32 ? 0.3153 0.1711 0.1362 0.0552  -0.0053 0.0218  113 ASN A O   
484 C CB  . ASN A 32 ? 0.2794 0.1617 0.1506 0.0278  -0.0114 0.0098  113 ASN A CB  
485 C CG  . ASN A 32 ? 0.2937 0.1869 0.2215 0.0126  0.0026  -0.0041 113 ASN A CG  
486 O OD1 . ASN A 32 ? 0.3083 0.2195 0.2652 0.0089  0.0176  -0.0165 113 ASN A OD1 
487 N ND2 . ASN A 32 ? 0.3096 0.2042 0.2594 0.0163  0.0106  -0.0045 113 ASN A ND2 
494 N N   . THR A 33 ? 0.3426 0.1349 0.1122 0.0416  0.0241  0.0216  114 THR A N   
495 C CA  . THR A 33 ? 0.3764 0.1286 0.1304 0.0396  0.0337  0.0294  114 THR A CA  
496 C C   . THR A 33 ? 0.3744 0.1218 0.1410 0.0416  0.0496  0.0317  114 THR A C   
497 O O   . THR A 33 ? 0.3949 0.1501 0.1543 0.0636  0.0416  0.0458  114 THR A O   
498 C CB  . THR A 33 ? 0.3930 0.1313 0.1509 0.0189  0.0392  0.0251  114 THR A CB  
499 O OG1 . THR A 33 ? 0.4056 0.1627 0.1748 0.0194  0.0438  0.0286  114 THR A OG1 
500 C CG2 . THR A 33 ? 0.3947 0.1528 0.1922 0.0105  0.0345  0.0210  114 THR A CG2 
508 N N   . GLU A 34 ? 0.3749 0.1157 0.1381 0.0316  0.0599  0.0259  115 GLU A N   
509 C CA  . GLU A 34 ? 0.4044 0.1226 0.1420 0.0402  0.0480  0.0255  115 GLU A CA  
510 C C   . GLU A 34 ? 0.4034 0.1249 0.1409 0.0414  0.0359  0.0275  115 GLU A C   
511 O O   . GLU A 34 ? 0.3897 0.1377 0.1532 0.0375  0.0327  0.0443  115 GLU A O   
512 C CB  . GLU A 34 ? 0.4363 0.1380 0.1586 0.0401  0.0529  0.0261  115 GLU A CB  
513 C CG  . GLU A 34 ? 0.4500 0.1616 0.1821 0.0298  0.0665  0.0334  115 GLU A CG  
514 C CD  . GLU A 34 ? 0.4732 0.1688 0.2121 0.0245  0.0694  0.0293  115 GLU A CD  
515 O OE1 . GLU A 34 ? 0.4783 0.1525 0.2166 0.0154  0.0772  0.0454  115 GLU A OE1 
516 O OE2 . GLU A 34 ? 0.4854 0.1983 0.2470 0.0206  0.0650  0.0215  115 GLU A OE2 
523 N N   . GLY A 35 ? 0.4095 0.1292 0.1447 0.0435  0.0160  0.0294  116 GLY A N   
524 C CA  . GLY A 35 ? 0.4038 0.1388 0.1553 0.0399  0.0030  0.0408  116 GLY A CA  
525 C C   . GLY A 35 ? 0.3881 0.1250 0.1801 0.0298  -0.0038 0.0440  116 GLY A C   
526 O O   . GLY A 35 ? 0.3894 0.1304 0.1985 0.0409  -0.0306 0.0369  116 GLY A O   
530 N N   . ASP A 36 ? 0.3887 0.1254 0.1415 0.0199  0.0067  0.0344  117 ASP A N   
531 C CA  . ASP A 36 ? 0.4006 0.1287 0.1375 0.0235  0.0309  0.0310  117 ASP A CA  
532 C C   . ASP A 36 ? 0.3606 0.1052 0.1147 0.0116  0.0265  0.0181  117 ASP A C   
533 O O   . ASP A 36 ? 0.3381 0.0985 0.1160 0.0023  0.0161  0.0164  117 ASP A O   
534 C CB  . ASP A 36 ? 0.4564 0.1388 0.1338 0.0281  0.0588  0.0157  117 ASP A CB  
535 C CG  . ASP A 36 ? 0.4701 0.1295 0.1453 0.0133  0.0781  0.0093  117 ASP A CG  
536 O OD1 . ASP A 36 ? 0.4873 0.1278 0.1481 0.0101  0.0846  0.0033  117 ASP A OD1 
537 O OD2 . ASP A 36 ? 0.4879 0.1353 0.1534 0.0153  0.0847  0.0105  117 ASP A OD2 
542 N N   . TRP A 37 ? 0.3217 0.0921 0.1155 -0.0033 0.0308  0.0173  118 TRP A N   
543 C CA  . TRP A 37 ? 0.2861 0.0957 0.1057 -0.0110 0.0304  0.0177  118 TRP A CA  
544 C C   . TRP A 37 ? 0.2548 0.0749 0.1161 -0.0226 0.0367  0.0106  118 TRP A C   
545 O O   . TRP A 37 ? 0.2905 0.0881 0.1160 -0.0133 0.0588  0.0114  118 TRP A O   
546 C CB  . TRP A 37 ? 0.2793 0.1316 0.1223 -0.0175 0.0395  0.0212  118 TRP A CB  
547 C CG  . TRP A 37 ? 0.2936 0.1505 0.1271 -0.0127 0.0515  0.0245  118 TRP A CG  
548 C CD1 . TRP A 37 ? 0.3322 0.1774 0.1461 0.0174  0.0672  0.0329  118 TRP A CD1 
549 C CD2 . TRP A 37 ? 0.2831 0.1619 0.1260 -0.0086 0.0611  0.0190  118 TRP A CD2 
550 N NE1 . TRP A 37 ? 0.3396 0.2017 0.1476 0.0278  0.0843  0.0391  118 TRP A NE1 
551 C CE2 . TRP A 37 ? 0.3156 0.1841 0.1519 0.0155  0.0747  0.0317  118 TRP A CE2 
552 C CE3 . TRP A 37 ? 0.2603 0.1481 0.1359 -0.0200 0.0427  0.0196  118 TRP A CE3 
553 C CZ2 . TRP A 37 ? 0.3118 0.1935 0.1579 0.0104  0.0781  0.0293  118 TRP A CZ2 
554 C CZ3 . TRP A 37 ? 0.2530 0.1765 0.1433 -0.0202 0.0493  0.0254  118 TRP A CZ3 
555 C CH2 . TRP A 37 ? 0.2873 0.1961 0.1590 -0.0009 0.0577  0.0277  118 TRP A CH2 
566 N N   . TRP A 38 ? 0.2064 0.0796 0.0977 -0.0186 0.0117  0.0048  119 TRP A N   
567 C CA  . TRP A 38 ? 0.1975 0.0825 0.0970 -0.0179 0.0162  -0.0002 119 TRP A CA  
568 C C   . TRP A 38 ? 0.1720 0.0915 0.1072 -0.0246 0.0075  0.0065  119 TRP A C   
569 O O   . TRP A 38 ? 0.1625 0.1035 0.1083 -0.0203 0.0057  -0.0153 119 TRP A O   
570 C CB  . TRP A 38 ? 0.2009 0.1032 0.0982 -0.0023 -0.0005 0.0199  119 TRP A CB  
571 C CG  . TRP A 38 ? 0.1996 0.1031 0.0959 0.0037  -0.0067 0.0196  119 TRP A CG  
572 C CD1 . TRP A 38 ? 0.2136 0.1219 0.1148 0.0138  -0.0046 0.0276  119 TRP A CD1 
573 C CD2 . TRP A 38 ? 0.2019 0.1104 0.1082 0.0144  -0.0103 0.0087  119 TRP A CD2 
574 N NE1 . TRP A 38 ? 0.2265 0.1126 0.1239 0.0170  -0.0095 0.0218  119 TRP A NE1 
575 C CE2 . TRP A 38 ? 0.2088 0.1265 0.1388 0.0160  -0.0134 0.0154  119 TRP A CE2 
576 C CE3 . TRP A 38 ? 0.2008 0.1171 0.1453 0.0045  -0.0141 0.0120  119 TRP A CE3 
577 C CZ2 . TRP A 38 ? 0.1978 0.1364 0.1672 0.0154  -0.0202 0.0147  119 TRP A CZ2 
578 C CZ3 . TRP A 38 ? 0.1986 0.1225 0.1934 0.0028  -0.0220 0.0211  119 TRP A CZ3 
579 C CH2 . TRP A 38 ? 0.1986 0.1499 0.1968 0.0083  -0.0242 0.0231  119 TRP A CH2 
590 N N   . LEU A 39 ? 0.1864 0.0805 0.0967 -0.0115 0.0110  0.0073  120 LEU A N   
591 C CA  . LEU A 39 ? 0.1698 0.1054 0.1048 -0.0216 0.0145  0.0156  120 LEU A CA  
592 C C   . LEU A 39 ? 0.1481 0.0984 0.0929 -0.0167 0.0064  0.0071  120 LEU A C   
593 O O   . LEU A 39 ? 0.1467 0.0961 0.1018 -0.0091 0.0086  0.0070  120 LEU A O   
594 C CB  . LEU A 39 ? 0.1904 0.1105 0.1123 -0.0281 0.0146  -0.0005 120 LEU A CB  
595 C CG  . LEU A 39 ? 0.2058 0.1299 0.1265 -0.0394 0.0071  -0.0187 120 LEU A CG  
596 C CD1 . LEU A 39 ? 0.2091 0.1527 0.1339 -0.0339 -0.0032 -0.0164 120 LEU A CD1 
597 C CD2 . LEU A 39 ? 0.2215 0.1539 0.1466 -0.0339 0.0087  -0.0349 120 LEU A CD2 
609 N N   . ALA A 40 ? 0.1326 0.1076 0.1009 -0.0074 0.0128  0.0222  121 ALA A N   
610 C CA  . ALA A 40 ? 0.1254 0.1132 0.1062 -0.0111 0.0114  0.0140  121 ALA A CA  
611 C C   . ALA A 40 ? 0.1303 0.1035 0.0985 -0.0122 0.0028  0.0052  121 ALA A C   
612 O O   . ALA A 40 ? 0.1335 0.1296 0.1047 0.0029  0.0040  0.0103  121 ALA A O   
613 C CB  . ALA A 40 ? 0.1415 0.1357 0.0968 -0.0208 0.0087  0.0153  121 ALA A CB  
619 N N   . HIS A 41 ? 0.1298 0.1041 0.0994 -0.0172 -0.0049 0.0064  122 HIS A N   
620 C CA  . HIS A 41 ? 0.1515 0.1103 0.1014 -0.0074 -0.0021 0.0054  122 HIS A CA  
621 C C   . HIS A 41 ? 0.1500 0.1208 0.0837 -0.0013 0.0109  0.0056  122 HIS A C   
622 O O   . HIS A 41 ? 0.1456 0.1137 0.1169 -0.0021 0.0090  0.0140  122 HIS A O   
623 C CB  . HIS A 41 ? 0.1786 0.1086 0.1013 0.0017  0.0063  -0.0004 122 HIS A CB  
624 C CG  . HIS A 41 ? 0.2182 0.1315 0.0964 0.0233  -0.0003 -0.0160 122 HIS A CG  
625 N ND1 . HIS A 41 ? 0.2333 0.1489 0.0992 0.0392  -0.0131 -0.0172 122 HIS A ND1 
626 C CD2 . HIS A 41 ? 0.2508 0.1220 0.1261 0.0261  -0.0025 -0.0027 122 HIS A CD2 
627 C CE1 . HIS A 41 ? 0.2506 0.1649 0.1127 0.0376  -0.0135 0.0003  122 HIS A CE1 
628 N NE2 . HIS A 41 ? 0.2628 0.1496 0.1106 0.0233  -0.0099 0.0043  122 HIS A NE2 
636 N N   . SER A 42 ? 0.1581 0.1009 0.0933 -0.0024 0.0225  0.0043  123 SER A N   
637 C CA  . SER A 42 ? 0.1820 0.0975 0.1170 0.0003  0.0449  0.0124  123 SER A CA  
638 C C   . SER A 42 ? 0.2102 0.1091 0.1250 0.0147  0.0519  0.0224  123 SER A C   
639 O O   . SER A 42 ? 0.2333 0.1345 0.1176 0.0357  0.0429  0.0265  123 SER A O   
640 C CB  . SER A 42 ? 0.2117 0.0976 0.1486 0.0100  0.0577  0.0027  123 SER A CB  
641 O OG  . SER A 42 ? 0.2232 0.1068 0.1831 0.0015  0.0783  0.0189  123 SER A OG  
647 N N   . LEU A 43 ? 0.2047 0.1211 0.1092 0.0076  0.0571  0.0212  124 LEU A N   
648 C CA  . LEU A 43 ? 0.2363 0.1292 0.1449 0.0111  0.0719  0.0488  124 LEU A CA  
649 C C   . LEU A 43 ? 0.2794 0.1606 0.2051 0.0501  0.1136  0.0732  124 LEU A C   
650 O O   . LEU A 43 ? 0.3252 0.1909 0.2352 0.0834  0.1252  0.0921  124 LEU A O   
651 C CB  . LEU A 43 ? 0.2298 0.1243 0.1131 -0.0188 0.0516  0.0124  124 LEU A CB  
652 C CG  . LEU A 43 ? 0.2047 0.1418 0.1097 -0.0355 0.0291  -0.0093 124 LEU A CG  
653 C CD1 . LEU A 43 ? 0.1975 0.1756 0.1337 -0.0518 0.0300  -0.0219 124 LEU A CD1 
654 C CD2 . LEU A 43 ? 0.2075 0.1444 0.1383 -0.0238 0.0119  -0.0146 124 LEU A CD2 
666 N N   . THR A 44 ? 0.2825 0.1575 0.2470 0.0591  0.1339  0.0687  125 THR A N   
667 C CA  . THR A 44 ? 0.2776 0.2081 0.2951 0.0673  0.1101  0.0740  125 THR A CA  
668 C C   . THR A 44 ? 0.2941 0.2087 0.2561 0.0820  0.0892  0.0828  125 THR A C   
669 O O   . THR A 44 ? 0.3284 0.2189 0.2861 0.0904  0.0890  0.0906  125 THR A O   
670 C CB  . THR A 44 ? 0.2712 0.2274 0.3823 0.0771  0.0906  0.0631  125 THR A CB  
671 O OG1 . THR A 44 ? 0.2817 0.2398 0.4201 0.0799  0.0794  0.0743  125 THR A OG1 
672 C CG2 . THR A 44 ? 0.2877 0.2452 0.3990 0.0697  0.0892  0.0642  125 THR A CG2 
680 N N   . THR A 45 ? 0.2666 0.1870 0.2045 0.0780  0.0756  0.0804  126 THR A N   
681 C CA  . THR A 45 ? 0.2615 0.2047 0.1796 0.0760  0.0379  0.0492  126 THR A CA  
682 C C   . THR A 45 ? 0.2668 0.2583 0.1519 0.0828  0.0097  0.0312  126 THR A C   
683 O O   . THR A 45 ? 0.2795 0.2714 0.1648 0.0861  -0.0014 0.0315  126 THR A O   
684 C CB  . THR A 45 ? 0.2483 0.1781 0.1652 0.0674  0.0373  0.0277  126 THR A CB  
685 O OG1 . THR A 45 ? 0.2544 0.1529 0.1451 0.0628  0.0397  0.0208  126 THR A OG1 
686 C CG2 . THR A 45 ? 0.2358 0.1649 0.1815 0.0444  0.0531  0.0183  126 THR A CG2 
694 N N   . GLY A 46 ? 0.2741 0.2495 0.1113 0.0889  -0.0034 0.0242  127 GLY A N   
695 C CA  . GLY A 46 ? 0.2592 0.2684 0.1236 0.0793  -0.0055 0.0006  127 GLY A CA  
696 C C   . GLY A 46 ? 0.2373 0.2407 0.1173 0.0669  -0.0194 -0.0281 127 GLY A C   
697 O O   . GLY A 46 ? 0.2631 0.2774 0.1299 0.0594  -0.0123 -0.0523 127 GLY A O   
701 N N   . ARG A 47 ? 0.2088 0.2059 0.1054 0.0771  -0.0144 -0.0237 128 ARG A N   
702 C CA  . ARG A 47 ? 0.2042 0.2024 0.1003 0.0628  -0.0266 -0.0315 128 ARG A CA  
703 C C   . ARG A 47 ? 0.1916 0.1861 0.0963 0.0451  -0.0248 -0.0316 128 ARG A C   
704 O O   . ARG A 47 ? 0.1758 0.1635 0.1143 0.0427  -0.0222 -0.0190 128 ARG A O   
705 C CB  . ARG A 47 ? 0.2035 0.2126 0.1149 0.0747  -0.0274 -0.0339 128 ARG A CB  
706 C CG  . ARG A 47 ? 0.1961 0.2197 0.1453 0.0776  -0.0318 -0.0314 128 ARG A CG  
707 C CD  . ARG A 47 ? 0.1842 0.2110 0.1717 0.0647  -0.0176 -0.0409 128 ARG A CD  
708 N NE  . ARG A 47 ? 0.1793 0.2158 0.1598 0.0803  -0.0083 -0.0457 128 ARG A NE  
709 C CZ  . ARG A 47 ? 0.1728 0.2456 0.1454 0.0701  -0.0024 -0.0435 128 ARG A CZ  
710 N NH1 . ARG A 47 ? 0.1691 0.2464 0.1384 0.0611  -0.0002 -0.0477 128 ARG A NH1 
711 N NH2 . ARG A 47 ? 0.1862 0.2595 0.1371 0.0665  -0.0013 -0.0455 128 ARG A NH2 
725 N N   . THR A 48 ? 0.1851 0.1799 0.1111 0.0280  -0.0337 -0.0337 129 THR A N   
726 C CA  . THR A 48 ? 0.1698 0.1824 0.1224 0.0006  -0.0249 -0.0346 129 THR A CA  
727 C C   . THR A 48 ? 0.1478 0.2131 0.1178 -0.0232 -0.0181 -0.0414 129 THR A C   
728 O O   . THR A 48 ? 0.1492 0.2968 0.1673 -0.0244 -0.0243 -0.0201 129 THR A O   
729 C CB  . THR A 48 ? 0.1962 0.1827 0.1139 0.0012  -0.0134 -0.0412 129 THR A CB  
730 O OG1 . THR A 48 ? 0.1970 0.1672 0.1189 0.0121  -0.0060 -0.0439 129 THR A OG1 
731 C CG2 . THR A 48 ? 0.2122 0.1606 0.1391 -0.0097 -0.0064 -0.0281 129 THR A CG2 
739 N N   . GLY A 49 ? 0.1455 0.1409 0.1247 -0.0138 -0.0103 -0.0371 130 GLY A N   
740 C CA  . GLY A 49 ? 0.1467 0.1489 0.1187 -0.0227 -0.0120 -0.0265 130 GLY A CA  
741 C C   . GLY A 49 ? 0.1391 0.1257 0.1195 -0.0372 -0.0047 -0.0254 130 GLY A C   
742 O O   . GLY A 49 ? 0.1380 0.1320 0.1147 -0.0357 0.0046  -0.0217 130 GLY A O   
746 N N   . TYR A 50 ? 0.1410 0.1288 0.1215 -0.0434 0.0132  -0.0262 131 TYR A N   
747 C CA  . TYR A 50 ? 0.1590 0.1183 0.1069 -0.0364 0.0146  -0.0229 131 TYR A CA  
748 C C   . TYR A 50 ? 0.1596 0.1076 0.1009 -0.0240 0.0099  -0.0152 131 TYR A C   
749 O O   . TYR A 50 ? 0.1383 0.1264 0.1202 -0.0337 0.0140  -0.0220 131 TYR A O   
750 C CB  . TYR A 50 ? 0.1729 0.1286 0.1404 -0.0521 0.0258  -0.0162 131 TYR A CB  
751 C CG  . TYR A 50 ? 0.2208 0.1437 0.1772 -0.0642 0.0223  -0.0119 131 TYR A CG  
752 C CD1 . TYR A 50 ? 0.2414 0.1524 0.2045 -0.0566 0.0375  0.0105  131 TYR A CD1 
753 C CD2 . TYR A 50 ? 0.2592 0.1417 0.2346 -0.0668 0.0145  -0.0128 131 TYR A CD2 
754 C CE1 . TYR A 50 ? 0.2803 0.1446 0.2277 -0.0409 0.0335  0.0008  131 TYR A CE1 
755 C CE2 . TYR A 50 ? 0.2880 0.1441 0.2499 -0.0472 0.0041  -0.0125 131 TYR A CE2 
756 C CZ  . TYR A 50 ? 0.3052 0.1347 0.2488 -0.0369 0.0165  -0.0180 131 TYR A CZ  
757 O OH  . TYR A 50 ? 0.3358 0.1501 0.2831 -0.0258 -0.0053 -0.0329 131 TYR A OH  
767 N N   . ILE A 51 ? 0.1536 0.1017 0.1056 -0.0284 -0.0058 -0.0076 132 ILE A N   
768 C CA  . ILE A 51 ? 0.1531 0.0988 0.0955 -0.0249 -0.0082 -0.0020 132 ILE A CA  
769 C C   . ILE A 51 ? 0.1547 0.0933 0.1162 -0.0164 0.0047  0.0094  132 ILE A C   
770 O O   . ILE A 51 ? 0.1671 0.0912 0.1024 -0.0138 0.0029  0.0010  132 ILE A O   
771 C CB  . ILE A 51 ? 0.1526 0.1003 0.0997 -0.0199 -0.0044 0.0043  132 ILE A CB  
772 C CG1 . ILE A 51 ? 0.1478 0.1115 0.1167 -0.0210 -0.0034 0.0026  132 ILE A CG1 
773 C CG2 . ILE A 51 ? 0.1529 0.1038 0.1028 -0.0131 -0.0175 0.0094  132 ILE A CG2 
774 C CD1 . ILE A 51 ? 0.1617 0.1323 0.1446 -0.0244 0.0010  -0.0050 132 ILE A CD1 
786 N N   . PRO A 52 ? 0.1595 0.0973 0.1000 -0.0091 -0.0020 -0.0022 133 PRO A N   
787 C CA  . PRO A 52 ? 0.1834 0.0975 0.0954 -0.0022 -0.0089 0.0043  133 PRO A CA  
788 C C   . PRO A 52 ? 0.1786 0.0934 0.0918 -0.0036 -0.0116 0.0111  133 PRO A C   
789 O O   . PRO A 52 ? 0.1765 0.0929 0.1248 -0.0053 -0.0134 0.0306  133 PRO A O   
790 C CB  . PRO A 52 ? 0.2026 0.1152 0.1152 0.0034  -0.0017 -0.0027 133 PRO A CB  
791 C CG  . PRO A 52 ? 0.1991 0.1499 0.1241 0.0167  -0.0113 -0.0086 133 PRO A CG  
792 C CD  . PRO A 52 ? 0.1568 0.1206 0.1226 -0.0059 0.0071  -0.0009 133 PRO A CD  
800 N N   . SER A 53 ? 0.1855 0.0814 0.1044 -0.0035 -0.0137 0.0195  134 SER A N   
801 C CA  . SER A 53 ? 0.2034 0.1146 0.1199 0.0183  -0.0184 0.0204  134 SER A CA  
802 C C   . SER A 53 ? 0.1861 0.1255 0.1167 0.0140  -0.0138 0.0265  134 SER A C   
803 O O   . SER A 53 ? 0.1824 0.1684 0.1242 0.0317  0.0006  0.0218  134 SER A O   
804 C CB  . SER A 53 ? 0.2355 0.1229 0.1594 0.0259  -0.0252 0.0186  134 SER A CB  
805 O OG  . SER A 53 ? 0.2511 0.1416 0.1645 0.0349  -0.0458 0.0228  134 SER A OG  
811 N N   . ASN A 54 ? 0.1818 0.1206 0.0990 0.0127  -0.0202 0.0212  135 ASN A N   
812 C CA  . ASN A 54 ? 0.1833 0.1505 0.1007 0.0013  -0.0334 0.0191  135 ASN A CA  
813 C C   . ASN A 54 ? 0.1802 0.1299 0.0969 -0.0030 -0.0257 0.0173  135 ASN A C   
814 O O   . ASN A 54 ? 0.1834 0.1459 0.1126 -0.0211 -0.0322 0.0060  135 ASN A O   
815 C CB  . ASN A 54 ? 0.2145 0.1653 0.0996 -0.0054 -0.0359 0.0194  135 ASN A CB  
816 C CG  . ASN A 54 ? 0.2336 0.2085 0.1017 -0.0124 -0.0108 0.0234  135 ASN A CG  
817 O OD1 . ASN A 54 ? 0.2313 0.2163 0.1297 -0.0166 -0.0028 0.0246  135 ASN A OD1 
818 N ND2 . ASN A 54 ? 0.2611 0.2740 0.1419 -0.0066 0.0129  0.0191  135 ASN A ND2 
825 N N   . TYR A 55 ? 0.1485 0.1110 0.0981 -0.0181 -0.0224 0.0226  136 TYR A N   
826 C CA  . TYR A 55 ? 0.1372 0.1018 0.0996 -0.0196 -0.0194 0.0161  136 TYR A CA  
827 C C   . TYR A 55 ? 0.1218 0.1073 0.1067 -0.0224 -0.0176 0.0171  136 TYR A C   
828 O O   . TYR A 55 ? 0.1338 0.0906 0.1247 -0.0171 -0.0048 0.0178  136 TYR A O   
829 C CB  . TYR A 55 ? 0.1490 0.1137 0.0921 -0.0277 -0.0162 0.0112  136 TYR A CB  
830 C CG  . TYR A 55 ? 0.1514 0.1165 0.0970 -0.0350 -0.0146 0.0011  136 TYR A CG  
831 C CD1 . TYR A 55 ? 0.1758 0.1367 0.1003 -0.0254 0.0085  -0.0085 136 TYR A CD1 
832 C CD2 . TYR A 55 ? 0.1525 0.1350 0.1204 -0.0277 -0.0098 -0.0040 136 TYR A CD2 
833 C CE1 . TYR A 55 ? 0.1800 0.1830 0.1195 -0.0121 0.0093  -0.0013 136 TYR A CE1 
834 C CE2 . TYR A 55 ? 0.1655 0.1675 0.1326 -0.0105 0.0010  -0.0156 136 TYR A CE2 
835 C CZ  . TYR A 55 ? 0.1776 0.2070 0.1224 -0.0015 0.0145  -0.0178 136 TYR A CZ  
836 O OH  . TYR A 55 ? 0.2063 0.2664 0.1442 0.0118  0.0330  -0.0208 136 TYR A OH  
846 N N   . VAL A 56 ? 0.1313 0.0992 0.1003 -0.0128 -0.0167 0.0165  137 VAL A N   
847 C CA  . VAL A 56 ? 0.1405 0.0914 0.0981 -0.0092 -0.0108 0.0049  137 VAL A CA  
848 C C   . VAL A 56 ? 0.1444 0.1005 0.1084 0.0004  -0.0115 0.0053  137 VAL A C   
849 O O   . VAL A 56 ? 0.1413 0.1252 0.1235 0.0044  -0.0225 0.0177  137 VAL A O   
850 C CB  . VAL A 56 ? 0.1470 0.0967 0.1103 -0.0171 -0.0166 0.0034  137 VAL A CB  
851 C CG1 . VAL A 56 ? 0.1593 0.1038 0.1095 -0.0320 -0.0341 0.0005  137 VAL A CG1 
852 C CG2 . VAL A 56 ? 0.1560 0.1043 0.1097 -0.0070 -0.0241 -0.0027 137 VAL A CG2 
862 N N   . ALA A 57 ? 0.1185 0.1213 0.1174 -0.0091 -0.0078 0.0070  138 ALA A N   
863 C CA  . ALA A 57 ? 0.1308 0.1325 0.1377 -0.0041 -0.0217 -0.0079 138 ALA A CA  
864 C C   . ALA A 57 ? 0.1291 0.1139 0.1432 -0.0082 -0.0218 -0.0154 138 ALA A C   
865 O O   . ALA A 57 ? 0.1340 0.1117 0.1465 0.0032  -0.0064 -0.0010 138 ALA A O   
866 C CB  . ALA A 57 ? 0.1414 0.1604 0.1488 -0.0117 -0.0291 -0.0248 138 ALA A CB  
872 N N   . PRO A 58 ? 0.1457 0.1410 0.1688 0.0039  -0.0260 -0.0232 139 PRO A N   
873 C CA  . PRO A 58 ? 0.1619 0.1527 0.2032 0.0050  0.0091  -0.0350 139 PRO A CA  
874 C C   . PRO A 58 ? 0.1593 0.1685 0.2158 -0.0175 0.0242  -0.0414 139 PRO A C   
875 O O   . PRO A 58 ? 0.1819 0.2114 0.2253 -0.0417 0.0239  -0.0422 139 PRO A O   
876 C CB  . PRO A 58 ? 0.1709 0.1846 0.2282 0.0299  -0.0022 -0.0287 139 PRO A CB  
877 C CG  . PRO A 58 ? 0.1691 0.1842 0.2381 0.0279  -0.0090 -0.0187 139 PRO A CG  
878 C CD  . PRO A 58 ? 0.1539 0.1696 0.2089 0.0052  -0.0280 -0.0248 139 PRO A CD  
886 N N   . SER A 59 ? 0.1524 0.1879 0.2078 -0.0164 0.0434  -0.0336 140 SER A N   
887 C CA  . SER A 59 ? 0.2152 0.2174 0.2307 -0.0097 0.0572  -0.0094 140 SER A CA  
888 C C   . SER A 59 ? 0.2398 0.2347 0.2568 -0.0129 0.0586  0.0058  140 SER A C   
889 O O   . SER A 59 ? 0.2522 0.2509 0.2376 -0.0087 0.0703  -0.0141 140 SER A O   
890 C CB  . SER A 59 ? 0.2666 0.2465 0.2510 0.0094  0.0756  0.0121  140 SER A CB  
891 O OG  . SER A 59 ? 0.2968 0.2872 0.2892 0.0216  0.0770  0.0395  140 SER A OG  
897 N N   . ASP A 60 ? 0.2492 0.2585 0.2728 -0.0180 0.0447  0.0176  141 ASP A N   
898 C CA  . ASP A 60 ? 0.2611 0.2949 0.2946 -0.0253 0.0319  0.0354  141 ASP A CA  
899 C C   . ASP A 60 ? 0.2661 0.3364 0.2741 -0.0232 0.0153  0.0494  141 ASP A C   
900 O O   . ASP A 60 ? 0.2980 0.3596 0.2665 -0.0126 0.0163  0.0509  141 ASP A O   
901 C CB  . ASP A 60 ? 0.2813 0.3121 0.3382 -0.0173 0.0355  0.0382  141 ASP A CB  
902 C CG  . ASP A 60 ? 0.2967 0.3287 0.3843 -0.0126 0.0305  0.0353  141 ASP A CG  
903 O OD1 . ASP A 60 ? 0.3101 0.3472 0.4006 -0.0060 0.0356  0.0351  141 ASP A OD1 
904 O OD2 . ASP A 60 ? 0.2984 0.3410 0.4027 -0.0142 0.0166  0.0288  141 ASP A OD2 
905 O OXT . ASP A 60 ? 0.2269 0.3532 0.2672 -0.0277 -0.0128 0.0668  141 ASP A OXT 
910 O O   . HOH B .  ? 0.2840 0.2101 0.1092 -0.0225 0.0222  -0.0248 201 HOH A O   
911 O O   . HOH B .  ? 0.2055 0.3846 0.4009 0.0316  0.0238  -0.1363 202 HOH A O   
912 O O   . HOH B .  ? 0.3782 0.2494 0.2264 0.0192  0.0378  0.0984  203 HOH A O   
913 O O   . HOH B .  ? 0.4162 0.5927 0.2800 0.1562  0.0463  -0.0134 204 HOH A O   
914 O O   . HOH B .  ? 0.1714 0.5561 0.2825 0.0612  0.0180  -0.0415 205 HOH A O   
915 O O   . HOH B .  ? 0.6564 0.3224 0.2509 0.0851  -0.0556 0.0917  206 HOH A O   
916 O O   . HOH B .  ? 0.4927 0.2335 0.7486 -0.0079 0.2479  0.0411  207 HOH A O   
917 O O   . HOH B .  ? 0.2375 0.4322 0.2079 0.0228  0.0521  0.0049  208 HOH A O   
918 O O   . HOH B .  ? 0.5295 0.6678 0.3223 0.0741  0.1695  0.0492  209 HOH A O   
919 O O   . HOH B .  ? 0.1891 0.1974 0.1673 -0.0202 -0.0391 0.0249  210 HOH A O   
920 O O   . HOH B .  ? 0.3453 0.5342 0.2847 0.2054  0.0917  0.1124  211 HOH A O   
921 O O   . HOH B .  ? 0.3401 0.5771 0.5025 0.0194  0.0580  -0.1062 212 HOH A O   
922 O O   . HOH B .  ? 0.2591 0.5401 0.2091 0.0312  0.0068  -0.1168 213 HOH A O   
923 O O   . HOH B .  ? 0.2197 0.1681 0.2103 -0.0544 0.0028  0.0085  214 HOH A O   
924 O O   . HOH B .  ? 0.3457 0.3579 0.4507 0.0668  -0.0500 -0.0391 215 HOH A O   
925 O O   . HOH B .  ? 0.5527 0.4130 0.3444 -0.0769 0.0680  -0.1579 216 HOH A O   
926 O O   . HOH B .  ? 0.3983 0.2323 0.3123 -0.0175 -0.1922 0.0101  217 HOH A O   
927 O O   . HOH B .  ? 0.3343 0.1808 0.4479 0.0153  0.0890  0.0257  218 HOH A O   
928 O O   . HOH B .  ? 0.3936 0.1905 0.3345 0.0882  0.0206  0.0579  219 HOH A O   
929 O O   . HOH B .  ? 0.2879 0.5228 0.2227 0.1697  0.0420  0.0201  220 HOH A O   
930 O O   . HOH B .  ? 0.4088 0.4112 0.4234 0.2086  -0.1276 -0.1156 221 HOH A O   
931 O O   . HOH B .  ? 0.3114 0.6282 0.2447 0.0702  0.0207  0.0439  222 HOH A O   
932 O O   . HOH B .  ? 0.3228 0.4794 0.2752 0.1604  -0.1065 -0.1336 223 HOH A O   
933 O O   . HOH B .  ? 0.5130 0.5744 0.7123 0.1335  0.0484  0.1898  224 HOH A O   
934 O O   . HOH B .  ? 0.1599 0.5542 0.1957 -0.0613 -0.0159 -0.0373 225 HOH A O   
935 O O   . HOH B .  ? 0.5225 0.6001 0.4735 0.0825  0.1020  -0.1370 226 HOH A O   
936 O O   . HOH B .  ? 0.5837 0.2082 0.2001 0.1008  -0.0249 -0.0026 227 HOH A O   
937 O O   . HOH B .  ? 0.6059 0.4429 0.4630 -0.1203 0.0598  -0.1679 228 HOH A O   
938 O O   . HOH B .  ? 0.3526 0.3890 0.3128 -0.0909 -0.1034 0.1900  229 HOH A O   
939 O O   . HOH B .  ? 0.3472 0.1241 0.1515 0.0099  0.0716  0.0241  230 HOH A O   
940 O O   . HOH B .  ? 0.7036 0.3072 0.3805 0.1097  -0.2684 -0.0437 231 HOH A O   
941 O O   . HOH B .  ? 0.2770 0.1990 0.2187 0.0410  -0.0388 0.0396  232 HOH A O   
942 O O   . HOH B .  ? 0.4572 0.4197 0.5853 0.0204  0.0779  0.2835  233 HOH A O   
943 O O   . HOH B .  ? 0.5841 0.2666 0.1753 0.1082  0.0573  0.0442  234 HOH A O   
944 O O   . HOH B .  ? 0.5144 0.3727 0.3244 0.0327  -0.1974 0.0075  235 HOH A O   
945 O O   . HOH B .  ? 0.2426 0.3151 0.2739 -0.1257 -0.0212 0.0617  236 HOH A O   
946 O O   . HOH B .  ? 0.3151 0.5655 0.3153 -0.1674 -0.0201 -0.1428 237 HOH A O   
947 O O   . HOH B .  ? 0.2105 0.4661 0.1694 -0.0179 0.0229  -0.1059 238 HOH A O   
948 O O   . HOH B .  ? 0.3442 0.4204 0.3843 0.0538  0.0459  0.2375  239 HOH A O   
949 O O   . HOH B .  ? 0.1997 0.3717 0.5032 0.0177  0.0973  0.0099  240 HOH A O   
950 O O   . HOH B .  ? 0.3767 0.3364 0.4066 -0.1030 -0.0791 -0.0010 241 HOH A O   
951 O O   . HOH B .  ? 0.5610 0.3386 0.5712 0.0746  -0.0133 0.0253  242 HOH A O   
952 O O   . HOH B .  ? 0.5470 0.5968 0.5664 0.0163  0.0167  -0.0767 243 HOH A O   
953 O O   . HOH B .  ? 0.5084 0.4126 0.4207 0.2104  -0.0006 -0.1563 244 HOH A O   
954 O O   . HOH B .  ? 0.4387 0.1716 0.3940 -0.0295 -0.1304 -0.0038 245 HOH A O   
955 O O   . HOH B .  ? 0.2412 0.6596 0.2522 -0.0260 0.0357  0.0387  246 HOH A O   
956 O O   . HOH B .  ? 0.4939 0.2928 0.6174 -0.0648 -0.1432 -0.0804 247 HOH A O   
957 O O   . HOH B .  ? 0.1575 0.5378 0.3619 -0.0270 -0.0610 0.0388  248 HOH A O   
958 O O   . HOH B .  ? 0.3338 0.4720 0.4423 0.0338  0.0480  -0.0014 249 HOH A O   
959 O O   . HOH B .  ? 0.4921 0.5386 0.5352 0.1096  -0.0610 0.0478  250 HOH A O   
960 O O   . HOH B .  ? 0.4651 0.4494 0.5710 0.0496  -0.1522 0.0219  251 HOH A O   
961 O O   . HOH B .  ? 0.4939 0.3456 0.6171 0.0006  -0.0708 -0.0491 252 HOH A O   
962 O O   . HOH B .  ? 0.3660 0.3805 0.3220 0.0026  0.0441  0.0749  253 HOH A O   
963 O O   . HOH B .  ? 0.3386 0.2887 0.3618 -0.0810 -0.0624 -0.0022 254 HOH A O   
964 O O   . HOH B .  ? 0.4784 0.2603 0.3547 0.0288  0.1236  -0.1152 255 HOH A O   
965 O O   . HOH B .  ? 0.6613 0.4064 0.5783 -0.0869 0.0131  0.0369  256 HOH A O   
966 O O   . HOH B .  ? 0.4876 0.4903 0.1523 -0.0074 -0.0854 0.0165  257 HOH A O   
967 O O   . HOH B .  ? 0.3843 0.4192 0.8277 -0.0810 0.0509  0.1178  258 HOH A O   
968 O O   . HOH B .  ? 0.6366 0.5445 0.3948 0.0705  -0.1949 -0.1752 259 HOH A O   
969 O O   . HOH B .  ? 0.6572 0.3155 0.2034 -0.0862 0.1086  -0.0381 260 HOH A O   
970 O O   . HOH B .  ? 0.7365 0.3826 0.3447 0.0535  -0.2409 -0.0769 261 HOH A O   
971 O O   . HOH B .  ? 0.4045 0.6978 0.3229 0.0777  -0.0231 0.0585  262 HOH A O   
972 O O   . HOH B .  ? 0.4125 0.3401 0.6531 -0.0185 0.1932  -0.2024 263 HOH A O   
973 O O   . HOH B .  ? 0.5248 0.3602 0.3338 -0.2124 -0.0712 -0.0089 264 HOH A O   
974 O O   . HOH B .  ? 0.4076 0.5197 0.5223 0.1326  -0.0098 0.0130  265 HOH A O   
975 O O   . HOH B .  ? 0.4256 0.5231 0.4867 -0.0983 -0.0687 0.0078  266 HOH A O   
976 O O   . HOH B .  ? 0.5220 0.3370 0.3994 -0.0009 0.0317  -0.0455 267 HOH A O   
977 O O   . HOH B .  ? 0.4451 0.6575 0.4601 0.0120  -0.0416 -0.0013 268 HOH A O   
# 
